data_1FEX
#
_entry.id   1FEX
#
_cell.length_a   1
_cell.length_b   1
_cell.length_c   1
_cell.angle_alpha   90
_cell.angle_beta   90
_cell.angle_gamma   90
#
_symmetry.space_group_name_H-M   'P 1'
#
_entity_poly.entity_id   1
_entity_poly.type   'polypeptide(L)'
_entity_poly.pdbx_seq_one_letter_code
;GRIAFTDADDVAILTYVKENARSPSSVTGNALWKAMEKSSLTQHSWQSLKDRYLKHLRG
;
_entity_poly.pdbx_strand_id   A
#
# COMPACT_ATOMS: atom_id res chain seq x y z
N GLY A 1 -11.03 -6.18 -13.01
CA GLY A 1 -10.97 -6.38 -11.54
C GLY A 1 -9.60 -5.97 -10.99
N ARG A 2 -9.58 -5.35 -9.83
CA ARG A 2 -8.28 -4.91 -9.25
C ARG A 2 -7.86 -5.85 -8.12
N ILE A 3 -7.59 -7.10 -8.45
CA ILE A 3 -7.17 -8.11 -7.43
C ILE A 3 -8.07 -8.05 -6.17
N ALA A 4 -7.70 -8.73 -5.11
CA ALA A 4 -8.53 -8.71 -3.87
C ALA A 4 -7.64 -8.56 -2.63
N PHE A 5 -8.19 -8.07 -1.54
CA PHE A 5 -7.37 -7.90 -0.30
C PHE A 5 -7.95 -8.75 0.82
N THR A 6 -7.11 -9.37 1.62
CA THR A 6 -7.60 -10.22 2.74
C THR A 6 -7.23 -9.57 4.09
N ASP A 7 -7.33 -10.32 5.16
CA ASP A 7 -6.98 -9.76 6.49
C ASP A 7 -5.46 -9.57 6.63
N ALA A 8 -4.69 -10.43 6.00
CA ALA A 8 -3.21 -10.30 6.08
C ALA A 8 -2.75 -9.06 5.30
N ASP A 9 -3.39 -8.80 4.18
CA ASP A 9 -3.00 -7.61 3.36
C ASP A 9 -3.28 -6.33 4.15
N ASP A 10 -4.37 -6.29 4.88
CA ASP A 10 -4.70 -5.07 5.67
C ASP A 10 -3.64 -4.84 6.75
N VAL A 11 -3.11 -5.90 7.32
CA VAL A 11 -2.06 -5.74 8.37
C VAL A 11 -0.70 -5.46 7.73
N ALA A 12 -0.46 -6.00 6.55
CA ALA A 12 0.84 -5.76 5.87
C ALA A 12 0.86 -4.37 5.23
N ILE A 13 -0.19 -4.02 4.54
CA ILE A 13 -0.25 -2.68 3.87
C ILE A 13 -0.25 -1.58 4.95
N LEU A 14 -0.98 -1.80 6.02
CA LEU A 14 -1.04 -0.78 7.11
C LEU A 14 0.32 -0.68 7.81
N THR A 15 0.78 -1.76 8.40
CA THR A 15 2.10 -1.75 9.12
C THR A 15 3.20 -1.13 8.24
N TYR A 16 3.14 -1.36 6.95
CA TYR A 16 4.18 -0.80 6.04
C TYR A 16 3.91 0.69 5.77
N VAL A 17 2.70 1.01 5.38
CA VAL A 17 2.36 2.44 5.09
C VAL A 17 2.46 3.29 6.37
N LYS A 18 2.09 2.73 7.49
CA LYS A 18 2.15 3.50 8.78
C LYS A 18 3.60 3.69 9.22
N GLU A 19 4.47 2.79 8.84
CA GLU A 19 5.91 2.91 9.26
C GLU A 19 6.65 3.93 8.38
N ASN A 20 6.47 3.87 7.08
CA ASN A 20 7.17 4.85 6.18
C ASN A 20 6.22 5.98 5.79
N ALA A 21 5.12 5.65 5.15
CA ALA A 21 4.15 6.70 4.72
C ALA A 21 3.61 7.46 5.93
N ARG A 22 4.24 8.56 6.28
CA ARG A 22 3.75 9.37 7.43
C ARG A 22 3.92 10.86 7.10
N SER A 23 3.84 11.20 5.83
CA SER A 23 3.99 12.62 5.41
C SER A 23 3.34 12.83 4.03
N PRO A 24 3.28 14.07 3.59
CA PRO A 24 2.68 14.36 2.26
C PRO A 24 3.68 14.07 1.15
N SER A 25 4.09 12.83 1.01
CA SER A 25 5.07 12.48 -0.07
C SER A 25 5.00 10.98 -0.38
N SER A 26 5.20 10.14 0.60
CA SER A 26 5.14 8.66 0.35
C SER A 26 3.72 8.24 -0.06
N VAL A 27 2.72 8.91 0.44
CA VAL A 27 1.32 8.54 0.09
C VAL A 27 0.80 9.41 -1.07
N THR A 28 1.44 10.52 -1.35
CA THR A 28 0.97 11.41 -2.47
C THR A 28 1.55 10.94 -3.80
N GLY A 29 2.76 10.45 -3.80
CA GLY A 29 3.39 9.98 -5.07
C GLY A 29 3.26 8.46 -5.18
N ASN A 30 4.13 7.84 -5.93
CA ASN A 30 4.06 6.35 -6.09
C ASN A 30 5.42 5.73 -5.75
N ALA A 31 6.09 6.26 -4.76
CA ALA A 31 7.43 5.71 -4.37
C ALA A 31 7.28 4.62 -3.32
N LEU A 32 6.79 4.96 -2.15
CA LEU A 32 6.62 3.94 -1.06
C LEU A 32 5.81 2.73 -1.56
N TRP A 33 4.92 2.97 -2.49
CA TRP A 33 4.10 1.83 -3.04
C TRP A 33 4.94 1.03 -4.02
N LYS A 34 5.45 1.67 -5.05
CA LYS A 34 6.31 0.95 -6.05
C LYS A 34 7.48 0.27 -5.34
N ALA A 35 8.07 0.95 -4.37
CA ALA A 35 9.23 0.36 -3.63
C ALA A 35 8.80 -0.94 -2.97
N MET A 36 7.60 -0.99 -2.45
CA MET A 36 7.10 -2.25 -1.81
C MET A 36 6.93 -3.33 -2.87
N GLU A 37 6.46 -2.96 -4.04
CA GLU A 37 6.29 -3.98 -5.14
C GLU A 37 7.62 -4.67 -5.43
N LYS A 38 8.71 -3.99 -5.19
CA LYS A 38 10.05 -4.60 -5.45
C LYS A 38 10.46 -5.50 -4.27
N SER A 39 10.02 -5.16 -3.09
CA SER A 39 10.38 -5.97 -1.89
C SER A 39 9.25 -5.90 -0.86
N SER A 40 8.09 -6.41 -1.20
CA SER A 40 6.93 -6.38 -0.26
C SER A 40 6.90 -7.65 0.60
N LEU A 41 6.25 -7.59 1.73
CA LEU A 41 6.18 -8.79 2.62
C LEU A 41 5.17 -9.79 2.05
N THR A 42 4.15 -9.31 1.39
CA THR A 42 3.14 -10.23 0.78
C THR A 42 3.28 -10.21 -0.73
N GLN A 43 2.31 -10.75 -1.44
CA GLN A 43 2.40 -10.75 -2.93
C GLN A 43 1.34 -9.81 -3.52
N HIS A 44 1.71 -8.59 -3.82
CA HIS A 44 0.72 -7.63 -4.39
C HIS A 44 1.44 -6.53 -5.17
N SER A 45 0.72 -5.82 -6.01
CA SER A 45 1.36 -4.73 -6.80
C SER A 45 1.26 -3.41 -6.04
N TRP A 46 1.69 -2.33 -6.64
CA TRP A 46 1.62 -1.01 -5.95
C TRP A 46 0.33 -0.28 -6.34
N GLN A 47 -0.13 -0.48 -7.56
CA GLN A 47 -1.39 0.19 -8.02
C GLN A 47 -2.55 -0.11 -7.07
N SER A 48 -3.01 -1.35 -7.06
CA SER A 48 -4.13 -1.72 -6.13
C SER A 48 -3.76 -1.35 -4.69
N LEU A 49 -2.49 -1.30 -4.40
CA LEU A 49 -2.04 -0.92 -3.02
C LEU A 49 -2.42 0.54 -2.75
N LYS A 50 -1.92 1.45 -3.54
CA LYS A 50 -2.24 2.90 -3.34
C LYS A 50 -3.69 3.18 -3.72
N ASP A 51 -4.23 2.45 -4.66
CA ASP A 51 -5.64 2.68 -5.09
C ASP A 51 -6.60 2.36 -3.94
N ARG A 52 -6.40 1.26 -3.27
CA ARG A 52 -7.30 0.90 -2.14
C ARG A 52 -7.15 1.92 -1.01
N TYR A 53 -5.97 2.49 -0.86
CA TYR A 53 -5.75 3.50 0.22
C TYR A 53 -6.72 4.67 0.07
N LEU A 54 -6.61 5.41 -1.01
CA LEU A 54 -7.53 6.57 -1.23
C LEU A 54 -8.96 6.08 -1.51
N LYS A 55 -9.10 4.85 -1.94
CA LYS A 55 -10.47 4.32 -2.24
C LYS A 55 -11.34 4.34 -0.98
N HIS A 56 -10.83 3.87 0.13
CA HIS A 56 -11.64 3.86 1.40
C HIS A 56 -10.79 3.51 2.62
N LEU A 57 -9.63 4.12 2.76
CA LEU A 57 -8.79 3.84 3.97
C LEU A 57 -8.35 5.15 4.63
N ARG A 58 -7.51 5.90 3.97
CA ARG A 58 -7.03 7.20 4.55
C ARG A 58 -8.22 8.17 4.67
N GLY A 59 -8.96 8.34 3.60
CA GLY A 59 -10.14 9.27 3.64
C GLY A 59 -11.42 8.45 3.56
N GLY A 1 -5.03 -2.75 -11.37
CA GLY A 1 -4.81 -3.53 -10.12
C GLY A 1 -5.88 -3.15 -9.09
N ARG A 2 -6.69 -4.10 -8.69
CA ARG A 2 -7.75 -3.81 -7.68
C ARG A 2 -8.18 -5.11 -6.98
N ILE A 3 -9.36 -5.13 -6.42
CA ILE A 3 -9.91 -6.35 -5.71
C ILE A 3 -8.86 -7.11 -4.88
N ALA A 4 -9.25 -8.27 -4.38
CA ALA A 4 -8.34 -9.12 -3.54
C ALA A 4 -7.62 -8.28 -2.47
N PHE A 5 -8.21 -8.16 -1.31
CA PHE A 5 -7.57 -7.37 -0.22
C PHE A 5 -7.98 -7.94 1.15
N THR A 6 -7.60 -9.16 1.42
CA THR A 6 -7.96 -9.80 2.73
C THR A 6 -7.23 -9.09 3.88
N ASP A 7 -7.38 -9.58 5.08
CA ASP A 7 -6.70 -8.95 6.24
C ASP A 7 -5.18 -9.03 6.07
N ALA A 8 -4.69 -10.08 5.46
CA ALA A 8 -3.22 -10.22 5.25
C ALA A 8 -2.69 -9.08 4.38
N ASP A 9 -3.51 -8.61 3.47
CA ASP A 9 -3.08 -7.49 2.57
C ASP A 9 -3.28 -6.15 3.29
N ASP A 10 -4.31 -6.04 4.09
CA ASP A 10 -4.56 -4.75 4.82
C ASP A 10 -3.48 -4.54 5.89
N VAL A 11 -3.15 -5.57 6.62
CA VAL A 11 -2.10 -5.43 7.68
C VAL A 11 -0.72 -5.23 7.03
N ALA A 12 -0.50 -5.82 5.89
CA ALA A 12 0.82 -5.66 5.19
C ALA A 12 0.92 -4.28 4.56
N ILE A 13 -0.14 -3.82 3.94
CA ILE A 13 -0.12 -2.48 3.29
C ILE A 13 -0.20 -1.39 4.37
N LEU A 14 -0.86 -1.67 5.46
CA LEU A 14 -0.98 -0.65 6.55
C LEU A 14 0.34 -0.57 7.33
N THR A 15 0.80 -1.67 7.87
CA THR A 15 2.10 -1.66 8.65
C THR A 15 3.22 -1.06 7.80
N TYR A 16 3.20 -1.32 6.52
CA TYR A 16 4.26 -0.77 5.62
C TYR A 16 4.08 0.75 5.47
N VAL A 17 2.90 1.18 5.15
CA VAL A 17 2.65 2.66 5.00
C VAL A 17 2.87 3.36 6.34
N LYS A 18 2.32 2.83 7.40
CA LYS A 18 2.50 3.46 8.75
C LYS A 18 3.99 3.57 9.10
N GLU A 19 4.82 2.75 8.51
CA GLU A 19 6.28 2.80 8.82
C GLU A 19 7.01 3.79 7.91
N ASN A 20 6.50 4.01 6.72
CA ASN A 20 7.18 4.96 5.77
C ASN A 20 6.29 6.18 5.52
N ALA A 21 5.11 5.95 4.98
CA ALA A 21 4.16 7.08 4.68
C ALA A 21 4.02 8.04 5.87
N ARG A 22 4.25 9.30 5.63
CA ARG A 22 4.13 10.32 6.71
C ARG A 22 4.13 11.72 6.11
N SER A 23 4.99 11.95 5.15
CA SER A 23 5.04 13.29 4.49
C SER A 23 4.01 13.35 3.35
N PRO A 24 3.64 14.55 2.94
CA PRO A 24 2.66 14.69 1.85
C PRO A 24 3.30 14.33 0.50
N SER A 25 3.63 13.07 0.32
CA SER A 25 4.26 12.64 -0.96
C SER A 25 4.24 11.12 -1.10
N SER A 26 4.55 10.40 -0.04
CA SER A 26 4.55 8.90 -0.11
C SER A 26 3.19 8.38 -0.57
N VAL A 27 2.12 8.89 0.00
CA VAL A 27 0.76 8.41 -0.40
C VAL A 27 0.27 9.15 -1.65
N THR A 28 0.83 10.30 -1.93
CA THR A 28 0.39 11.07 -3.14
C THR A 28 1.21 10.67 -4.37
N GLY A 29 2.39 10.14 -4.17
CA GLY A 29 3.24 9.72 -5.32
C GLY A 29 3.13 8.21 -5.51
N ASN A 30 4.03 7.63 -6.26
CA ASN A 30 3.99 6.15 -6.50
C ASN A 30 5.31 5.51 -6.04
N ALA A 31 5.97 6.11 -5.09
CA ALA A 31 7.27 5.55 -4.60
C ALA A 31 7.03 4.56 -3.45
N LEU A 32 6.49 5.03 -2.35
CA LEU A 32 6.22 4.13 -1.18
C LEU A 32 5.40 2.91 -1.62
N TRP A 33 4.54 3.09 -2.59
CA TRP A 33 3.69 1.96 -3.08
C TRP A 33 4.56 1.00 -3.91
N LYS A 34 5.25 1.52 -4.90
CA LYS A 34 6.12 0.64 -5.75
C LYS A 34 7.19 -0.02 -4.88
N ALA A 35 7.76 0.72 -3.96
CA ALA A 35 8.83 0.15 -3.08
C ALA A 35 8.26 -1.03 -2.27
N MET A 36 7.01 -0.97 -1.91
CA MET A 36 6.39 -2.08 -1.12
C MET A 36 6.41 -3.37 -1.95
N GLU A 37 6.03 -3.28 -3.20
CA GLU A 37 6.02 -4.50 -4.07
C GLU A 37 7.44 -5.07 -4.20
N LYS A 38 8.44 -4.24 -4.06
CA LYS A 38 9.85 -4.73 -4.18
C LYS A 38 10.38 -5.19 -2.82
N SER A 39 10.17 -4.38 -1.81
CA SER A 39 10.67 -4.76 -0.44
C SER A 39 9.92 -5.99 0.08
N SER A 40 8.67 -5.82 0.45
CA SER A 40 7.88 -6.99 0.96
C SER A 40 6.39 -6.77 0.66
N LEU A 41 5.77 -7.72 0.00
CA LEU A 41 4.33 -7.58 -0.33
C LEU A 41 3.68 -8.97 -0.44
N THR A 42 2.38 -9.00 -0.60
CA THR A 42 1.68 -10.32 -0.71
C THR A 42 1.62 -10.79 -2.17
N GLN A 43 0.70 -10.28 -2.94
CA GLN A 43 0.59 -10.69 -4.37
C GLN A 43 -0.30 -9.68 -5.12
N HIS A 44 0.15 -8.46 -5.21
CA HIS A 44 -0.67 -7.42 -5.91
C HIS A 44 0.24 -6.38 -6.57
N SER A 45 -0.34 -5.47 -7.29
CA SER A 45 0.48 -4.41 -7.96
C SER A 45 0.51 -3.15 -7.09
N TRP A 46 1.58 -2.42 -7.12
CA TRP A 46 1.69 -1.16 -6.29
C TRP A 46 0.44 -0.27 -6.50
N GLN A 47 -0.12 -0.33 -7.68
CA GLN A 47 -1.33 0.51 -7.97
C GLN A 47 -2.52 0.02 -7.14
N SER A 48 -2.68 -1.27 -7.02
CA SER A 48 -3.83 -1.81 -6.22
C SER A 48 -3.75 -1.30 -4.79
N LEU A 49 -2.71 -1.66 -4.07
CA LEU A 49 -2.55 -1.19 -2.65
C LEU A 49 -2.58 0.35 -2.59
N LYS A 50 -2.29 1.02 -3.69
CA LYS A 50 -2.33 2.52 -3.68
C LYS A 50 -3.79 2.98 -3.78
N ASP A 51 -4.52 2.41 -4.70
CA ASP A 51 -5.96 2.79 -4.87
C ASP A 51 -6.76 2.37 -3.65
N ARG A 52 -6.40 1.26 -3.03
CA ARG A 52 -7.15 0.79 -1.82
C ARG A 52 -6.96 1.80 -0.68
N TYR A 53 -5.78 2.35 -0.55
CA TYR A 53 -5.53 3.35 0.55
C TYR A 53 -6.48 4.53 0.40
N LEU A 54 -6.67 5.00 -0.80
CA LEU A 54 -7.58 6.15 -1.03
C LEU A 54 -9.03 5.67 -1.13
N LYS A 55 -9.22 4.43 -1.51
CA LYS A 55 -10.62 3.89 -1.63
C LYS A 55 -11.37 4.02 -0.31
N HIS A 56 -10.76 3.59 0.78
CA HIS A 56 -11.45 3.69 2.09
C HIS A 56 -10.49 3.40 3.26
N LEU A 57 -9.34 4.03 3.27
CA LEU A 57 -8.37 3.82 4.40
C LEU A 57 -7.88 5.18 4.90
N ARG A 58 -7.46 6.04 4.00
CA ARG A 58 -6.96 7.38 4.42
C ARG A 58 -8.14 8.37 4.53
N GLY A 59 -8.88 8.54 3.47
CA GLY A 59 -10.04 9.47 3.51
C GLY A 59 -11.09 9.03 2.48
N GLY A 1 -12.65 -8.28 -10.69
CA GLY A 1 -11.68 -8.76 -11.72
C GLY A 1 -10.26 -8.62 -11.19
N ARG A 2 -9.93 -7.47 -10.65
CA ARG A 2 -8.55 -7.26 -10.10
C ARG A 2 -8.30 -8.19 -8.91
N ILE A 3 -7.09 -8.22 -8.41
CA ILE A 3 -6.78 -9.09 -7.24
C ILE A 3 -7.62 -8.66 -6.04
N ALA A 4 -7.89 -9.56 -5.13
CA ALA A 4 -8.71 -9.20 -3.93
C ALA A 4 -7.82 -8.94 -2.71
N PHE A 5 -8.36 -8.26 -1.73
CA PHE A 5 -7.56 -7.96 -0.50
C PHE A 5 -8.22 -8.60 0.71
N THR A 6 -7.47 -9.34 1.50
CA THR A 6 -8.05 -9.99 2.71
C THR A 6 -7.64 -9.23 3.96
N ASP A 7 -7.96 -9.76 5.12
CA ASP A 7 -7.60 -9.07 6.39
C ASP A 7 -6.08 -9.03 6.56
N ALA A 8 -5.41 -10.13 6.27
CA ALA A 8 -3.93 -10.17 6.42
C ALA A 8 -3.27 -9.12 5.50
N ASP A 9 -3.78 -8.96 4.31
CA ASP A 9 -3.18 -7.95 3.37
C ASP A 9 -3.30 -6.54 3.94
N ASP A 10 -4.45 -6.21 4.50
CA ASP A 10 -4.65 -4.84 5.07
C ASP A 10 -3.63 -4.57 6.17
N VAL A 11 -3.44 -5.51 7.07
CA VAL A 11 -2.46 -5.31 8.19
C VAL A 11 -1.06 -5.04 7.63
N ALA A 12 -0.58 -5.91 6.78
CA ALA A 12 0.79 -5.72 6.20
C ALA A 12 0.87 -4.41 5.42
N ILE A 13 -0.02 -4.19 4.50
CA ILE A 13 0.00 -2.93 3.69
C ILE A 13 -0.20 -1.72 4.61
N LEU A 14 -0.97 -1.87 5.65
CA LEU A 14 -1.21 -0.72 6.59
C LEU A 14 0.06 -0.42 7.38
N THR A 15 0.52 -1.37 8.18
CA THR A 15 1.75 -1.15 8.99
C THR A 15 2.91 -0.66 8.11
N TYR A 16 3.09 -1.25 6.95
CA TYR A 16 4.20 -0.82 6.05
C TYR A 16 4.03 0.66 5.68
N VAL A 17 2.83 1.07 5.38
CA VAL A 17 2.58 2.50 5.02
C VAL A 17 2.83 3.40 6.24
N LYS A 18 2.25 3.07 7.37
CA LYS A 18 2.45 3.91 8.59
C LYS A 18 3.89 3.79 9.11
N GLU A 19 4.62 2.79 8.68
CA GLU A 19 6.02 2.62 9.16
C GLU A 19 6.97 3.53 8.37
N ASN A 20 6.64 3.84 7.14
CA ASN A 20 7.54 4.70 6.30
C ASN A 20 6.76 5.92 5.80
N ALA A 21 5.58 5.70 5.28
CA ALA A 21 4.76 6.84 4.76
C ALA A 21 4.31 7.75 5.89
N ARG A 22 5.20 8.57 6.39
CA ARG A 22 4.83 9.51 7.49
C ARG A 22 5.02 10.95 7.02
N SER A 23 4.88 11.19 5.74
CA SER A 23 5.05 12.57 5.21
C SER A 23 4.17 12.75 3.95
N PRO A 24 3.92 13.99 3.59
CA PRO A 24 3.07 14.25 2.39
C PRO A 24 3.87 13.94 1.11
N SER A 25 4.22 12.71 0.91
CA SER A 25 4.99 12.32 -0.32
C SER A 25 4.92 10.81 -0.54
N SER A 26 5.34 10.03 0.44
CA SER A 26 5.30 8.55 0.30
C SER A 26 3.85 8.08 0.09
N VAL A 27 2.91 8.78 0.66
CA VAL A 27 1.48 8.37 0.50
C VAL A 27 0.81 9.11 -0.68
N THR A 28 1.59 9.80 -1.50
CA THR A 28 0.99 10.51 -2.66
C THR A 28 2.05 10.72 -3.75
N GLY A 29 3.01 9.84 -3.85
CA GLY A 29 4.07 9.98 -4.89
C GLY A 29 4.39 8.61 -5.50
N ASN A 30 3.58 7.60 -5.25
CA ASN A 30 3.84 6.24 -5.82
C ASN A 30 5.27 5.78 -5.49
N ALA A 31 5.87 6.32 -4.46
CA ALA A 31 7.25 5.91 -4.09
C ALA A 31 7.21 4.73 -3.12
N LEU A 32 6.75 4.96 -1.92
CA LEU A 32 6.66 3.85 -0.91
C LEU A 32 5.82 2.69 -1.47
N TRP A 33 4.90 2.99 -2.35
CA TRP A 33 4.04 1.92 -2.94
C TRP A 33 4.87 1.11 -3.95
N LYS A 34 5.47 1.79 -4.91
CA LYS A 34 6.31 1.06 -5.92
C LYS A 34 7.43 0.29 -5.20
N ALA A 35 7.98 0.87 -4.17
CA ALA A 35 9.07 0.18 -3.41
C ALA A 35 8.57 -1.16 -2.88
N MET A 36 7.33 -1.22 -2.47
CA MET A 36 6.77 -2.50 -1.94
C MET A 36 6.82 -3.58 -3.04
N GLU A 37 6.39 -3.23 -4.23
CA GLU A 37 6.41 -4.21 -5.36
C GLU A 37 7.82 -4.76 -5.56
N LYS A 38 8.82 -3.98 -5.24
CA LYS A 38 10.23 -4.44 -5.40
C LYS A 38 10.65 -5.29 -4.21
N SER A 39 10.09 -5.02 -3.05
CA SER A 39 10.45 -5.82 -1.83
C SER A 39 9.39 -5.66 -0.74
N SER A 40 8.24 -6.26 -0.93
CA SER A 40 7.17 -6.16 0.11
C SER A 40 6.94 -7.52 0.78
N LEU A 41 5.91 -7.63 1.58
CA LEU A 41 5.63 -8.92 2.27
C LEU A 41 4.32 -9.52 1.75
N THR A 42 3.37 -8.67 1.40
CA THR A 42 2.06 -9.16 0.88
C THR A 42 2.17 -9.50 -0.61
N GLN A 43 3.18 -9.00 -1.29
CA GLN A 43 3.34 -9.27 -2.75
C GLN A 43 2.12 -8.76 -3.52
N HIS A 44 2.14 -7.50 -3.89
CA HIS A 44 0.99 -6.91 -4.64
C HIS A 44 1.47 -5.79 -5.55
N SER A 45 0.64 -5.36 -6.47
CA SER A 45 1.04 -4.26 -7.40
C SER A 45 0.85 -2.91 -6.70
N TRP A 46 1.84 -2.06 -6.75
CA TRP A 46 1.75 -0.73 -6.07
C TRP A 46 0.42 -0.02 -6.44
N GLN A 47 -0.01 -0.15 -7.68
CA GLN A 47 -1.28 0.50 -8.11
C GLN A 47 -2.44 -0.02 -7.25
N SER A 48 -2.43 -1.30 -6.95
CA SER A 48 -3.51 -1.87 -6.10
C SER A 48 -3.34 -1.45 -4.65
N LEU A 49 -2.12 -1.16 -4.24
CA LEU A 49 -1.89 -0.72 -2.83
C LEU A 49 -2.26 0.76 -2.67
N LYS A 50 -1.93 1.55 -3.66
CA LYS A 50 -2.26 3.01 -3.59
C LYS A 50 -3.76 3.23 -3.74
N ASP A 51 -4.36 2.60 -4.71
CA ASP A 51 -5.83 2.76 -4.93
C ASP A 51 -6.60 2.31 -3.68
N ARG A 52 -6.13 1.30 -3.01
CA ARG A 52 -6.84 0.82 -1.78
C ARG A 52 -6.80 1.90 -0.69
N TYR A 53 -5.66 2.51 -0.49
CA TYR A 53 -5.56 3.58 0.55
C TYR A 53 -6.59 4.68 0.29
N LEU A 54 -6.89 4.94 -0.95
CA LEU A 54 -7.89 5.97 -1.30
C LEU A 54 -9.29 5.36 -1.39
N LYS A 55 -9.37 4.12 -1.82
CA LYS A 55 -10.70 3.44 -1.96
C LYS A 55 -11.50 3.53 -0.66
N HIS A 56 -10.94 3.08 0.44
CA HIS A 56 -11.69 3.15 1.73
C HIS A 56 -10.76 2.95 2.94
N LEU A 57 -9.66 3.68 2.99
CA LEU A 57 -8.73 3.54 4.16
C LEU A 57 -8.50 4.91 4.79
N ARG A 58 -7.88 5.82 4.07
CA ARG A 58 -7.61 7.18 4.63
C ARG A 58 -8.93 7.86 5.02
N GLY A 59 -9.20 7.94 6.30
CA GLY A 59 -10.45 8.59 6.77
C GLY A 59 -10.93 7.92 8.06
N GLY A 1 -8.55 -8.93 -13.65
CA GLY A 1 -8.40 -7.48 -13.32
C GLY A 1 -7.61 -7.33 -12.02
N ARG A 2 -8.23 -7.65 -10.91
CA ARG A 2 -7.53 -7.53 -9.59
C ARG A 2 -7.33 -8.92 -8.97
N ILE A 3 -6.76 -8.96 -7.80
CA ILE A 3 -6.52 -10.28 -7.12
C ILE A 3 -7.22 -10.31 -5.76
N ALA A 4 -8.32 -9.60 -5.63
CA ALA A 4 -9.06 -9.57 -4.33
C ALA A 4 -8.14 -9.17 -3.18
N PHE A 5 -8.57 -9.36 -1.96
CA PHE A 5 -7.72 -8.99 -0.79
C PHE A 5 -8.15 -9.78 0.44
N THR A 6 -7.44 -9.63 1.54
CA THR A 6 -7.81 -10.37 2.78
C THR A 6 -7.37 -9.57 4.02
N ASP A 7 -7.49 -10.17 5.17
CA ASP A 7 -7.08 -9.45 6.43
C ASP A 7 -5.56 -9.35 6.51
N ALA A 8 -4.86 -10.34 5.99
CA ALA A 8 -3.37 -10.32 6.04
C ALA A 8 -2.82 -9.19 5.15
N ASP A 9 -3.34 -9.07 3.96
CA ASP A 9 -2.85 -8.00 3.03
C ASP A 9 -3.08 -6.61 3.64
N ASP A 10 -4.18 -6.43 4.33
CA ASP A 10 -4.47 -5.09 4.94
C ASP A 10 -3.44 -4.77 6.03
N VAL A 11 -2.96 -5.77 6.74
CA VAL A 11 -1.95 -5.51 7.81
C VAL A 11 -0.60 -5.15 7.19
N ALA A 12 -0.17 -5.89 6.21
CA ALA A 12 1.15 -5.59 5.56
C ALA A 12 1.13 -4.20 4.93
N ILE A 13 0.11 -3.90 4.18
CA ILE A 13 0.03 -2.55 3.54
C ILE A 13 -0.06 -1.48 4.62
N LEU A 14 -0.90 -1.69 5.60
CA LEU A 14 -1.04 -0.69 6.72
C LEU A 14 0.29 -0.55 7.45
N THR A 15 0.75 -1.60 8.08
CA THR A 15 2.05 -1.54 8.83
C THR A 15 3.18 -1.00 7.94
N TYR A 16 3.33 -1.51 6.75
CA TYR A 16 4.41 -1.02 5.84
C TYR A 16 4.23 0.47 5.57
N VAL A 17 3.05 0.87 5.18
CA VAL A 17 2.79 2.32 4.89
C VAL A 17 2.92 3.15 6.17
N LYS A 18 2.26 2.75 7.23
CA LYS A 18 2.34 3.51 8.51
C LYS A 18 3.79 3.66 8.97
N GLU A 19 4.67 2.79 8.54
CA GLU A 19 6.10 2.89 8.97
C GLU A 19 6.91 3.75 7.99
N ASN A 20 6.46 3.88 6.77
CA ASN A 20 7.21 4.71 5.78
C ASN A 20 6.48 6.04 5.53
N ALA A 21 5.25 5.99 5.09
CA ALA A 21 4.47 7.23 4.80
C ALA A 21 4.59 8.25 5.95
N ARG A 22 5.26 9.35 5.70
CA ARG A 22 5.41 10.39 6.75
C ARG A 22 5.61 11.77 6.11
N SER A 23 5.08 11.96 4.92
CA SER A 23 5.22 13.27 4.23
C SER A 23 4.28 13.35 3.02
N PRO A 24 4.04 14.54 2.53
CA PRO A 24 3.13 14.71 1.37
C PRO A 24 3.81 14.24 0.09
N SER A 25 4.10 12.97 -0.02
CA SER A 25 4.76 12.44 -1.24
C SER A 25 4.74 10.91 -1.27
N SER A 26 4.93 10.28 -0.14
CA SER A 26 4.94 8.79 -0.09
C SER A 26 3.54 8.22 -0.32
N VAL A 27 2.53 8.74 0.33
CA VAL A 27 1.14 8.20 0.15
C VAL A 27 0.44 8.87 -1.05
N THR A 28 0.85 10.06 -1.40
CA THR A 28 0.21 10.75 -2.55
C THR A 28 0.92 10.40 -3.87
N GLY A 29 2.16 9.97 -3.78
CA GLY A 29 2.91 9.59 -5.02
C GLY A 29 2.77 8.08 -5.24
N ASN A 30 3.69 7.49 -5.94
CA ASN A 30 3.62 6.02 -6.20
C ASN A 30 4.98 5.38 -5.92
N ALA A 31 5.77 5.96 -5.06
CA ALA A 31 7.12 5.39 -4.75
C ALA A 31 7.03 4.42 -3.57
N LEU A 32 6.58 4.89 -2.44
CA LEU A 32 6.47 4.01 -1.23
C LEU A 32 5.63 2.77 -1.57
N TRP A 33 4.75 2.88 -2.52
CA TRP A 33 3.91 1.71 -2.92
C TRP A 33 4.71 0.84 -3.89
N LYS A 34 5.36 1.47 -4.84
CA LYS A 34 6.19 0.70 -5.82
C LYS A 34 7.30 -0.04 -5.08
N ALA A 35 7.98 0.65 -4.19
CA ALA A 35 9.09 0.00 -3.42
C ALA A 35 8.51 -1.15 -2.58
N MET A 36 7.31 -1.00 -2.10
CA MET A 36 6.69 -2.10 -1.28
C MET A 36 6.59 -3.37 -2.12
N GLU A 37 6.29 -3.23 -3.39
CA GLU A 37 6.19 -4.42 -4.28
C GLU A 37 7.58 -5.05 -4.45
N LYS A 38 8.61 -4.24 -4.36
CA LYS A 38 9.99 -4.77 -4.51
C LYS A 38 10.67 -4.90 -3.13
N SER A 39 9.91 -4.81 -2.06
CA SER A 39 10.52 -4.93 -0.70
C SER A 39 9.85 -6.05 0.09
N SER A 40 8.63 -5.83 0.55
CA SER A 40 7.92 -6.88 1.33
C SER A 40 6.41 -6.74 1.17
N LEU A 41 5.81 -7.58 0.38
CA LEU A 41 4.33 -7.51 0.17
C LEU A 41 3.76 -8.95 0.11
N THR A 42 2.86 -9.25 -0.79
CA THR A 42 2.31 -10.63 -0.87
C THR A 42 2.03 -11.00 -2.33
N GLN A 43 1.14 -10.28 -2.97
CA GLN A 43 0.80 -10.56 -4.40
C GLN A 43 -0.13 -9.47 -4.94
N HIS A 44 0.39 -8.28 -5.14
CA HIS A 44 -0.47 -7.18 -5.65
C HIS A 44 0.36 -6.09 -6.32
N SER A 45 -0.26 -5.31 -7.17
CA SER A 45 0.48 -4.21 -7.86
C SER A 45 0.47 -2.97 -6.99
N TRP A 46 1.54 -2.22 -6.98
CA TRP A 46 1.61 -0.98 -6.14
C TRP A 46 0.37 -0.09 -6.39
N GLN A 47 -0.12 -0.09 -7.60
CA GLN A 47 -1.32 0.76 -7.94
C GLN A 47 -2.54 0.31 -7.14
N SER A 48 -2.90 -0.94 -7.25
CA SER A 48 -4.10 -1.45 -6.50
C SER A 48 -3.97 -1.14 -5.00
N LEU A 49 -2.76 -1.04 -4.52
CA LEU A 49 -2.56 -0.73 -3.07
C LEU A 49 -2.69 0.78 -2.83
N LYS A 50 -2.26 1.58 -3.78
CA LYS A 50 -2.37 3.06 -3.64
C LYS A 50 -3.84 3.47 -3.75
N ASP A 51 -4.53 2.95 -4.73
CA ASP A 51 -5.97 3.29 -4.91
C ASP A 51 -6.78 2.72 -3.73
N ARG A 52 -6.39 1.57 -3.24
CA ARG A 52 -7.13 0.95 -2.09
C ARG A 52 -7.03 1.88 -0.87
N TYR A 53 -5.91 2.53 -0.69
CA TYR A 53 -5.74 3.44 0.48
C TYR A 53 -6.76 4.58 0.40
N LEU A 54 -6.80 5.28 -0.71
CA LEU A 54 -7.77 6.40 -0.85
C LEU A 54 -9.18 5.86 -1.18
N LYS A 55 -9.27 4.65 -1.66
CA LYS A 55 -10.61 4.06 -1.99
C LYS A 55 -11.49 4.04 -0.75
N HIS A 56 -10.99 3.53 0.36
CA HIS A 56 -11.81 3.50 1.60
C HIS A 56 -10.98 3.13 2.83
N LEU A 57 -9.80 3.71 2.97
CA LEU A 57 -8.96 3.42 4.17
C LEU A 57 -8.55 4.72 4.86
N ARG A 58 -7.69 5.49 4.22
CA ARG A 58 -7.23 6.79 4.82
C ARG A 58 -6.74 6.58 6.27
N GLY A 59 -5.77 5.73 6.45
CA GLY A 59 -5.24 5.48 7.82
C GLY A 59 -4.37 6.66 8.27
N GLY A 1 -14.11 -12.42 -8.32
CA GLY A 1 -12.62 -12.46 -8.15
C GLY A 1 -12.07 -11.03 -8.12
N ARG A 2 -12.25 -10.33 -7.03
CA ARG A 2 -11.75 -8.93 -6.94
C ARG A 2 -10.30 -8.93 -6.45
N ILE A 3 -9.81 -7.79 -6.01
CA ILE A 3 -8.39 -7.70 -5.52
C ILE A 3 -8.19 -8.68 -4.34
N ALA A 4 -7.21 -9.53 -4.44
CA ALA A 4 -6.95 -10.51 -3.34
C ALA A 4 -6.35 -9.78 -2.14
N PHE A 5 -7.17 -9.13 -1.36
CA PHE A 5 -6.66 -8.38 -0.17
C PHE A 5 -7.20 -8.99 1.13
N THR A 6 -6.69 -10.14 1.50
CA THR A 6 -7.16 -10.81 2.76
C THR A 6 -6.83 -9.93 3.97
N ASP A 7 -7.29 -10.31 5.14
CA ASP A 7 -7.01 -9.50 6.37
C ASP A 7 -5.49 -9.39 6.59
N ALA A 8 -4.75 -10.39 6.15
CA ALA A 8 -3.26 -10.35 6.34
C ALA A 8 -2.63 -9.36 5.36
N ASP A 9 -2.97 -9.45 4.10
CA ASP A 9 -2.40 -8.52 3.09
C ASP A 9 -2.75 -7.07 3.43
N ASP A 10 -3.83 -6.86 4.13
CA ASP A 10 -4.23 -5.46 4.51
C ASP A 10 -3.33 -4.93 5.64
N VAL A 11 -3.08 -5.75 6.63
CA VAL A 11 -2.21 -5.30 7.77
C VAL A 11 -0.80 -4.99 7.26
N ALA A 12 -0.37 -5.68 6.24
CA ALA A 12 0.99 -5.44 5.69
C ALA A 12 1.05 -4.08 4.99
N ILE A 13 0.06 -3.79 4.17
CA ILE A 13 0.05 -2.48 3.45
C ILE A 13 -0.05 -1.34 4.47
N LEU A 14 -0.97 -1.45 5.41
CA LEU A 14 -1.11 -0.38 6.44
C LEU A 14 0.17 -0.28 7.28
N THR A 15 0.60 -1.37 7.85
CA THR A 15 1.85 -1.34 8.68
C THR A 15 3.04 -0.85 7.85
N TYR A 16 3.13 -1.27 6.61
CA TYR A 16 4.27 -0.83 5.74
C TYR A 16 4.15 0.67 5.42
N VAL A 17 2.94 1.15 5.30
CA VAL A 17 2.73 2.60 4.99
C VAL A 17 2.75 3.43 6.28
N LYS A 18 1.91 3.09 7.22
CA LYS A 18 1.86 3.85 8.52
C LYS A 18 3.25 3.96 9.16
N GLU A 19 4.15 3.06 8.83
CA GLU A 19 5.52 3.11 9.42
C GLU A 19 6.44 3.95 8.54
N ASN A 20 6.45 3.70 7.26
CA ASN A 20 7.34 4.47 6.34
C ASN A 20 6.70 5.82 6.00
N ALA A 21 5.52 5.80 5.40
CA ALA A 21 4.82 7.06 5.02
C ALA A 21 4.85 8.10 6.16
N ARG A 22 5.74 9.06 6.08
CA ARG A 22 5.83 10.10 7.14
C ARG A 22 6.21 11.45 6.52
N SER A 23 5.84 11.66 5.28
CA SER A 23 6.18 12.95 4.61
C SER A 23 5.28 13.16 3.38
N PRO A 24 5.19 14.38 2.91
CA PRO A 24 4.34 14.67 1.73
C PRO A 24 5.01 14.12 0.45
N SER A 25 5.15 12.83 0.37
CA SER A 25 5.77 12.21 -0.84
C SER A 25 5.50 10.70 -0.87
N SER A 26 5.61 10.05 0.25
CA SER A 26 5.36 8.57 0.30
C SER A 26 3.92 8.27 -0.15
N VAL A 27 2.97 9.06 0.29
CA VAL A 27 1.55 8.83 -0.12
C VAL A 27 1.12 9.86 -1.17
N THR A 28 2.07 10.38 -1.92
CA THR A 28 1.71 11.39 -2.96
C THR A 28 2.65 11.29 -4.16
N GLY A 29 3.38 10.21 -4.29
CA GLY A 29 4.32 10.06 -5.46
C GLY A 29 4.45 8.59 -5.87
N ASN A 30 3.56 7.73 -5.43
CA ASN A 30 3.63 6.27 -5.80
C ASN A 30 5.04 5.71 -5.54
N ALA A 31 5.77 6.28 -4.61
CA ALA A 31 7.16 5.78 -4.33
C ALA A 31 7.13 4.65 -3.29
N LEU A 32 6.70 4.96 -2.08
CA LEU A 32 6.66 3.92 -1.00
C LEU A 32 5.84 2.70 -1.45
N TRP A 33 4.98 2.87 -2.41
CA TRP A 33 4.16 1.72 -2.90
C TRP A 33 4.96 0.90 -3.91
N LYS A 34 5.52 1.55 -4.91
CA LYS A 34 6.33 0.81 -5.93
C LYS A 34 7.47 0.05 -5.25
N ALA A 35 8.09 0.64 -4.26
CA ALA A 35 9.21 -0.05 -3.55
C ALA A 35 8.66 -1.21 -2.73
N MET A 36 7.48 -1.05 -2.17
CA MET A 36 6.87 -2.13 -1.36
C MET A 36 6.63 -3.37 -2.23
N GLU A 37 6.12 -3.16 -3.42
CA GLU A 37 5.86 -4.32 -4.34
C GLU A 37 7.17 -5.06 -4.65
N LYS A 38 8.25 -4.34 -4.79
CA LYS A 38 9.56 -4.99 -5.09
C LYS A 38 10.31 -5.34 -3.81
N SER A 39 9.92 -4.76 -2.69
CA SER A 39 10.62 -5.06 -1.41
C SER A 39 9.96 -6.25 -0.71
N SER A 40 8.73 -6.11 -0.28
CA SER A 40 8.03 -7.23 0.40
C SER A 40 6.51 -7.08 0.25
N LEU A 41 5.94 -7.72 -0.73
CA LEU A 41 4.47 -7.62 -0.94
C LEU A 41 3.98 -8.83 -1.74
N THR A 42 2.82 -9.35 -1.40
CA THR A 42 2.27 -10.53 -2.14
C THR A 42 2.14 -10.22 -3.63
N GLN A 43 1.52 -11.10 -4.37
CA GLN A 43 1.36 -10.89 -5.84
C GLN A 43 0.36 -9.75 -6.10
N HIS A 44 0.82 -8.53 -6.10
CA HIS A 44 -0.10 -7.38 -6.36
C HIS A 44 0.66 -6.20 -6.96
N SER A 45 -0.06 -5.28 -7.55
CA SER A 45 0.60 -4.08 -8.17
C SER A 45 0.63 -2.93 -7.17
N TRP A 46 1.65 -2.10 -7.25
CA TRP A 46 1.77 -0.95 -6.31
C TRP A 46 0.51 -0.06 -6.40
N GLN A 47 -0.05 0.06 -7.58
CA GLN A 47 -1.27 0.91 -7.75
C GLN A 47 -2.48 0.26 -7.07
N SER A 48 -2.56 -1.05 -7.10
CA SER A 48 -3.71 -1.75 -6.45
C SER A 48 -3.78 -1.35 -4.97
N LEU A 49 -2.74 -1.63 -4.23
CA LEU A 49 -2.73 -1.27 -2.78
C LEU A 49 -2.77 0.26 -2.63
N LYS A 50 -2.31 0.99 -3.62
CA LYS A 50 -2.36 2.49 -3.54
C LYS A 50 -3.82 2.94 -3.66
N ASP A 51 -4.57 2.28 -4.51
CA ASP A 51 -6.01 2.63 -4.68
C ASP A 51 -6.78 2.29 -3.41
N ARG A 52 -6.37 1.27 -2.71
CA ARG A 52 -7.07 0.88 -1.45
C ARG A 52 -6.88 2.00 -0.41
N TYR A 53 -5.77 2.69 -0.44
CA TYR A 53 -5.54 3.79 0.53
C TYR A 53 -6.51 4.94 0.25
N LEU A 54 -6.75 5.24 -0.99
CA LEU A 54 -7.70 6.35 -1.32
C LEU A 54 -9.12 5.81 -1.48
N LYS A 55 -9.29 4.54 -1.73
CA LYS A 55 -10.65 3.96 -1.90
C LYS A 55 -11.50 4.22 -0.65
N HIS A 56 -11.12 3.66 0.47
CA HIS A 56 -11.91 3.88 1.72
C HIS A 56 -11.02 3.85 2.96
N LEU A 57 -9.73 4.04 2.81
CA LEU A 57 -8.83 4.04 4.01
C LEU A 57 -8.65 5.46 4.54
N ARG A 58 -8.05 6.32 3.75
CA ARG A 58 -7.83 7.73 4.20
C ARG A 58 -9.15 8.51 4.12
N GLY A 59 -9.12 9.77 4.44
CA GLY A 59 -10.36 10.60 4.39
C GLY A 59 -10.12 11.83 3.52
N GLY A 1 -14.48 -7.31 -9.27
CA GLY A 1 -13.86 -6.18 -10.03
C GLY A 1 -12.36 -6.40 -10.17
N ARG A 2 -11.58 -5.77 -9.33
CA ARG A 2 -10.09 -5.95 -9.41
C ARG A 2 -9.65 -7.10 -8.50
N ILE A 3 -8.36 -7.22 -8.28
CA ILE A 3 -7.85 -8.31 -7.40
C ILE A 3 -8.42 -8.15 -5.98
N ALA A 4 -8.44 -9.22 -5.22
CA ALA A 4 -8.99 -9.13 -3.83
C ALA A 4 -7.89 -8.79 -2.83
N PHE A 5 -8.23 -8.63 -1.58
CA PHE A 5 -7.19 -8.29 -0.55
C PHE A 5 -7.44 -9.11 0.72
N THR A 6 -6.52 -9.96 1.08
CA THR A 6 -6.69 -10.80 2.31
C THR A 6 -6.39 -9.97 3.55
N ASP A 7 -6.59 -10.54 4.72
CA ASP A 7 -6.32 -9.80 5.98
C ASP A 7 -4.82 -9.51 6.12
N ALA A 8 -3.99 -10.49 5.89
CA ALA A 8 -2.51 -10.28 6.00
C ALA A 8 -2.05 -9.15 5.07
N ASP A 9 -2.79 -8.89 4.03
CA ASP A 9 -2.42 -7.80 3.09
C ASP A 9 -2.84 -6.43 3.64
N ASP A 10 -4.05 -6.34 4.14
CA ASP A 10 -4.53 -5.04 4.70
C ASP A 10 -3.66 -4.64 5.91
N VAL A 11 -3.38 -5.57 6.78
CA VAL A 11 -2.54 -5.25 7.98
C VAL A 11 -1.12 -4.93 7.55
N ALA A 12 -0.61 -5.63 6.56
CA ALA A 12 0.79 -5.36 6.09
C ALA A 12 0.85 -4.00 5.40
N ILE A 13 -0.05 -3.75 4.48
CA ILE A 13 -0.06 -2.43 3.76
C ILE A 13 -0.23 -1.29 4.77
N LEU A 14 -1.21 -1.39 5.64
CA LEU A 14 -1.43 -0.32 6.67
C LEU A 14 -0.17 -0.13 7.50
N THR A 15 0.26 -1.15 8.19
CA THR A 15 1.51 -1.04 9.03
C THR A 15 2.69 -0.58 8.17
N TYR A 16 2.88 -1.20 7.04
CA TYR A 16 4.01 -0.79 6.12
C TYR A 16 3.87 0.69 5.75
N VAL A 17 2.73 1.07 5.24
CA VAL A 17 2.51 2.49 4.84
C VAL A 17 2.66 3.41 6.06
N LYS A 18 1.98 3.08 7.14
CA LYS A 18 2.06 3.92 8.37
C LYS A 18 3.47 3.89 8.98
N GLU A 19 4.29 2.92 8.60
CA GLU A 19 5.66 2.83 9.18
C GLU A 19 6.71 3.49 8.27
N ASN A 20 6.36 3.78 7.03
CA ASN A 20 7.35 4.42 6.11
C ASN A 20 6.86 5.81 5.69
N ALA A 21 5.70 5.88 5.09
CA ALA A 21 5.16 7.20 4.61
C ALA A 21 5.25 8.27 5.71
N ARG A 22 4.25 8.37 6.57
CA ARG A 22 4.28 9.41 7.66
C ARG A 22 4.57 10.80 7.07
N SER A 23 4.27 11.01 5.81
CA SER A 23 4.53 12.34 5.17
C SER A 23 3.89 12.40 3.78
N PRO A 24 3.54 13.60 3.36
CA PRO A 24 2.92 13.76 2.02
C PRO A 24 3.98 13.69 0.91
N SER A 25 4.69 12.60 0.82
CA SER A 25 5.74 12.47 -0.24
C SER A 25 5.94 11.01 -0.63
N SER A 26 6.11 10.13 0.34
CA SER A 26 6.30 8.68 0.02
C SER A 26 5.09 8.13 -0.72
N VAL A 27 3.91 8.58 -0.34
CA VAL A 27 2.67 8.09 -1.02
C VAL A 27 2.18 9.13 -2.01
N THR A 28 3.08 9.83 -2.65
CA THR A 28 2.67 10.87 -3.64
C THR A 28 3.33 10.59 -5.00
N GLY A 29 4.57 10.18 -5.00
CA GLY A 29 5.28 9.91 -6.29
C GLY A 29 5.39 8.39 -6.50
N ASN A 30 4.40 7.64 -6.06
CA ASN A 30 4.44 6.15 -6.24
C ASN A 30 5.77 5.55 -5.75
N ALA A 31 6.33 6.11 -4.71
CA ALA A 31 7.63 5.58 -4.18
C ALA A 31 7.37 4.48 -3.15
N LEU A 32 6.72 4.79 -2.06
CA LEU A 32 6.44 3.76 -1.02
C LEU A 32 5.57 2.63 -1.59
N TRP A 33 4.80 2.92 -2.62
CA TRP A 33 3.93 1.87 -3.21
C TRP A 33 4.77 0.97 -4.12
N LYS A 34 5.44 1.55 -5.09
CA LYS A 34 6.31 0.73 -6.01
C LYS A 34 7.34 -0.06 -5.22
N ALA A 35 8.05 0.60 -4.33
CA ALA A 35 9.10 -0.09 -3.52
C ALA A 35 8.48 -1.23 -2.72
N MET A 36 7.29 -1.05 -2.22
CA MET A 36 6.63 -2.12 -1.42
C MET A 36 6.44 -3.39 -2.27
N GLU A 37 6.03 -3.21 -3.50
CA GLU A 37 5.81 -4.39 -4.40
C GLU A 37 7.14 -5.14 -4.59
N LYS A 38 8.23 -4.42 -4.58
CA LYS A 38 9.56 -5.08 -4.76
C LYS A 38 10.17 -5.45 -3.39
N SER A 39 9.75 -4.77 -2.35
CA SER A 39 10.31 -5.08 -0.99
C SER A 39 9.67 -6.35 -0.42
N SER A 40 8.45 -6.25 0.06
CA SER A 40 7.77 -7.44 0.65
C SER A 40 6.25 -7.27 0.55
N LEU A 41 5.65 -7.81 -0.47
CA LEU A 41 4.17 -7.69 -0.63
C LEU A 41 3.64 -8.89 -1.42
N THR A 42 2.49 -9.40 -1.03
CA THR A 42 1.90 -10.58 -1.74
C THR A 42 1.77 -10.30 -3.25
N GLN A 43 1.21 -11.22 -3.99
CA GLN A 43 1.05 -11.01 -5.45
C GLN A 43 0.11 -9.83 -5.73
N HIS A 44 0.64 -8.63 -5.72
CA HIS A 44 -0.21 -7.44 -5.98
C HIS A 44 0.56 -6.37 -6.73
N SER A 45 -0.10 -5.31 -7.13
CA SER A 45 0.59 -4.21 -7.87
C SER A 45 0.52 -2.93 -7.05
N TRP A 46 1.51 -2.09 -7.18
CA TRP A 46 1.52 -0.81 -6.41
C TRP A 46 0.26 0.02 -6.73
N GLN A 47 -0.20 -0.05 -7.97
CA GLN A 47 -1.43 0.71 -8.38
C GLN A 47 -2.60 0.37 -7.45
N SER A 48 -3.07 -0.85 -7.51
CA SER A 48 -4.20 -1.27 -6.61
C SER A 48 -3.80 -1.04 -5.15
N LEU A 49 -2.52 -1.03 -4.86
CA LEU A 49 -2.06 -0.80 -3.47
C LEU A 49 -2.37 0.65 -3.06
N LYS A 50 -2.01 1.59 -3.89
CA LYS A 50 -2.28 3.02 -3.57
C LYS A 50 -3.77 3.33 -3.70
N ASP A 51 -4.40 2.82 -4.73
CA ASP A 51 -5.86 3.07 -4.93
C ASP A 51 -6.66 2.54 -3.73
N ARG A 52 -6.30 1.38 -3.24
CA ARG A 52 -7.03 0.81 -2.07
C ARG A 52 -6.83 1.71 -0.84
N TYR A 53 -5.67 2.30 -0.71
CA TYR A 53 -5.42 3.18 0.46
C TYR A 53 -6.36 4.39 0.42
N LEU A 54 -6.61 4.92 -0.75
CA LEU A 54 -7.54 6.09 -0.85
C LEU A 54 -8.99 5.61 -1.04
N LYS A 55 -9.18 4.37 -1.44
CA LYS A 55 -10.56 3.84 -1.63
C LYS A 55 -11.32 3.88 -0.31
N HIS A 56 -10.74 3.40 0.75
CA HIS A 56 -11.44 3.41 2.07
C HIS A 56 -10.50 3.09 3.24
N LEU A 57 -9.31 3.65 3.23
CA LEU A 57 -8.36 3.40 4.37
C LEU A 57 -7.89 4.73 4.96
N ARG A 58 -6.93 5.38 4.32
CA ARG A 58 -6.43 6.70 4.83
C ARG A 58 -6.07 6.62 6.33
N GLY A 59 -5.79 7.74 6.94
CA GLY A 59 -5.43 7.75 8.39
C GLY A 59 -5.53 9.18 8.93
N GLY A 1 -5.85 -8.32 -15.31
CA GLY A 1 -5.81 -7.22 -14.31
C GLY A 1 -5.40 -7.78 -12.94
N ARG A 2 -5.42 -6.94 -11.93
CA ARG A 2 -5.04 -7.41 -10.56
C ARG A 2 -6.15 -8.29 -9.97
N ILE A 3 -6.16 -8.47 -8.67
CA ILE A 3 -7.21 -9.30 -8.02
C ILE A 3 -7.63 -8.68 -6.68
N ALA A 4 -8.41 -9.40 -5.91
CA ALA A 4 -8.86 -8.86 -4.59
C ALA A 4 -7.75 -9.01 -3.54
N PHE A 5 -7.91 -8.40 -2.39
CA PHE A 5 -6.87 -8.50 -1.34
C PHE A 5 -7.38 -9.35 -0.17
N THR A 6 -6.51 -9.71 0.74
CA THR A 6 -6.94 -10.54 1.91
C THR A 6 -6.80 -9.73 3.21
N ASP A 7 -7.07 -10.35 4.33
CA ASP A 7 -6.95 -9.62 5.64
C ASP A 7 -5.48 -9.40 5.98
N ALA A 8 -4.63 -10.33 5.63
CA ALA A 8 -3.17 -10.17 5.95
C ALA A 8 -2.53 -9.12 5.04
N ASP A 9 -2.86 -9.14 3.77
CA ASP A 9 -2.27 -8.14 2.82
C ASP A 9 -2.73 -6.73 3.20
N ASP A 10 -3.95 -6.58 3.66
CA ASP A 10 -4.45 -5.23 4.05
C ASP A 10 -3.64 -4.67 5.22
N VAL A 11 -3.48 -5.45 6.26
CA VAL A 11 -2.68 -4.96 7.44
C VAL A 11 -1.23 -4.72 7.01
N ALA A 12 -0.73 -5.53 6.11
CA ALA A 12 0.68 -5.35 5.65
C ALA A 12 0.83 -4.00 4.93
N ILE A 13 -0.21 -3.55 4.29
CA ILE A 13 -0.15 -2.24 3.56
C ILE A 13 -0.20 -1.09 4.57
N LEU A 14 -1.03 -1.22 5.58
CA LEU A 14 -1.13 -0.14 6.62
C LEU A 14 0.18 -0.04 7.40
N THR A 15 0.58 -1.11 8.04
CA THR A 15 1.86 -1.11 8.82
C THR A 15 3.02 -0.59 7.97
N TYR A 16 3.11 -1.03 6.73
CA TYR A 16 4.22 -0.55 5.84
C TYR A 16 4.11 0.96 5.62
N VAL A 17 2.96 1.42 5.20
CA VAL A 17 2.76 2.88 4.96
C VAL A 17 3.02 3.66 6.25
N LYS A 18 2.34 3.32 7.31
CA LYS A 18 2.53 4.04 8.61
C LYS A 18 3.99 3.95 9.07
N GLU A 19 4.72 2.97 8.56
CA GLU A 19 6.15 2.81 8.98
C GLU A 19 7.07 3.71 8.14
N ASN A 20 6.63 4.12 6.97
CA ASN A 20 7.49 4.98 6.11
C ASN A 20 6.75 6.26 5.71
N ALA A 21 5.59 6.12 5.11
CA ALA A 21 4.81 7.33 4.68
C ALA A 21 4.53 8.26 5.88
N ARG A 22 3.36 8.20 6.48
CA ARG A 22 3.04 9.08 7.64
C ARG A 22 3.35 10.55 7.31
N SER A 23 3.33 10.90 6.06
CA SER A 23 3.62 12.31 5.66
C SER A 23 2.95 12.64 4.32
N PRO A 24 2.81 13.91 4.02
CA PRO A 24 2.17 14.31 2.74
C PRO A 24 3.15 14.13 1.57
N SER A 25 3.59 12.93 1.32
CA SER A 25 4.54 12.68 0.20
C SER A 25 4.43 11.22 -0.27
N SER A 26 4.74 10.28 0.58
CA SER A 26 4.66 8.84 0.19
C SER A 26 3.23 8.49 -0.24
N VAL A 27 2.27 8.75 0.60
CA VAL A 27 0.85 8.44 0.25
C VAL A 27 0.38 9.31 -0.93
N THR A 28 1.05 10.40 -1.20
CA THR A 28 0.65 11.28 -2.34
C THR A 28 1.39 10.89 -3.62
N GLY A 29 2.59 10.38 -3.47
CA GLY A 29 3.37 9.97 -4.68
C GLY A 29 3.10 8.49 -4.99
N ASN A 30 4.07 7.81 -5.55
CA ASN A 30 3.88 6.36 -5.88
C ASN A 30 5.17 5.58 -5.63
N ALA A 31 6.04 6.09 -4.79
CA ALA A 31 7.32 5.38 -4.51
C ALA A 31 7.16 4.41 -3.34
N LEU A 32 6.69 4.89 -2.21
CA LEU A 32 6.51 4.00 -1.02
C LEU A 32 5.62 2.80 -1.39
N TRP A 33 4.77 2.96 -2.36
CA TRP A 33 3.88 1.84 -2.79
C TRP A 33 4.65 0.93 -3.74
N LYS A 34 5.35 1.52 -4.69
CA LYS A 34 6.16 0.71 -5.65
C LYS A 34 7.18 -0.13 -4.88
N ALA A 35 7.82 0.46 -3.90
CA ALA A 35 8.83 -0.29 -3.09
C ALA A 35 8.14 -1.43 -2.35
N MET A 36 6.96 -1.18 -1.83
CA MET A 36 6.22 -2.25 -1.10
C MET A 36 6.02 -3.48 -2.00
N GLU A 37 5.76 -3.25 -3.26
CA GLU A 37 5.57 -4.38 -4.22
C GLU A 37 6.94 -5.01 -4.56
N LYS A 38 7.98 -4.22 -4.53
CA LYS A 38 9.33 -4.76 -4.86
C LYS A 38 10.17 -4.93 -3.57
N SER A 39 9.53 -5.07 -2.44
CA SER A 39 10.29 -5.25 -1.16
C SER A 39 9.75 -6.46 -0.40
N SER A 40 8.46 -6.50 -0.15
CA SER A 40 7.86 -7.65 0.59
C SER A 40 6.34 -7.63 0.48
N LEU A 41 5.81 -8.24 -0.55
CA LEU A 41 4.33 -8.28 -0.73
C LEU A 41 3.92 -9.45 -1.62
N THR A 42 2.69 -9.88 -1.52
CA THR A 42 2.22 -11.03 -2.36
C THR A 42 2.24 -10.64 -3.84
N GLN A 43 1.58 -11.41 -4.68
CA GLN A 43 1.56 -11.09 -6.14
C GLN A 43 0.59 -9.95 -6.43
N HIS A 44 0.99 -8.73 -6.13
CA HIS A 44 0.09 -7.57 -6.38
C HIS A 44 0.86 -6.41 -7.00
N SER A 45 0.18 -5.35 -7.31
CA SER A 45 0.84 -4.16 -7.92
C SER A 45 0.71 -2.94 -7.01
N TRP A 46 1.68 -2.07 -7.03
CA TRP A 46 1.62 -0.85 -6.16
C TRP A 46 0.32 -0.06 -6.45
N GLN A 47 -0.06 0.01 -7.70
CA GLN A 47 -1.31 0.76 -8.08
C GLN A 47 -2.52 0.23 -7.30
N SER A 48 -2.57 -1.06 -7.08
CA SER A 48 -3.72 -1.65 -6.34
C SER A 48 -3.64 -1.25 -4.86
N LEU A 49 -2.63 -1.69 -4.16
CA LEU A 49 -2.49 -1.34 -2.71
C LEU A 49 -2.49 0.19 -2.51
N LYS A 50 -2.05 0.94 -3.49
CA LYS A 50 -2.05 2.43 -3.34
C LYS A 50 -3.49 2.95 -3.51
N ASP A 51 -4.13 2.56 -4.57
CA ASP A 51 -5.54 3.02 -4.81
C ASP A 51 -6.45 2.51 -3.68
N ARG A 52 -6.16 1.34 -3.16
CA ARG A 52 -7.00 0.78 -2.05
C ARG A 52 -6.86 1.67 -0.81
N TYR A 53 -5.70 2.24 -0.61
CA TYR A 53 -5.50 3.13 0.58
C TYR A 53 -6.47 4.30 0.50
N LEU A 54 -6.63 4.86 -0.67
CA LEU A 54 -7.55 6.01 -0.83
C LEU A 54 -9.00 5.50 -1.03
N LYS A 55 -9.15 4.28 -1.45
CA LYS A 55 -10.54 3.72 -1.67
C LYS A 55 -11.33 3.77 -0.36
N HIS A 56 -10.76 3.27 0.71
CA HIS A 56 -11.47 3.29 2.02
C HIS A 56 -10.53 2.90 3.17
N LEU A 57 -9.38 3.52 3.26
CA LEU A 57 -8.45 3.20 4.39
C LEU A 57 -7.97 4.49 5.05
N ARG A 58 -7.43 5.40 4.28
CA ARG A 58 -6.95 6.69 4.87
C ARG A 58 -8.08 7.39 5.64
N GLY A 59 -7.77 8.47 6.32
CA GLY A 59 -8.82 9.19 7.09
C GLY A 59 -8.27 10.54 7.57
N GLY A 1 -8.35 -6.60 -12.79
CA GLY A 1 -6.98 -6.96 -12.31
C GLY A 1 -6.96 -6.93 -10.78
N ARG A 2 -7.47 -5.88 -10.19
CA ARG A 2 -7.48 -5.79 -8.69
C ARG A 2 -8.36 -6.89 -8.10
N ILE A 3 -7.97 -7.44 -6.98
CA ILE A 3 -8.77 -8.53 -6.35
C ILE A 3 -8.97 -8.23 -4.86
N ALA A 4 -9.26 -6.99 -4.52
CA ALA A 4 -9.47 -6.63 -3.08
C ALA A 4 -8.27 -7.07 -2.22
N PHE A 5 -8.41 -6.99 -0.92
CA PHE A 5 -7.28 -7.41 -0.02
C PHE A 5 -7.82 -8.21 1.17
N THR A 6 -7.30 -9.40 1.38
CA THR A 6 -7.78 -10.24 2.53
C THR A 6 -7.45 -9.52 3.86
N ASP A 7 -7.31 -10.27 4.93
CA ASP A 7 -6.99 -9.65 6.25
C ASP A 7 -5.49 -9.53 6.44
N ALA A 8 -4.76 -10.59 6.19
CA ALA A 8 -3.27 -10.55 6.36
C ALA A 8 -2.66 -9.42 5.53
N ASP A 9 -3.05 -9.31 4.28
CA ASP A 9 -2.49 -8.23 3.41
C ASP A 9 -2.77 -6.85 4.00
N ASP A 10 -3.96 -6.65 4.52
CA ASP A 10 -4.31 -5.32 5.12
C ASP A 10 -3.34 -4.97 6.26
N VAL A 11 -2.81 -5.97 6.92
CA VAL A 11 -1.87 -5.70 8.06
C VAL A 11 -0.48 -5.35 7.51
N ALA A 12 0.07 -6.19 6.66
CA ALA A 12 1.42 -5.92 6.09
C ALA A 12 1.41 -4.60 5.30
N ILE A 13 0.32 -4.32 4.61
CA ILE A 13 0.24 -3.05 3.84
C ILE A 13 0.13 -1.85 4.79
N LEU A 14 -0.53 -2.04 5.91
CA LEU A 14 -0.66 -0.91 6.88
C LEU A 14 0.67 -0.70 7.62
N THR A 15 1.15 -1.70 8.30
CA THR A 15 2.45 -1.57 9.05
C THR A 15 3.54 -1.01 8.15
N TYR A 16 3.52 -1.33 6.88
CA TYR A 16 4.56 -0.80 5.95
C TYR A 16 4.28 0.68 5.64
N VAL A 17 3.02 1.05 5.59
CA VAL A 17 2.68 2.47 5.31
C VAL A 17 2.74 3.28 6.60
N LYS A 18 2.49 2.66 7.72
CA LYS A 18 2.53 3.41 9.02
C LYS A 18 3.98 3.66 9.44
N GLU A 19 4.91 2.87 8.95
CA GLU A 19 6.33 3.07 9.33
C GLU A 19 7.01 4.05 8.38
N ASN A 20 6.66 4.02 7.11
CA ASN A 20 7.29 4.95 6.13
C ASN A 20 6.39 6.17 5.86
N ALA A 21 5.22 5.93 5.33
CA ALA A 21 4.29 7.07 5.01
C ALA A 21 4.13 8.02 6.20
N ARG A 22 4.61 9.23 6.06
CA ARG A 22 4.50 10.23 7.15
C ARG A 22 4.89 11.62 6.62
N SER A 23 4.61 11.87 5.37
CA SER A 23 4.96 13.20 4.77
C SER A 23 4.18 13.39 3.46
N PRO A 24 4.23 14.60 2.92
CA PRO A 24 3.51 14.88 1.65
C PRO A 24 4.28 14.31 0.46
N SER A 25 4.38 13.01 0.36
CA SER A 25 5.12 12.40 -0.78
C SER A 25 4.86 10.89 -0.83
N SER A 26 4.88 10.25 0.32
CA SER A 26 4.65 8.77 0.37
C SER A 26 3.20 8.45 -0.01
N VAL A 27 2.26 8.82 0.82
CA VAL A 27 0.82 8.54 0.52
C VAL A 27 0.33 9.37 -0.67
N THR A 28 1.02 10.43 -1.00
CA THR A 28 0.58 11.28 -2.15
C THR A 28 1.31 10.88 -3.43
N GLY A 29 2.48 10.31 -3.30
CA GLY A 29 3.25 9.90 -4.51
C GLY A 29 3.09 8.39 -4.73
N ASN A 30 3.92 7.81 -5.56
CA ASN A 30 3.82 6.34 -5.83
C ASN A 30 5.18 5.68 -5.59
N ALA A 31 5.97 6.23 -4.71
CA ALA A 31 7.32 5.66 -4.43
C ALA A 31 7.22 4.63 -3.29
N LEU A 32 6.65 5.02 -2.17
CA LEU A 32 6.53 4.08 -1.02
C LEU A 32 5.69 2.86 -1.41
N TRP A 33 4.80 3.03 -2.36
CA TRP A 33 3.94 1.88 -2.78
C TRP A 33 4.72 1.01 -3.78
N LYS A 34 5.27 1.62 -4.80
CA LYS A 34 6.05 0.84 -5.82
C LYS A 34 7.16 0.02 -5.13
N ALA A 35 7.89 0.65 -4.23
CA ALA A 35 8.99 -0.07 -3.51
C ALA A 35 8.40 -1.20 -2.66
N MET A 36 7.25 -0.96 -2.06
CA MET A 36 6.61 -2.01 -1.21
C MET A 36 6.39 -3.28 -2.03
N GLU A 37 5.86 -3.13 -3.22
CA GLU A 37 5.61 -4.32 -4.08
C GLU A 37 6.93 -5.01 -4.42
N LYS A 38 7.97 -4.25 -4.62
CA LYS A 38 9.30 -4.86 -4.94
C LYS A 38 10.13 -5.08 -3.67
N SER A 39 9.52 -4.97 -2.50
CA SER A 39 10.28 -5.17 -1.24
C SER A 39 9.64 -6.29 -0.41
N SER A 40 8.51 -6.03 0.18
CA SER A 40 7.83 -7.08 1.01
C SER A 40 6.31 -6.91 0.93
N LEU A 41 5.69 -7.48 -0.09
CA LEU A 41 4.22 -7.37 -0.24
C LEU A 41 3.63 -8.75 -0.59
N THR A 42 2.72 -8.85 -1.54
CA THR A 42 2.14 -10.19 -1.89
C THR A 42 1.68 -10.18 -3.35
N GLN A 43 0.72 -11.01 -3.69
CA GLN A 43 0.24 -11.05 -5.11
C GLN A 43 -0.57 -9.79 -5.43
N HIS A 44 0.11 -8.68 -5.62
CA HIS A 44 -0.62 -7.41 -5.92
C HIS A 44 0.32 -6.39 -6.55
N SER A 45 -0.23 -5.33 -7.08
CA SER A 45 0.62 -4.28 -7.72
C SER A 45 0.52 -2.99 -6.90
N TRP A 46 1.49 -2.13 -7.01
CA TRP A 46 1.46 -0.84 -6.24
C TRP A 46 0.21 -0.02 -6.64
N GLN A 47 -0.19 -0.13 -7.88
CA GLN A 47 -1.40 0.64 -8.35
C GLN A 47 -2.62 0.27 -7.51
N SER A 48 -3.00 -0.99 -7.51
CA SER A 48 -4.18 -1.42 -6.69
C SER A 48 -3.93 -1.10 -5.22
N LEU A 49 -2.69 -1.08 -4.82
CA LEU A 49 -2.35 -0.75 -3.40
C LEU A 49 -2.70 0.71 -3.12
N LYS A 50 -2.15 1.62 -3.90
CA LYS A 50 -2.43 3.07 -3.70
C LYS A 50 -3.92 3.35 -3.90
N ASP A 51 -4.50 2.77 -4.91
CA ASP A 51 -5.96 3.00 -5.18
C ASP A 51 -6.80 2.57 -3.96
N ARG A 52 -6.36 1.55 -3.26
CA ARG A 52 -7.11 1.09 -2.05
C ARG A 52 -7.04 2.15 -0.96
N TYR A 53 -5.88 2.76 -0.77
CA TYR A 53 -5.75 3.80 0.28
C TYR A 53 -6.70 4.98 0.00
N LEU A 54 -6.90 5.29 -1.26
CA LEU A 54 -7.83 6.41 -1.62
C LEU A 54 -9.25 5.88 -1.82
N LYS A 55 -9.38 4.65 -2.22
CA LYS A 55 -10.74 4.05 -2.47
C LYS A 55 -11.63 4.20 -1.22
N HIS A 56 -11.19 3.70 -0.10
CA HIS A 56 -12.02 3.80 1.14
C HIS A 56 -11.17 3.64 2.42
N LEU A 57 -10.02 4.29 2.47
CA LEU A 57 -9.18 4.19 3.70
C LEU A 57 -8.82 5.60 4.19
N ARG A 58 -8.20 6.38 3.35
CA ARG A 58 -7.81 7.77 3.75
C ARG A 58 -8.81 8.78 3.18
N GLY A 59 -9.37 9.61 4.03
CA GLY A 59 -10.36 10.63 3.55
C GLY A 59 -10.77 11.52 4.73
N GLY A 1 -1.57 -14.27 -8.25
CA GLY A 1 -1.30 -14.44 -6.80
C GLY A 1 -2.46 -13.85 -5.97
N ARG A 2 -3.64 -14.40 -6.11
CA ARG A 2 -4.82 -13.89 -5.34
C ARG A 2 -4.98 -12.37 -5.55
N ILE A 3 -5.66 -11.98 -6.61
CA ILE A 3 -5.84 -10.52 -6.86
C ILE A 3 -6.83 -9.93 -5.84
N ALA A 4 -6.41 -9.84 -4.60
CA ALA A 4 -7.30 -9.28 -3.54
C ALA A 4 -6.48 -8.96 -2.29
N PHE A 5 -7.09 -8.33 -1.31
CA PHE A 5 -6.35 -7.99 -0.06
C PHE A 5 -7.18 -8.33 1.17
N THR A 6 -7.08 -9.55 1.64
CA THR A 6 -7.86 -9.97 2.84
C THR A 6 -7.34 -9.25 4.10
N ASP A 7 -7.81 -9.63 5.25
CA ASP A 7 -7.34 -8.97 6.51
C ASP A 7 -5.84 -9.17 6.71
N ALA A 8 -5.33 -10.32 6.34
CA ALA A 8 -3.87 -10.58 6.51
C ALA A 8 -3.05 -9.66 5.59
N ASP A 9 -3.23 -9.77 4.30
CA ASP A 9 -2.46 -8.92 3.34
C ASP A 9 -2.69 -7.44 3.64
N ASP A 10 -3.80 -7.10 4.23
CA ASP A 10 -4.09 -5.67 4.56
C ASP A 10 -3.21 -5.19 5.71
N VAL A 11 -3.10 -5.97 6.76
CA VAL A 11 -2.25 -5.57 7.92
C VAL A 11 -0.80 -5.37 7.47
N ALA A 12 -0.35 -6.18 6.54
CA ALA A 12 1.06 -6.03 6.04
C ALA A 12 1.23 -4.66 5.38
N ILE A 13 0.27 -4.24 4.60
CA ILE A 13 0.36 -2.91 3.94
C ILE A 13 0.18 -1.80 4.99
N LEU A 14 -0.78 -1.95 5.86
CA LEU A 14 -1.02 -0.92 6.92
C LEU A 14 0.27 -0.61 7.68
N THR A 15 0.91 -1.62 8.24
CA THR A 15 2.18 -1.39 9.00
C THR A 15 3.23 -0.75 8.08
N TYR A 16 3.41 -1.28 6.90
CA TYR A 16 4.42 -0.71 5.97
C TYR A 16 4.08 0.75 5.63
N VAL A 17 2.83 1.03 5.35
CA VAL A 17 2.42 2.42 5.01
C VAL A 17 2.65 3.35 6.21
N LYS A 18 2.00 3.07 7.31
CA LYS A 18 2.16 3.93 8.52
C LYS A 18 3.64 3.97 8.98
N GLU A 19 4.44 3.03 8.55
CA GLU A 19 5.87 3.02 8.97
C GLU A 19 6.72 3.97 8.12
N ASN A 20 6.38 4.13 6.87
CA ASN A 20 7.18 5.04 5.98
C ASN A 20 6.40 6.31 5.65
N ALA A 21 5.21 6.17 5.11
CA ALA A 21 4.38 7.36 4.72
C ALA A 21 4.32 8.42 5.86
N ARG A 22 3.32 8.37 6.71
CA ARG A 22 3.21 9.38 7.82
C ARG A 22 3.38 10.82 7.29
N SER A 23 3.07 11.03 6.03
CA SER A 23 3.22 12.41 5.46
C SER A 23 2.46 12.52 4.12
N PRO A 24 2.08 13.74 3.77
CA PRO A 24 1.36 13.96 2.49
C PRO A 24 2.33 13.89 1.32
N SER A 25 2.92 12.75 1.08
CA SER A 25 3.89 12.61 -0.03
C SER A 25 3.95 11.16 -0.50
N SER A 26 4.16 10.25 0.40
CA SER A 26 4.23 8.81 0.02
C SER A 26 2.83 8.28 -0.29
N VAL A 27 1.85 8.62 0.51
CA VAL A 27 0.46 8.15 0.27
C VAL A 27 -0.12 8.83 -0.98
N THR A 28 0.33 10.01 -1.28
CA THR A 28 -0.18 10.73 -2.50
C THR A 28 0.73 10.46 -3.69
N GLY A 29 1.97 10.15 -3.45
CA GLY A 29 2.92 9.87 -4.57
C GLY A 29 2.79 8.41 -5.00
N ASN A 30 3.81 7.86 -5.60
CA ASN A 30 3.75 6.44 -6.04
C ASN A 30 5.05 5.71 -5.73
N ALA A 31 5.82 6.22 -4.80
CA ALA A 31 7.11 5.56 -4.45
C ALA A 31 6.93 4.55 -3.33
N LEU A 32 6.41 4.98 -2.19
CA LEU A 32 6.19 4.03 -1.06
C LEU A 32 5.34 2.84 -1.50
N TRP A 33 4.50 3.05 -2.49
CA TRP A 33 3.65 1.92 -3.00
C TRP A 33 4.47 1.08 -3.97
N LYS A 34 5.16 1.72 -4.88
CA LYS A 34 6.01 0.98 -5.86
C LYS A 34 7.08 0.17 -5.12
N ALA A 35 7.73 0.78 -4.15
CA ALA A 35 8.78 0.06 -3.38
C ALA A 35 8.16 -1.10 -2.60
N MET A 36 7.03 -0.88 -1.98
CA MET A 36 6.37 -1.97 -1.20
C MET A 36 6.11 -3.19 -2.11
N GLU A 37 5.83 -2.95 -3.36
CA GLU A 37 5.57 -4.09 -4.29
C GLU A 37 6.88 -4.80 -4.65
N LYS A 38 7.99 -4.10 -4.58
CA LYS A 38 9.31 -4.74 -4.90
C LYS A 38 10.19 -4.81 -3.66
N SER A 39 9.61 -4.78 -2.48
CA SER A 39 10.42 -4.85 -1.23
C SER A 39 9.93 -5.99 -0.34
N SER A 40 8.66 -6.01 -0.01
CA SER A 40 8.13 -7.10 0.88
C SER A 40 6.59 -7.12 0.84
N LEU A 41 6.03 -7.69 -0.19
CA LEU A 41 4.53 -7.75 -0.30
C LEU A 41 4.12 -8.91 -1.20
N THR A 42 2.91 -9.38 -1.05
CA THR A 42 2.43 -10.51 -1.91
C THR A 42 2.52 -10.13 -3.39
N GLN A 43 2.10 -11.00 -4.27
CA GLN A 43 2.16 -10.69 -5.72
C GLN A 43 1.06 -9.70 -6.10
N HIS A 44 1.37 -8.43 -6.08
CA HIS A 44 0.36 -7.40 -6.42
C HIS A 44 1.01 -6.20 -7.11
N SER A 45 0.20 -5.31 -7.64
CA SER A 45 0.76 -4.11 -8.33
C SER A 45 0.71 -2.90 -7.39
N TRP A 46 1.70 -2.06 -7.41
CA TRP A 46 1.71 -0.86 -6.51
C TRP A 46 0.42 -0.04 -6.73
N GLN A 47 -0.07 -0.01 -7.94
CA GLN A 47 -1.31 0.78 -8.24
C GLN A 47 -2.48 0.23 -7.43
N SER A 48 -2.59 -1.07 -7.32
CA SER A 48 -3.72 -1.68 -6.53
C SER A 48 -3.63 -1.22 -5.06
N LEU A 49 -2.61 -1.64 -4.37
CA LEU A 49 -2.47 -1.24 -2.93
C LEU A 49 -2.45 0.29 -2.79
N LYS A 50 -2.06 1.00 -3.82
CA LYS A 50 -2.05 2.50 -3.73
C LYS A 50 -3.48 3.03 -3.87
N ASP A 51 -4.13 2.68 -4.95
CA ASP A 51 -5.54 3.15 -5.17
C ASP A 51 -6.43 2.68 -4.02
N ARG A 52 -6.07 1.60 -3.37
CA ARG A 52 -6.90 1.10 -2.23
C ARG A 52 -6.74 2.01 -1.02
N TYR A 53 -5.54 2.49 -0.77
CA TYR A 53 -5.32 3.40 0.40
C TYR A 53 -6.22 4.62 0.32
N LEU A 54 -6.37 5.17 -0.86
CA LEU A 54 -7.25 6.37 -1.02
C LEU A 54 -8.70 5.95 -1.26
N LYS A 55 -8.91 4.73 -1.73
CA LYS A 55 -10.31 4.27 -1.98
C LYS A 55 -11.13 4.31 -0.70
N HIS A 56 -10.62 3.75 0.37
CA HIS A 56 -11.37 3.76 1.66
C HIS A 56 -10.50 3.31 2.84
N LEU A 57 -9.32 3.87 2.97
CA LEU A 57 -8.44 3.49 4.13
C LEU A 57 -8.00 4.75 4.89
N ARG A 58 -7.11 5.52 4.32
CA ARG A 58 -6.63 6.77 5.00
C ARG A 58 -6.15 6.47 6.43
N GLY A 59 -5.06 5.76 6.55
CA GLY A 59 -4.53 5.42 7.91
C GLY A 59 -5.30 4.23 8.47
N GLY A 1 -5.56 -7.79 -14.45
CA GLY A 1 -6.63 -7.17 -13.64
C GLY A 1 -6.10 -6.85 -12.24
N ARG A 2 -6.81 -7.23 -11.21
CA ARG A 2 -6.35 -6.96 -9.82
C ARG A 2 -5.93 -8.27 -9.14
N ILE A 3 -5.66 -8.21 -7.86
CA ILE A 3 -5.25 -9.45 -7.12
C ILE A 3 -6.09 -9.59 -5.85
N ALA A 4 -6.01 -10.73 -5.21
CA ALA A 4 -6.82 -10.95 -3.96
C ALA A 4 -6.46 -9.92 -2.89
N PHE A 5 -7.35 -9.70 -1.96
CA PHE A 5 -7.10 -8.72 -0.86
C PHE A 5 -7.72 -9.22 0.44
N THR A 6 -7.05 -10.12 1.12
CA THR A 6 -7.59 -10.66 2.41
C THR A 6 -7.32 -9.68 3.55
N ASP A 7 -7.79 -9.99 4.73
CA ASP A 7 -7.57 -9.08 5.90
C ASP A 7 -6.07 -8.93 6.17
N ALA A 8 -5.34 -10.01 6.10
CA ALA A 8 -3.86 -9.94 6.35
C ALA A 8 -3.20 -8.93 5.39
N ASP A 9 -3.74 -8.79 4.21
CA ASP A 9 -3.15 -7.84 3.22
C ASP A 9 -3.39 -6.40 3.67
N ASP A 10 -4.62 -6.05 3.97
CA ASP A 10 -4.92 -4.65 4.42
C ASP A 10 -4.10 -4.30 5.67
N VAL A 11 -3.88 -5.27 6.54
CA VAL A 11 -3.08 -5.00 7.77
C VAL A 11 -1.59 -4.95 7.41
N ALA A 12 -1.18 -5.71 6.44
CA ALA A 12 0.27 -5.71 6.04
C ALA A 12 0.60 -4.38 5.35
N ILE A 13 -0.27 -3.91 4.49
CA ILE A 13 -0.03 -2.62 3.80
C ILE A 13 -0.17 -1.46 4.79
N LEU A 14 -1.06 -1.60 5.74
CA LEU A 14 -1.24 -0.51 6.75
C LEU A 14 0.02 -0.36 7.60
N THR A 15 0.43 -1.40 8.29
CA THR A 15 1.66 -1.32 9.14
C THR A 15 2.84 -0.79 8.33
N TYR A 16 2.90 -1.13 7.06
CA TYR A 16 4.02 -0.65 6.20
C TYR A 16 3.80 0.82 5.83
N VAL A 17 2.67 1.14 5.28
CA VAL A 17 2.38 2.55 4.88
C VAL A 17 2.40 3.46 6.12
N LYS A 18 1.81 3.00 7.21
CA LYS A 18 1.78 3.83 8.46
C LYS A 18 3.22 4.18 8.90
N GLU A 19 4.13 3.26 8.76
CA GLU A 19 5.54 3.52 9.16
C GLU A 19 6.20 4.49 8.17
N ASN A 20 6.27 4.11 6.92
CA ASN A 20 6.91 4.99 5.90
C ASN A 20 5.95 6.12 5.48
N ALA A 21 4.85 5.77 4.88
CA ALA A 21 3.87 6.81 4.43
C ALA A 21 3.41 7.66 5.61
N ARG A 22 3.69 8.93 5.56
CA ARG A 22 3.28 9.85 6.67
C ARG A 22 3.33 11.30 6.18
N SER A 23 4.36 11.66 5.47
CA SER A 23 4.50 13.05 4.95
C SER A 23 3.74 13.20 3.62
N PRO A 24 3.60 14.43 3.15
CA PRO A 24 2.89 14.66 1.87
C PRO A 24 3.80 14.28 0.69
N SER A 25 4.16 13.02 0.60
CA SER A 25 5.04 12.58 -0.52
C SER A 25 4.85 11.08 -0.79
N SER A 26 4.97 10.27 0.23
CA SER A 26 4.80 8.79 0.03
C SER A 26 3.38 8.48 -0.45
N VAL A 27 2.41 8.59 0.42
CA VAL A 27 1.00 8.28 0.03
C VAL A 27 0.56 9.16 -1.15
N THR A 28 1.18 10.30 -1.31
CA THR A 28 0.79 11.22 -2.43
C THR A 28 1.55 10.86 -3.71
N GLY A 29 2.68 10.21 -3.59
CA GLY A 29 3.48 9.83 -4.79
C GLY A 29 3.37 8.33 -5.04
N ASN A 30 4.25 7.78 -5.83
CA ASN A 30 4.20 6.32 -6.12
C ASN A 30 5.57 5.69 -5.87
N ALA A 31 6.33 6.24 -4.97
CA ALA A 31 7.68 5.68 -4.66
C ALA A 31 7.60 4.65 -3.54
N LEU A 32 7.00 5.01 -2.43
CA LEU A 32 6.87 4.05 -1.29
C LEU A 32 6.11 2.81 -1.75
N TRP A 33 5.16 2.98 -2.61
CA TRP A 33 4.35 1.83 -3.12
C TRP A 33 5.20 1.04 -4.13
N LYS A 34 5.89 1.75 -5.00
CA LYS A 34 6.75 1.06 -6.01
C LYS A 34 7.78 0.18 -5.31
N ALA A 35 8.35 0.66 -4.23
CA ALA A 35 9.36 -0.14 -3.48
C ALA A 35 8.74 -1.46 -3.00
N MET A 36 7.55 -1.39 -2.46
CA MET A 36 6.87 -2.64 -1.98
C MET A 36 6.70 -3.62 -3.14
N GLU A 37 6.32 -3.14 -4.30
CA GLU A 37 6.13 -4.05 -5.48
C GLU A 37 7.39 -4.88 -5.74
N LYS A 38 8.55 -4.30 -5.53
CA LYS A 38 9.82 -5.05 -5.76
C LYS A 38 10.35 -5.66 -4.46
N SER A 39 9.73 -5.37 -3.33
CA SER A 39 10.21 -5.95 -2.04
C SER A 39 9.16 -5.72 -0.94
N SER A 40 8.00 -6.31 -1.08
CA SER A 40 6.94 -6.15 -0.04
C SER A 40 6.79 -7.44 0.76
N LEU A 41 6.00 -7.41 1.80
CA LEU A 41 5.80 -8.63 2.63
C LEU A 41 4.99 -9.67 1.84
N THR A 42 4.04 -9.22 1.06
CA THR A 42 3.21 -10.16 0.25
C THR A 42 3.47 -9.92 -1.24
N GLN A 43 2.53 -10.24 -2.09
CA GLN A 43 2.73 -10.02 -3.55
C GLN A 43 1.61 -9.15 -4.13
N HIS A 44 1.89 -7.90 -4.40
CA HIS A 44 0.85 -7.00 -4.96
C HIS A 44 1.50 -5.91 -5.81
N SER A 45 0.73 -5.29 -6.68
CA SER A 45 1.29 -4.20 -7.54
C SER A 45 1.28 -2.89 -6.77
N TRP A 46 2.28 -2.07 -6.95
CA TRP A 46 2.35 -0.75 -6.23
C TRP A 46 1.02 0.03 -6.36
N GLN A 47 0.41 -0.04 -7.52
CA GLN A 47 -0.88 0.71 -7.74
C GLN A 47 -2.00 0.08 -6.90
N SER A 48 -2.11 -1.22 -6.92
CA SER A 48 -3.19 -1.90 -6.13
C SER A 48 -3.10 -1.50 -4.66
N LEU A 49 -1.93 -1.14 -4.20
CA LEU A 49 -1.76 -0.73 -2.77
C LEU A 49 -2.12 0.75 -2.62
N LYS A 50 -1.85 1.54 -3.62
CA LYS A 50 -2.17 3.00 -3.55
C LYS A 50 -3.69 3.22 -3.63
N ASP A 51 -4.34 2.54 -4.53
CA ASP A 51 -5.82 2.70 -4.67
C ASP A 51 -6.56 2.15 -3.45
N ARG A 52 -6.10 1.04 -2.92
CA ARG A 52 -6.78 0.44 -1.72
C ARG A 52 -6.61 1.37 -0.51
N TYR A 53 -5.50 2.05 -0.39
CA TYR A 53 -5.30 2.97 0.78
C TYR A 53 -6.36 4.06 0.78
N LEU A 54 -6.44 4.83 -0.28
CA LEU A 54 -7.46 5.92 -0.33
C LEU A 54 -8.87 5.33 -0.51
N LYS A 55 -8.95 4.11 -1.00
CA LYS A 55 -10.30 3.48 -1.19
C LYS A 55 -11.07 3.44 0.14
N HIS A 56 -10.45 2.96 1.19
CA HIS A 56 -11.15 2.91 2.51
C HIS A 56 -10.20 2.53 3.65
N LEU A 57 -9.02 3.13 3.69
CA LEU A 57 -8.07 2.82 4.79
C LEU A 57 -7.63 4.12 5.50
N ARG A 58 -6.74 4.88 4.89
CA ARG A 58 -6.29 6.17 5.52
C ARG A 58 -5.82 5.94 6.96
N GLY A 59 -5.36 4.75 7.27
CA GLY A 59 -4.88 4.45 8.65
C GLY A 59 -3.45 4.96 8.83
N GLY A 1 -9.71 -8.05 -11.30
CA GLY A 1 -8.69 -6.96 -11.15
C GLY A 1 -7.62 -7.39 -10.15
N ARG A 2 -6.65 -8.16 -10.59
CA ARG A 2 -5.55 -8.62 -9.68
C ARG A 2 -6.14 -9.32 -8.44
N ILE A 3 -5.29 -9.86 -7.59
CA ILE A 3 -5.78 -10.54 -6.36
C ILE A 3 -6.43 -9.51 -5.43
N ALA A 4 -7.23 -9.97 -4.49
CA ALA A 4 -7.90 -9.02 -3.55
C ALA A 4 -7.05 -8.83 -2.28
N PHE A 5 -7.59 -8.13 -1.31
CA PHE A 5 -6.83 -7.88 -0.05
C PHE A 5 -7.48 -8.64 1.10
N THR A 6 -6.89 -9.73 1.53
CA THR A 6 -7.48 -10.51 2.67
C THR A 6 -7.15 -9.83 4.00
N ASP A 7 -7.30 -10.53 5.09
CA ASP A 7 -7.00 -9.92 6.43
C ASP A 7 -5.48 -9.76 6.62
N ALA A 8 -4.72 -10.69 6.13
CA ALA A 8 -3.23 -10.60 6.27
C ALA A 8 -2.67 -9.49 5.37
N ASP A 9 -3.21 -9.36 4.18
CA ASP A 9 -2.72 -8.29 3.25
C ASP A 9 -3.05 -6.90 3.80
N ASP A 10 -4.15 -6.79 4.51
CA ASP A 10 -4.54 -5.46 5.08
C ASP A 10 -3.56 -5.06 6.19
N VAL A 11 -3.07 -6.02 6.94
CA VAL A 11 -2.12 -5.70 8.05
C VAL A 11 -0.75 -5.33 7.46
N ALA A 12 -0.37 -5.95 6.38
CA ALA A 12 0.95 -5.63 5.75
C ALA A 12 0.91 -4.22 5.14
N ILE A 13 -0.06 -3.96 4.30
CA ILE A 13 -0.16 -2.61 3.67
C ILE A 13 -0.29 -1.53 4.76
N LEU A 14 -1.20 -1.72 5.68
CA LEU A 14 -1.38 -0.72 6.78
C LEU A 14 -0.06 -0.58 7.57
N THR A 15 0.42 -1.65 8.14
CA THR A 15 1.69 -1.58 8.92
C THR A 15 2.84 -1.03 8.06
N TYR A 16 2.98 -1.52 6.85
CA TYR A 16 4.07 -1.03 5.96
C TYR A 16 3.90 0.48 5.71
N VAL A 17 2.76 0.88 5.22
CA VAL A 17 2.50 2.35 4.96
C VAL A 17 2.71 3.15 6.25
N LYS A 18 2.24 2.65 7.36
CA LYS A 18 2.40 3.38 8.65
C LYS A 18 3.88 3.50 9.02
N GLU A 19 4.71 2.63 8.50
CA GLU A 19 6.17 2.68 8.82
C GLU A 19 6.90 3.62 7.85
N ASN A 20 6.46 3.68 6.62
CA ASN A 20 7.15 4.59 5.63
C ASN A 20 6.31 5.85 5.43
N ALA A 21 5.07 5.71 5.00
CA ALA A 21 4.20 6.91 4.76
C ALA A 21 4.25 7.89 5.94
N ARG A 22 5.01 8.95 5.80
CA ARG A 22 5.11 9.96 6.90
C ARG A 22 4.80 11.35 6.34
N SER A 23 5.34 11.66 5.19
CA SER A 23 5.09 13.00 4.58
C SER A 23 3.89 12.92 3.60
N PRO A 24 3.27 14.04 3.33
CA PRO A 24 2.11 14.06 2.40
C PRO A 24 2.59 13.92 0.96
N SER A 25 3.23 12.82 0.63
CA SER A 25 3.72 12.62 -0.75
C SER A 25 3.85 11.12 -1.05
N SER A 26 4.43 10.37 -0.15
CA SER A 26 4.58 8.90 -0.38
C SER A 26 3.21 8.24 -0.60
N VAL A 27 2.17 8.82 -0.03
CA VAL A 27 0.80 8.24 -0.21
C VAL A 27 0.14 8.83 -1.46
N THR A 28 0.52 10.03 -1.84
CA THR A 28 -0.08 10.66 -3.04
C THR A 28 0.71 10.23 -4.29
N GLY A 29 1.99 10.01 -4.13
CA GLY A 29 2.82 9.57 -5.29
C GLY A 29 2.67 8.06 -5.45
N ASN A 30 3.65 7.40 -6.02
CA ASN A 30 3.56 5.93 -6.21
C ASN A 30 4.91 5.27 -5.92
N ALA A 31 5.72 5.87 -5.10
CA ALA A 31 7.05 5.28 -4.78
C ALA A 31 6.96 4.36 -3.56
N LEU A 32 6.39 4.83 -2.48
CA LEU A 32 6.28 3.99 -1.24
C LEU A 32 5.52 2.70 -1.57
N TRP A 33 4.59 2.76 -2.49
CA TRP A 33 3.82 1.53 -2.87
C TRP A 33 4.68 0.70 -3.83
N LYS A 34 5.25 1.34 -4.82
CA LYS A 34 6.12 0.62 -5.79
C LYS A 34 7.29 -0.04 -5.06
N ALA A 35 7.89 0.66 -4.13
CA ALA A 35 9.03 0.08 -3.36
C ALA A 35 8.59 -1.20 -2.63
N MET A 36 7.41 -1.18 -2.05
CA MET A 36 6.90 -2.39 -1.33
C MET A 36 6.99 -3.62 -2.24
N GLU A 37 6.62 -3.47 -3.48
CA GLU A 37 6.69 -4.63 -4.43
C GLU A 37 8.15 -5.00 -4.69
N LYS A 38 9.03 -4.02 -4.74
CA LYS A 38 10.47 -4.30 -4.99
C LYS A 38 11.28 -4.22 -3.70
N SER A 39 10.65 -4.46 -2.58
CA SER A 39 11.38 -4.39 -1.28
C SER A 39 11.06 -5.60 -0.40
N SER A 40 9.86 -5.66 0.13
CA SER A 40 9.47 -6.82 1.00
C SER A 40 7.99 -6.75 1.35
N LEU A 41 7.59 -7.44 2.39
CA LEU A 41 6.15 -7.43 2.82
C LEU A 41 5.20 -7.70 1.64
N THR A 42 4.72 -8.91 1.55
CA THR A 42 3.79 -9.30 0.41
C THR A 42 4.36 -8.86 -0.93
N GLN A 43 3.60 -9.00 -1.99
CA GLN A 43 4.09 -8.59 -3.34
C GLN A 43 2.92 -8.25 -4.26
N HIS A 44 2.64 -6.98 -4.44
CA HIS A 44 1.52 -6.57 -5.33
C HIS A 44 2.05 -5.66 -6.44
N SER A 45 1.17 -5.16 -7.28
CA SER A 45 1.63 -4.27 -8.39
C SER A 45 1.57 -2.79 -7.98
N TRP A 46 1.56 -2.51 -6.70
CA TRP A 46 1.51 -1.10 -6.18
C TRP A 46 0.22 -0.33 -6.57
N GLN A 47 -0.44 -0.69 -7.64
CA GLN A 47 -1.69 0.04 -8.05
C GLN A 47 -2.82 -0.24 -7.06
N SER A 48 -3.27 -1.47 -6.99
CA SER A 48 -4.39 -1.82 -6.05
C SER A 48 -4.07 -1.38 -4.62
N LEU A 49 -2.81 -1.22 -4.30
CA LEU A 49 -2.43 -0.79 -2.91
C LEU A 49 -2.70 0.71 -2.73
N LYS A 50 -2.15 1.52 -3.58
CA LYS A 50 -2.36 3.01 -3.45
C LYS A 50 -3.82 3.36 -3.78
N ASP A 51 -4.40 2.70 -4.74
CA ASP A 51 -5.83 3.01 -5.11
C ASP A 51 -6.75 2.78 -3.92
N ARG A 52 -6.69 1.62 -3.31
CA ARG A 52 -7.56 1.33 -2.15
C ARG A 52 -7.28 2.30 -1.00
N TYR A 53 -6.07 2.79 -0.91
CA TYR A 53 -5.72 3.74 0.20
C TYR A 53 -6.57 5.02 0.06
N LEU A 54 -6.76 5.49 -1.14
CA LEU A 54 -7.57 6.73 -1.34
C LEU A 54 -9.05 6.37 -1.57
N LYS A 55 -9.39 5.11 -1.62
CA LYS A 55 -10.82 4.71 -1.85
C LYS A 55 -11.61 4.78 -0.54
N HIS A 56 -11.07 4.27 0.53
CA HIS A 56 -11.82 4.30 1.83
C HIS A 56 -10.86 4.15 3.02
N LEU A 57 -9.61 4.53 2.86
CA LEU A 57 -8.65 4.42 3.99
C LEU A 57 -8.17 5.82 4.41
N ARG A 58 -7.57 6.54 3.50
CA ARG A 58 -7.07 7.91 3.82
C ARG A 58 -8.19 8.94 3.61
N GLY A 59 -9.02 9.15 4.59
CA GLY A 59 -10.13 10.13 4.45
C GLY A 59 -9.78 11.42 5.19
N GLY A 1 -9.67 -2.86 -11.24
CA GLY A 1 -10.00 -3.14 -9.81
C GLY A 1 -9.08 -4.24 -9.28
N ARG A 2 -8.78 -5.22 -10.10
CA ARG A 2 -7.89 -6.35 -9.65
C ARG A 2 -8.42 -7.00 -8.37
N ILE A 3 -7.80 -8.06 -7.94
CA ILE A 3 -8.27 -8.76 -6.70
C ILE A 3 -8.16 -7.82 -5.49
N ALA A 4 -8.80 -8.16 -4.40
CA ALA A 4 -8.74 -7.31 -3.18
C ALA A 4 -7.63 -7.80 -2.24
N PHE A 5 -7.67 -7.41 -1.00
CA PHE A 5 -6.62 -7.86 -0.04
C PHE A 5 -7.27 -8.50 1.18
N THR A 6 -6.79 -9.66 1.59
CA THR A 6 -7.38 -10.35 2.77
C THR A 6 -7.03 -9.59 4.05
N ASP A 7 -7.73 -9.86 5.13
CA ASP A 7 -7.44 -9.15 6.43
C ASP A 7 -5.96 -9.28 6.80
N ALA A 8 -5.37 -10.43 6.54
CA ALA A 8 -3.93 -10.62 6.86
C ALA A 8 -3.08 -9.68 6.02
N ASP A 9 -3.44 -9.50 4.77
CA ASP A 9 -2.65 -8.59 3.88
C ASP A 9 -2.88 -7.14 4.30
N ASP A 10 -4.06 -6.83 4.79
CA ASP A 10 -4.35 -5.43 5.23
C ASP A 10 -3.42 -5.03 6.37
N VAL A 11 -3.21 -5.91 7.32
CA VAL A 11 -2.29 -5.58 8.46
C VAL A 11 -0.87 -5.37 7.93
N ALA A 12 -0.44 -6.20 7.01
CA ALA A 12 0.94 -6.04 6.45
C ALA A 12 1.06 -4.69 5.73
N ILE A 13 0.05 -4.32 4.99
CA ILE A 13 0.09 -3.01 4.26
C ILE A 13 -0.08 -1.85 5.24
N LEU A 14 -0.79 -2.09 6.32
CA LEU A 14 -0.99 -1.00 7.33
C LEU A 14 0.33 -0.71 8.06
N THR A 15 0.89 -1.71 8.70
CA THR A 15 2.19 -1.51 9.43
C THR A 15 3.25 -0.95 8.47
N TYR A 16 3.25 -1.39 7.25
CA TYR A 16 4.26 -0.90 6.25
C TYR A 16 4.02 0.59 5.97
N VAL A 17 2.81 0.94 5.59
CA VAL A 17 2.49 2.36 5.28
C VAL A 17 2.73 3.24 6.53
N LYS A 18 2.30 2.78 7.68
CA LYS A 18 2.49 3.57 8.93
C LYS A 18 3.99 3.74 9.24
N GLU A 19 4.83 2.92 8.68
CA GLU A 19 6.30 3.03 8.97
C GLU A 19 7.00 3.93 7.94
N ASN A 20 6.69 3.77 6.68
CA ASN A 20 7.37 4.61 5.63
C ASN A 20 6.62 5.92 5.42
N ALA A 21 5.35 5.85 5.07
CA ALA A 21 4.53 7.10 4.83
C ALA A 21 4.82 8.20 5.86
N ARG A 22 5.61 9.16 5.48
CA ARG A 22 5.93 10.29 6.41
C ARG A 22 6.14 11.57 5.60
N SER A 23 5.48 11.68 4.46
CA SER A 23 5.63 12.89 3.60
C SER A 23 4.35 13.09 2.77
N PRO A 24 4.27 14.21 2.06
CA PRO A 24 3.08 14.49 1.23
C PRO A 24 3.15 13.78 -0.12
N SER A 25 4.14 12.93 -0.35
CA SER A 25 4.23 12.21 -1.66
C SER A 25 4.34 10.70 -1.45
N SER A 26 4.05 10.22 -0.27
CA SER A 26 4.14 8.75 0.00
C SER A 26 2.79 8.06 -0.30
N VAL A 27 1.74 8.53 0.33
CA VAL A 27 0.40 7.89 0.11
C VAL A 27 -0.26 8.42 -1.18
N THR A 28 -0.09 9.68 -1.48
CA THR A 28 -0.72 10.23 -2.72
C THR A 28 0.21 10.08 -3.93
N GLY A 29 1.48 9.82 -3.70
CA GLY A 29 2.43 9.67 -4.83
C GLY A 29 2.55 8.18 -5.20
N ASN A 30 3.65 7.80 -5.78
CA ASN A 30 3.84 6.36 -6.16
C ASN A 30 5.21 5.87 -5.71
N ALA A 31 5.76 6.47 -4.67
CA ALA A 31 7.10 6.03 -4.18
C ALA A 31 6.94 4.94 -3.12
N LEU A 32 6.24 5.24 -2.05
CA LEU A 32 6.06 4.23 -0.96
C LEU A 32 5.39 2.97 -1.53
N TRP A 33 4.45 3.14 -2.43
CA TRP A 33 3.75 1.98 -3.04
C TRP A 33 4.72 1.21 -3.93
N LYS A 34 5.34 1.87 -4.88
CA LYS A 34 6.31 1.16 -5.79
C LYS A 34 7.40 0.46 -4.98
N ALA A 35 7.87 1.09 -3.92
CA ALA A 35 8.93 0.46 -3.08
C ALA A 35 8.47 -0.93 -2.61
N MET A 36 7.22 -1.04 -2.22
CA MET A 36 6.70 -2.37 -1.77
C MET A 36 6.68 -3.35 -2.95
N GLU A 37 6.26 -2.90 -4.10
CA GLU A 37 6.20 -3.79 -5.31
C GLU A 37 7.56 -4.46 -5.55
N LYS A 38 8.63 -3.82 -5.15
CA LYS A 38 9.99 -4.42 -5.37
C LYS A 38 10.34 -5.37 -4.22
N SER A 39 9.89 -5.07 -3.02
CA SER A 39 10.20 -5.96 -1.86
C SER A 39 9.08 -5.84 -0.82
N SER A 40 7.90 -6.29 -1.15
CA SER A 40 6.75 -6.20 -0.20
C SER A 40 6.68 -7.47 0.66
N LEU A 41 5.69 -7.55 1.50
CA LEU A 41 5.54 -8.76 2.37
C LEU A 41 4.49 -9.70 1.77
N THR A 42 3.55 -9.16 1.02
CA THR A 42 2.50 -10.01 0.38
C THR A 42 2.74 -10.09 -1.12
N GLN A 43 1.78 -10.60 -1.85
CA GLN A 43 1.95 -10.71 -3.34
C GLN A 43 0.98 -9.77 -4.07
N HIS A 44 1.43 -8.58 -4.36
CA HIS A 44 0.55 -7.60 -5.07
C HIS A 44 1.40 -6.49 -5.71
N SER A 45 0.79 -5.64 -6.49
CA SER A 45 1.56 -4.53 -7.14
C SER A 45 1.37 -3.23 -6.36
N TRP A 46 1.79 -2.12 -6.92
CA TRP A 46 1.64 -0.82 -6.20
C TRP A 46 0.35 -0.10 -6.66
N GLN A 47 -0.07 -0.33 -7.89
CA GLN A 47 -1.32 0.32 -8.42
C GLN A 47 -2.50 0.03 -7.50
N SER A 48 -2.99 -1.19 -7.51
CA SER A 48 -4.15 -1.55 -6.62
C SER A 48 -3.82 -1.22 -5.16
N LEU A 49 -2.56 -1.18 -4.82
CA LEU A 49 -2.16 -0.85 -3.42
C LEU A 49 -2.37 0.64 -3.14
N LYS A 50 -2.03 1.48 -4.09
CA LYS A 50 -2.21 2.95 -3.89
C LYS A 50 -3.68 3.31 -4.04
N ASP A 51 -4.34 2.77 -5.03
CA ASP A 51 -5.79 3.08 -5.24
C ASP A 51 -6.61 2.59 -4.03
N ARG A 52 -6.27 1.46 -3.50
CA ARG A 52 -7.02 0.90 -2.33
C ARG A 52 -6.90 1.84 -1.12
N TYR A 53 -5.73 2.40 -0.90
CA TYR A 53 -5.56 3.31 0.28
C TYR A 53 -6.43 4.57 0.11
N LEU A 54 -6.54 5.09 -1.08
CA LEU A 54 -7.38 6.30 -1.30
C LEU A 54 -8.81 5.91 -1.66
N LYS A 55 -9.04 4.69 -2.07
CA LYS A 55 -10.42 4.26 -2.43
C LYS A 55 -11.33 4.26 -1.19
N HIS A 56 -10.85 3.74 -0.08
CA HIS A 56 -11.69 3.73 1.15
C HIS A 56 -10.89 3.36 2.40
N LEU A 57 -9.71 3.91 2.56
CA LEU A 57 -8.90 3.61 3.78
C LEU A 57 -8.43 4.90 4.43
N ARG A 58 -7.86 5.81 3.67
CA ARG A 58 -7.39 7.11 4.25
C ARG A 58 -8.53 7.81 4.99
N GLY A 59 -8.21 8.79 5.80
CA GLY A 59 -9.27 9.54 6.55
C GLY A 59 -9.06 9.32 8.05
N GLY A 1 -2.82 -6.23 -13.40
CA GLY A 1 -2.75 -7.60 -12.78
C GLY A 1 -2.82 -7.50 -11.27
N ARG A 2 -3.95 -7.84 -10.70
CA ARG A 2 -4.10 -7.77 -9.20
C ARG A 2 -5.22 -8.70 -8.73
N ILE A 3 -5.34 -8.89 -7.45
CA ILE A 3 -6.42 -9.79 -6.92
C ILE A 3 -7.17 -9.09 -5.78
N ALA A 4 -7.86 -9.82 -4.96
CA ALA A 4 -8.62 -9.19 -3.84
C ALA A 4 -7.73 -9.03 -2.60
N PHE A 5 -8.25 -8.45 -1.56
CA PHE A 5 -7.45 -8.27 -0.31
C PHE A 5 -8.23 -8.83 0.89
N THR A 6 -7.56 -9.59 1.72
CA THR A 6 -8.25 -10.17 2.92
C THR A 6 -7.84 -9.40 4.18
N ASP A 7 -7.97 -10.02 5.33
CA ASP A 7 -7.59 -9.32 6.60
C ASP A 7 -6.07 -9.25 6.75
N ALA A 8 -5.37 -10.29 6.38
CA ALA A 8 -3.88 -10.30 6.51
C ALA A 8 -3.27 -9.21 5.62
N ASP A 9 -3.57 -9.23 4.34
CA ASP A 9 -3.01 -8.21 3.41
C ASP A 9 -3.34 -6.79 3.89
N ASP A 10 -4.49 -6.61 4.50
CA ASP A 10 -4.88 -5.26 4.99
C ASP A 10 -3.87 -4.77 6.04
N VAL A 11 -3.52 -5.62 6.96
CA VAL A 11 -2.53 -5.22 8.02
C VAL A 11 -1.17 -4.91 7.39
N ALA A 12 -0.77 -5.69 6.42
CA ALA A 12 0.54 -5.45 5.75
C ALA A 12 0.54 -4.09 5.05
N ILE A 13 -0.56 -3.74 4.42
CA ILE A 13 -0.64 -2.43 3.71
C ILE A 13 -0.70 -1.28 4.74
N LEU A 14 -1.27 -1.54 5.89
CA LEU A 14 -1.36 -0.48 6.94
C LEU A 14 -0.01 -0.34 7.65
N THR A 15 0.45 -1.39 8.27
CA THR A 15 1.77 -1.33 9.00
C THR A 15 2.88 -0.79 8.07
N TYR A 16 3.02 -1.35 6.90
CA TYR A 16 4.08 -0.87 5.96
C TYR A 16 3.96 0.64 5.73
N VAL A 17 2.78 1.11 5.44
CA VAL A 17 2.57 2.58 5.22
C VAL A 17 2.89 3.34 6.52
N LYS A 18 2.38 2.87 7.63
CA LYS A 18 2.63 3.56 8.93
C LYS A 18 4.14 3.60 9.23
N GLU A 19 4.91 2.75 8.62
CA GLU A 19 6.39 2.74 8.88
C GLU A 19 7.08 3.82 8.04
N ASN A 20 6.94 3.77 6.74
CA ASN A 20 7.61 4.79 5.87
C ASN A 20 6.68 5.99 5.67
N ALA A 21 5.49 5.76 5.17
CA ALA A 21 4.54 6.89 4.92
C ALA A 21 4.37 7.76 6.18
N ARG A 22 4.52 9.05 6.02
CA ARG A 22 4.38 9.98 7.19
C ARG A 22 4.04 11.38 6.68
N SER A 23 4.73 11.84 5.66
CA SER A 23 4.46 13.19 5.11
C SER A 23 3.41 13.09 3.99
N PRO A 24 2.92 14.23 3.54
CA PRO A 24 1.90 14.23 2.47
C PRO A 24 2.57 14.01 1.11
N SER A 25 3.21 12.87 0.94
CA SER A 25 3.88 12.57 -0.36
C SER A 25 4.01 11.06 -0.57
N SER A 26 4.44 10.35 0.45
CA SER A 26 4.59 8.87 0.31
C SER A 26 3.21 8.22 0.14
N VAL A 27 2.17 8.84 0.64
CA VAL A 27 0.80 8.25 0.52
C VAL A 27 0.14 8.69 -0.80
N THR A 28 0.60 9.77 -1.39
CA THR A 28 0.00 10.24 -2.67
C THR A 28 0.92 9.91 -3.84
N GLY A 29 2.21 10.12 -3.68
CA GLY A 29 3.17 9.82 -4.76
C GLY A 29 3.29 8.29 -4.91
N ASN A 30 3.88 7.83 -5.99
CA ASN A 30 4.02 6.36 -6.18
C ASN A 30 5.42 5.89 -5.77
N ALA A 31 6.00 6.52 -4.77
CA ALA A 31 7.36 6.11 -4.33
C ALA A 31 7.28 5.03 -3.25
N LEU A 32 6.64 5.31 -2.15
CA LEU A 32 6.52 4.30 -1.05
C LEU A 32 5.83 3.04 -1.55
N TRP A 33 4.86 3.19 -2.43
CA TRP A 33 4.13 2.00 -2.97
C TRP A 33 5.06 1.24 -3.91
N LYS A 34 5.66 1.91 -4.87
CA LYS A 34 6.58 1.23 -5.84
C LYS A 34 7.67 0.47 -5.06
N ALA A 35 8.15 1.04 -3.98
CA ALA A 35 9.21 0.36 -3.16
C ALA A 35 8.65 -0.95 -2.62
N MET A 36 7.38 -0.98 -2.30
CA MET A 36 6.75 -2.23 -1.77
C MET A 36 6.62 -3.26 -2.89
N GLU A 37 6.15 -2.85 -4.06
CA GLU A 37 5.99 -3.81 -5.20
C GLU A 37 7.33 -4.51 -5.49
N LYS A 38 8.43 -3.88 -5.17
CA LYS A 38 9.75 -4.52 -5.43
C LYS A 38 10.11 -5.44 -4.25
N SER A 39 9.78 -5.03 -3.05
CA SER A 39 10.07 -5.87 -1.85
C SER A 39 8.92 -5.76 -0.84
N SER A 40 7.77 -6.28 -1.19
CA SER A 40 6.60 -6.20 -0.25
C SER A 40 6.55 -7.42 0.65
N LEU A 41 5.85 -7.31 1.75
CA LEU A 41 5.73 -8.46 2.70
C LEU A 41 4.87 -9.56 2.07
N THR A 42 3.95 -9.18 1.22
CA THR A 42 3.06 -10.19 0.56
C THR A 42 3.38 -10.24 -0.94
N GLN A 43 2.46 -10.69 -1.75
CA GLN A 43 2.69 -10.77 -3.22
C GLN A 43 1.72 -9.85 -3.97
N HIS A 44 2.02 -8.57 -4.01
CA HIS A 44 1.12 -7.62 -4.73
C HIS A 44 1.93 -6.55 -5.45
N SER A 45 1.25 -5.65 -6.13
CA SER A 45 1.97 -4.56 -6.87
C SER A 45 1.79 -3.24 -6.12
N TRP A 46 2.15 -2.14 -6.73
CA TRP A 46 2.00 -0.82 -6.04
C TRP A 46 0.69 -0.15 -6.48
N GLN A 47 0.27 -0.35 -7.70
CA GLN A 47 -1.00 0.27 -8.20
C GLN A 47 -2.18 -0.13 -7.31
N SER A 48 -2.55 -1.39 -7.33
CA SER A 48 -3.68 -1.86 -6.46
C SER A 48 -3.41 -1.47 -4.99
N LEU A 49 -2.15 -1.37 -4.64
CA LEU A 49 -1.78 -0.99 -3.26
C LEU A 49 -2.23 0.45 -2.98
N LYS A 50 -1.77 1.37 -3.79
CA LYS A 50 -2.17 2.80 -3.61
C LYS A 50 -3.68 2.96 -3.78
N ASP A 51 -4.24 2.27 -4.75
CA ASP A 51 -5.71 2.36 -5.00
C ASP A 51 -6.51 2.02 -3.74
N ARG A 52 -6.16 0.96 -3.07
CA ARG A 52 -6.92 0.55 -1.83
C ARG A 52 -6.74 1.60 -0.73
N TYR A 53 -5.56 2.12 -0.55
CA TYR A 53 -5.33 3.13 0.52
C TYR A 53 -6.29 4.32 0.33
N LEU A 54 -6.58 4.67 -0.90
CA LEU A 54 -7.52 5.80 -1.16
C LEU A 54 -8.96 5.28 -1.26
N LYS A 55 -9.13 4.02 -1.57
CA LYS A 55 -10.52 3.45 -1.68
C LYS A 55 -11.27 3.64 -0.37
N HIS A 56 -10.65 3.32 0.74
CA HIS A 56 -11.33 3.49 2.06
C HIS A 56 -10.35 3.26 3.22
N LEU A 57 -9.23 3.94 3.21
CA LEU A 57 -8.24 3.79 4.32
C LEU A 57 -7.70 5.16 4.72
N ARG A 58 -6.86 5.74 3.89
CA ARG A 58 -6.29 7.10 4.20
C ARG A 58 -5.70 7.14 5.61
N GLY A 59 -5.41 8.31 6.11
CA GLY A 59 -4.83 8.44 7.48
C GLY A 59 -5.93 8.75 8.48
N GLY A 1 -13.52 -5.90 -5.83
CA GLY A 1 -14.05 -7.04 -5.03
C GLY A 1 -12.91 -7.66 -4.22
N ARG A 2 -12.08 -6.84 -3.60
CA ARG A 2 -10.93 -7.36 -2.80
C ARG A 2 -10.08 -8.33 -3.64
N ILE A 3 -9.14 -7.80 -4.38
CA ILE A 3 -8.28 -8.67 -5.22
C ILE A 3 -7.03 -9.09 -4.43
N ALA A 4 -6.85 -10.38 -4.24
CA ALA A 4 -5.66 -10.89 -3.49
C ALA A 4 -5.42 -10.13 -2.18
N PHE A 5 -6.45 -9.56 -1.61
CA PHE A 5 -6.27 -8.80 -0.33
C PHE A 5 -6.99 -9.51 0.81
N THR A 6 -6.25 -10.13 1.69
CA THR A 6 -6.87 -10.85 2.85
C THR A 6 -6.61 -10.08 4.15
N ASP A 7 -6.95 -10.66 5.27
CA ASP A 7 -6.71 -9.97 6.58
C ASP A 7 -5.22 -9.74 6.80
N ALA A 8 -4.41 -10.74 6.57
CA ALA A 8 -2.93 -10.58 6.76
C ALA A 8 -2.38 -9.48 5.85
N ASP A 9 -3.06 -9.20 4.77
CA ASP A 9 -2.58 -8.14 3.82
C ASP A 9 -2.99 -6.75 4.34
N ASP A 10 -4.19 -6.62 4.82
CA ASP A 10 -4.66 -5.29 5.35
C ASP A 10 -3.76 -4.81 6.48
N VAL A 11 -3.17 -5.72 7.21
CA VAL A 11 -2.27 -5.32 8.34
C VAL A 11 -0.89 -4.95 7.79
N ALA A 12 -0.39 -5.72 6.86
CA ALA A 12 0.96 -5.43 6.28
C ALA A 12 0.94 -4.11 5.51
N ILE A 13 -0.12 -3.86 4.78
CA ILE A 13 -0.22 -2.58 4.01
C ILE A 13 -0.34 -1.40 4.97
N LEU A 14 -1.22 -1.50 5.94
CA LEU A 14 -1.39 -0.38 6.93
C LEU A 14 -0.07 -0.14 7.68
N THR A 15 0.43 -1.15 8.34
CA THR A 15 1.71 -0.98 9.11
C THR A 15 2.83 -0.48 8.19
N TYR A 16 3.08 -1.18 7.11
CA TYR A 16 4.16 -0.77 6.16
C TYR A 16 3.98 0.70 5.74
N VAL A 17 2.79 1.08 5.37
CA VAL A 17 2.54 2.49 4.95
C VAL A 17 2.60 3.42 6.17
N LYS A 18 2.05 2.99 7.28
CA LYS A 18 2.07 3.85 8.51
C LYS A 18 3.41 3.73 9.25
N GLU A 19 4.36 3.00 8.72
CA GLU A 19 5.68 2.86 9.42
C GLU A 19 6.82 3.43 8.57
N ASN A 20 6.61 3.58 7.28
CA ASN A 20 7.69 4.13 6.40
C ASN A 20 7.33 5.55 5.95
N ALA A 21 6.14 5.74 5.44
CA ALA A 21 5.73 7.10 4.96
C ALA A 21 5.87 8.13 6.08
N ARG A 22 5.05 8.03 7.11
CA ARG A 22 5.11 9.02 8.23
C ARG A 22 5.00 10.46 7.70
N SER A 23 4.42 10.62 6.54
CA SER A 23 4.28 11.99 5.95
C SER A 23 3.37 11.92 4.70
N PRO A 24 2.98 13.08 4.20
CA PRO A 24 2.10 13.10 3.00
C PRO A 24 2.90 12.90 1.70
N SER A 25 4.18 12.65 1.80
CA SER A 25 5.00 12.45 0.55
C SER A 25 4.93 11.00 0.07
N SER A 26 5.09 10.05 0.96
CA SER A 26 5.04 8.61 0.56
C SER A 26 3.61 8.19 0.19
N VAL A 27 2.66 8.52 1.03
CA VAL A 27 1.24 8.12 0.74
C VAL A 27 0.73 8.85 -0.52
N THR A 28 1.35 9.93 -0.90
CA THR A 28 0.88 10.68 -2.11
C THR A 28 2.05 10.94 -3.06
N GLY A 29 3.04 10.09 -3.05
CA GLY A 29 4.22 10.29 -3.96
C GLY A 29 4.51 9.01 -4.76
N ASN A 30 3.69 7.99 -4.64
CA ASN A 30 3.92 6.71 -5.39
C ASN A 30 5.32 6.15 -5.12
N ALA A 31 5.98 6.58 -4.07
CA ALA A 31 7.34 6.06 -3.77
C ALA A 31 7.24 4.84 -2.86
N LEU A 32 6.72 5.03 -1.67
CA LEU A 32 6.57 3.87 -0.72
C LEU A 32 5.73 2.76 -1.36
N TRP A 33 4.91 3.11 -2.32
CA TRP A 33 4.06 2.08 -2.99
C TRP A 33 4.91 1.27 -3.98
N LYS A 34 5.57 1.93 -4.91
CA LYS A 34 6.44 1.19 -5.88
C LYS A 34 7.47 0.34 -5.12
N ALA A 35 8.06 0.91 -4.09
CA ALA A 35 9.09 0.17 -3.29
C ALA A 35 8.55 -1.18 -2.83
N MET A 36 7.36 -1.20 -2.27
CA MET A 36 6.78 -2.50 -1.81
C MET A 36 6.63 -3.46 -2.99
N GLU A 37 6.17 -2.97 -4.11
CA GLU A 37 6.01 -3.85 -5.33
C GLU A 37 7.28 -4.66 -5.60
N LYS A 38 8.43 -4.10 -5.32
CA LYS A 38 9.71 -4.83 -5.54
C LYS A 38 9.95 -5.84 -4.42
N SER A 39 10.01 -5.37 -3.20
CA SER A 39 10.24 -6.30 -2.05
C SER A 39 9.10 -6.19 -1.03
N SER A 40 7.91 -6.57 -1.43
CA SER A 40 6.75 -6.49 -0.49
C SER A 40 6.68 -7.73 0.40
N LEU A 41 5.78 -7.74 1.35
CA LEU A 41 5.64 -8.91 2.25
C LEU A 41 4.76 -9.97 1.59
N THR A 42 3.69 -9.55 0.94
CA THR A 42 2.78 -10.53 0.25
C THR A 42 2.98 -10.41 -1.27
N GLN A 43 1.97 -10.72 -2.04
CA GLN A 43 2.11 -10.61 -3.53
C GLN A 43 1.15 -9.56 -4.09
N HIS A 44 1.67 -8.41 -4.45
CA HIS A 44 0.79 -7.33 -5.00
C HIS A 44 1.62 -6.24 -5.68
N SER A 45 0.97 -5.32 -6.35
CA SER A 45 1.72 -4.22 -7.04
C SER A 45 1.51 -2.91 -6.27
N TRP A 46 1.92 -1.81 -6.85
CA TRP A 46 1.76 -0.50 -6.15
C TRP A 46 0.43 0.17 -6.57
N GLN A 47 0.04 -0.01 -7.81
CA GLN A 47 -1.23 0.61 -8.31
C GLN A 47 -2.42 0.16 -7.46
N SER A 48 -2.76 -1.11 -7.53
CA SER A 48 -3.92 -1.62 -6.72
C SER A 48 -3.68 -1.33 -5.23
N LEU A 49 -2.44 -1.22 -4.83
CA LEU A 49 -2.14 -0.93 -3.39
C LEU A 49 -2.39 0.55 -3.11
N LYS A 50 -2.03 1.41 -4.03
CA LYS A 50 -2.24 2.87 -3.83
C LYS A 50 -3.72 3.20 -4.01
N ASP A 51 -4.37 2.60 -4.97
CA ASP A 51 -5.82 2.88 -5.21
C ASP A 51 -6.64 2.44 -3.99
N ARG A 52 -6.26 1.35 -3.35
CA ARG A 52 -7.02 0.87 -2.16
C ARG A 52 -6.88 1.88 -1.01
N TYR A 53 -5.71 2.45 -0.84
CA TYR A 53 -5.51 3.43 0.27
C TYR A 53 -6.47 4.62 0.12
N LEU A 54 -6.66 5.09 -1.08
CA LEU A 54 -7.59 6.23 -1.30
C LEU A 54 -9.02 5.73 -1.49
N LYS A 55 -9.18 4.50 -1.95
CA LYS A 55 -10.55 3.94 -2.17
C LYS A 55 -11.37 4.03 -0.88
N HIS A 56 -10.93 3.39 0.18
CA HIS A 56 -11.69 3.44 1.46
C HIS A 56 -10.80 3.11 2.66
N LEU A 57 -9.60 3.62 2.70
CA LEU A 57 -8.70 3.35 3.88
C LEU A 57 -8.40 4.67 4.58
N ARG A 58 -7.55 5.49 4.00
CA ARG A 58 -7.20 6.81 4.62
C ARG A 58 -6.75 6.63 6.09
N GLY A 59 -6.17 5.49 6.39
CA GLY A 59 -5.71 5.24 7.79
C GLY A 59 -4.41 6.01 8.04
N GLY A 1 -12.02 -7.54 -11.21
CA GLY A 1 -11.23 -8.76 -10.88
C GLY A 1 -10.07 -8.38 -9.97
N ARG A 2 -8.96 -7.96 -10.55
CA ARG A 2 -7.76 -7.57 -9.74
C ARG A 2 -7.40 -8.69 -8.75
N ILE A 3 -6.40 -8.46 -7.91
CA ILE A 3 -6.00 -9.50 -6.93
C ILE A 3 -6.88 -9.42 -5.68
N ALA A 4 -6.82 -10.43 -4.84
CA ALA A 4 -7.65 -10.42 -3.60
C ALA A 4 -6.99 -9.56 -2.52
N PHE A 5 -7.59 -9.49 -1.36
CA PHE A 5 -7.01 -8.66 -0.26
C PHE A 5 -7.67 -9.04 1.08
N THR A 6 -7.24 -10.12 1.68
CA THR A 6 -7.84 -10.54 2.99
C THR A 6 -7.42 -9.57 4.10
N ASP A 7 -7.79 -9.88 5.32
CA ASP A 7 -7.42 -8.97 6.45
C ASP A 7 -5.91 -9.02 6.70
N ALA A 8 -5.31 -10.18 6.52
CA ALA A 8 -3.84 -10.30 6.74
C ALA A 8 -3.08 -9.40 5.76
N ASP A 9 -3.55 -9.31 4.54
CA ASP A 9 -2.85 -8.46 3.53
C ASP A 9 -2.95 -6.98 3.94
N ASP A 10 -4.09 -6.58 4.45
CA ASP A 10 -4.25 -5.15 4.87
C ASP A 10 -3.33 -4.83 6.06
N VAL A 11 -3.10 -5.80 6.91
CA VAL A 11 -2.21 -5.57 8.09
C VAL A 11 -0.79 -5.22 7.62
N ALA A 12 -0.28 -5.97 6.67
CA ALA A 12 1.10 -5.69 6.16
C ALA A 12 1.14 -4.33 5.47
N ILE A 13 0.14 -4.04 4.67
CA ILE A 13 0.10 -2.72 3.96
C ILE A 13 -0.05 -1.59 4.99
N LEU A 14 -0.93 -1.76 5.94
CA LEU A 14 -1.13 -0.71 6.99
C LEU A 14 0.17 -0.52 7.77
N THR A 15 0.62 -1.53 8.46
CA THR A 15 1.89 -1.43 9.25
C THR A 15 3.02 -0.90 8.37
N TYR A 16 3.09 -1.33 7.13
CA TYR A 16 4.16 -0.85 6.21
C TYR A 16 3.95 0.64 5.93
N VAL A 17 2.79 1.01 5.46
CA VAL A 17 2.51 2.46 5.17
C VAL A 17 2.69 3.29 6.44
N LYS A 18 2.16 2.82 7.54
CA LYS A 18 2.30 3.57 8.83
C LYS A 18 3.76 3.62 9.29
N GLU A 19 4.60 2.78 8.72
CA GLU A 19 6.05 2.78 9.12
C GLU A 19 6.87 3.72 8.25
N ASN A 20 6.70 3.66 6.94
CA ASN A 20 7.49 4.56 6.05
C ASN A 20 6.74 5.87 5.79
N ALA A 21 5.55 5.79 5.24
CA ALA A 21 4.74 7.01 4.92
C ALA A 21 4.76 8.03 6.07
N ARG A 22 5.60 9.03 5.96
CA ARG A 22 5.69 10.07 7.02
C ARG A 22 5.77 11.46 6.37
N SER A 23 5.22 11.61 5.20
CA SER A 23 5.26 12.93 4.50
C SER A 23 4.17 13.00 3.42
N PRO A 24 3.77 14.20 3.07
CA PRO A 24 2.72 14.36 2.03
C PRO A 24 3.30 14.05 0.65
N SER A 25 3.70 12.82 0.44
CA SER A 25 4.29 12.44 -0.89
C SER A 25 4.34 10.91 -1.01
N SER A 26 4.75 10.23 0.03
CA SER A 26 4.83 8.74 -0.02
C SER A 26 3.43 8.16 -0.26
N VAL A 27 2.41 8.82 0.25
CA VAL A 27 1.02 8.32 0.04
C VAL A 27 0.37 8.99 -1.18
N THR A 28 1.17 9.58 -2.05
CA THR A 28 0.59 10.25 -3.24
C THR A 28 1.69 10.54 -4.28
N GLY A 29 2.71 9.72 -4.31
CA GLY A 29 3.81 9.92 -5.29
C GLY A 29 4.25 8.57 -5.88
N ASN A 30 3.46 7.54 -5.70
CA ASN A 30 3.80 6.19 -6.24
C ASN A 30 5.21 5.75 -5.80
N ALA A 31 5.74 6.33 -4.75
CA ALA A 31 7.09 5.93 -4.27
C ALA A 31 6.99 4.81 -3.24
N LEU A 32 6.48 5.11 -2.08
CA LEU A 32 6.34 4.06 -1.01
C LEU A 32 5.56 2.86 -1.56
N TRP A 33 4.66 3.11 -2.48
CA TRP A 33 3.85 2.01 -3.08
C TRP A 33 4.74 1.18 -4.01
N LYS A 34 5.36 1.81 -4.98
CA LYS A 34 6.25 1.06 -5.92
C LYS A 34 7.33 0.30 -5.14
N ALA A 35 7.79 0.86 -4.05
CA ALA A 35 8.83 0.16 -3.22
C ALA A 35 8.30 -1.19 -2.74
N MET A 36 7.05 -1.23 -2.34
CA MET A 36 6.46 -2.52 -1.87
C MET A 36 6.51 -3.56 -2.99
N GLU A 37 6.11 -3.18 -4.18
CA GLU A 37 6.14 -4.15 -5.34
C GLU A 37 7.53 -4.76 -5.49
N LYS A 38 8.56 -4.01 -5.19
CA LYS A 38 9.95 -4.54 -5.31
C LYS A 38 10.38 -5.21 -3.99
N SER A 39 9.78 -4.81 -2.89
CA SER A 39 10.14 -5.43 -1.58
C SER A 39 9.00 -5.24 -0.57
N SER A 40 7.92 -5.95 -0.75
CA SER A 40 6.77 -5.83 0.20
C SER A 40 6.68 -7.07 1.09
N LEU A 41 5.71 -7.11 1.96
CA LEU A 41 5.55 -8.29 2.87
C LEU A 41 4.78 -9.40 2.16
N THR A 42 3.89 -9.05 1.27
CA THR A 42 3.09 -10.07 0.54
C THR A 42 3.34 -9.96 -0.97
N GLN A 43 2.74 -10.82 -1.75
CA GLN A 43 2.95 -10.77 -3.22
C GLN A 43 1.86 -9.91 -3.87
N HIS A 44 2.13 -8.65 -4.10
CA HIS A 44 1.11 -7.75 -4.72
C HIS A 44 1.79 -6.66 -5.56
N SER A 45 1.03 -5.75 -6.09
CA SER A 45 1.63 -4.65 -6.92
C SER A 45 1.51 -3.31 -6.18
N TRP A 46 1.78 -2.21 -6.85
CA TRP A 46 1.68 -0.88 -6.19
C TRP A 46 0.40 -0.14 -6.62
N GLN A 47 -0.02 -0.32 -7.85
CA GLN A 47 -1.25 0.37 -8.35
C GLN A 47 -2.45 0.02 -7.46
N SER A 48 -2.80 -1.25 -7.40
CA SER A 48 -3.95 -1.66 -6.53
C SER A 48 -3.66 -1.29 -5.07
N LEU A 49 -2.40 -1.27 -4.71
CA LEU A 49 -2.03 -0.90 -3.31
C LEU A 49 -2.31 0.58 -3.07
N LYS A 50 -1.82 1.44 -3.94
CA LYS A 50 -2.06 2.90 -3.76
C LYS A 50 -3.56 3.21 -3.90
N ASP A 51 -4.22 2.55 -4.82
CA ASP A 51 -5.68 2.80 -5.01
C ASP A 51 -6.47 2.38 -3.75
N ARG A 52 -6.11 1.27 -3.16
CA ARG A 52 -6.84 0.81 -1.94
C ARG A 52 -6.75 1.86 -0.81
N TYR A 53 -5.60 2.48 -0.64
CA TYR A 53 -5.47 3.51 0.43
C TYR A 53 -6.47 4.65 0.21
N LEU A 54 -6.55 5.16 -0.99
CA LEU A 54 -7.51 6.26 -1.28
C LEU A 54 -8.93 5.70 -1.51
N LYS A 55 -9.03 4.45 -1.88
CA LYS A 55 -10.37 3.85 -2.12
C LYS A 55 -11.24 3.94 -0.86
N HIS A 56 -10.77 3.41 0.25
CA HIS A 56 -11.59 3.49 1.50
C HIS A 56 -10.74 3.23 2.75
N LEU A 57 -9.54 3.76 2.81
CA LEU A 57 -8.71 3.56 4.04
C LEU A 57 -8.44 4.90 4.71
N ARG A 58 -7.73 5.78 4.06
CA ARG A 58 -7.43 7.12 4.67
C ARG A 58 -8.74 7.87 4.97
N GLY A 59 -8.67 8.92 5.74
CA GLY A 59 -9.90 9.69 6.08
C GLY A 59 -9.86 10.12 7.55
N GLY A 1 -0.13 -15.89 -7.17
CA GLY A 1 -0.76 -14.62 -7.60
C GLY A 1 -1.99 -14.34 -6.74
N ARG A 2 -1.82 -13.68 -5.62
CA ARG A 2 -2.98 -13.37 -4.73
C ARG A 2 -3.62 -12.05 -5.14
N ILE A 3 -4.76 -12.11 -5.79
CA ILE A 3 -5.45 -10.86 -6.22
C ILE A 3 -6.60 -10.53 -5.26
N ALA A 4 -6.27 -10.19 -4.03
CA ALA A 4 -7.33 -9.86 -3.03
C ALA A 4 -6.69 -9.22 -1.80
N PHE A 5 -7.49 -8.90 -0.81
CA PHE A 5 -6.95 -8.27 0.43
C PHE A 5 -7.70 -8.79 1.66
N THR A 6 -7.18 -9.82 2.29
CA THR A 6 -7.85 -10.38 3.50
C THR A 6 -7.39 -9.62 4.74
N ASP A 7 -7.67 -10.15 5.91
CA ASP A 7 -7.24 -9.46 7.16
C ASP A 7 -5.71 -9.47 7.29
N ALA A 8 -5.08 -10.52 6.82
CA ALA A 8 -3.59 -10.60 6.90
C ALA A 8 -2.95 -9.67 5.86
N ASP A 9 -3.58 -9.53 4.72
CA ASP A 9 -3.02 -8.64 3.66
C ASP A 9 -3.14 -7.18 4.08
N ASP A 10 -4.29 -6.79 4.58
CA ASP A 10 -4.48 -5.37 5.01
C ASP A 10 -3.49 -5.02 6.13
N VAL A 11 -3.34 -5.89 7.09
CA VAL A 11 -2.39 -5.61 8.21
C VAL A 11 -0.96 -5.46 7.67
N ALA A 12 -0.67 -6.10 6.56
CA ALA A 12 0.70 -6.00 5.98
C ALA A 12 0.87 -4.66 5.25
N ILE A 13 -0.11 -4.29 4.46
CA ILE A 13 -0.02 -3.00 3.71
C ILE A 13 -0.15 -1.82 4.69
N LEU A 14 -0.89 -2.00 5.74
CA LEU A 14 -1.06 -0.90 6.75
C LEU A 14 0.26 -0.68 7.51
N THR A 15 0.75 -1.70 8.17
CA THR A 15 2.03 -1.57 8.95
C THR A 15 3.13 -0.96 8.07
N TYR A 16 3.19 -1.33 6.82
CA TYR A 16 4.23 -0.77 5.90
C TYR A 16 3.96 0.72 5.66
N VAL A 17 2.74 1.04 5.27
CA VAL A 17 2.40 2.47 5.01
C VAL A 17 2.48 3.28 6.31
N LYS A 18 1.83 2.82 7.35
CA LYS A 18 1.86 3.56 8.65
C LYS A 18 3.29 3.84 9.11
N GLU A 19 4.23 3.02 8.71
CA GLU A 19 5.65 3.24 9.12
C GLU A 19 6.32 4.28 8.22
N ASN A 20 6.40 4.02 6.95
CA ASN A 20 7.05 5.00 6.01
C ASN A 20 6.09 6.14 5.69
N ALA A 21 4.97 5.83 5.10
CA ALA A 21 3.96 6.89 4.73
C ALA A 21 3.68 7.84 5.91
N ARG A 22 4.36 8.96 5.94
CA ARG A 22 4.14 9.94 7.04
C ARG A 22 4.48 11.35 6.55
N SER A 23 4.32 11.60 5.27
CA SER A 23 4.63 12.95 4.71
C SER A 23 3.85 13.15 3.40
N PRO A 24 3.69 14.41 3.01
CA PRO A 24 2.96 14.72 1.76
C PRO A 24 3.80 14.33 0.54
N SER A 25 4.09 13.07 0.37
CA SER A 25 4.91 12.62 -0.80
C SER A 25 4.74 11.12 -1.03
N SER A 26 4.83 10.34 0.02
CA SER A 26 4.68 8.86 -0.13
C SER A 26 3.27 8.50 -0.57
N VAL A 27 2.28 8.85 0.21
CA VAL A 27 0.86 8.51 -0.15
C VAL A 27 0.39 9.36 -1.34
N THR A 28 1.06 10.44 -1.64
CA THR A 28 0.65 11.30 -2.79
C THR A 28 1.38 10.87 -4.07
N GLY A 29 2.63 10.51 -3.94
CA GLY A 29 3.41 10.09 -5.15
C GLY A 29 3.28 8.57 -5.35
N ASN A 30 4.27 7.96 -5.92
CA ASN A 30 4.22 6.48 -6.15
C ASN A 30 5.57 5.84 -5.81
N ALA A 31 6.26 6.37 -4.84
CA ALA A 31 7.59 5.82 -4.45
C ALA A 31 7.43 4.75 -3.37
N LEU A 32 6.84 5.10 -2.26
CA LEU A 32 6.64 4.11 -1.15
C LEU A 32 5.88 2.88 -1.65
N TRP A 33 4.96 3.09 -2.55
CA TRP A 33 4.16 1.96 -3.10
C TRP A 33 5.02 1.15 -4.08
N LYS A 34 5.65 1.82 -5.00
CA LYS A 34 6.53 1.11 -6.00
C LYS A 34 7.60 0.31 -5.26
N ALA A 35 8.10 0.85 -4.17
CA ALA A 35 9.15 0.12 -3.39
C ALA A 35 8.57 -1.19 -2.86
N MET A 36 7.33 -1.16 -2.45
CA MET A 36 6.67 -2.40 -1.94
C MET A 36 6.61 -3.45 -3.05
N GLU A 37 6.22 -3.06 -4.24
CA GLU A 37 6.14 -4.02 -5.38
C GLU A 37 7.47 -4.75 -5.55
N LYS A 38 8.56 -4.09 -5.26
CA LYS A 38 9.90 -4.74 -5.39
C LYS A 38 10.24 -5.51 -4.11
N SER A 39 9.66 -5.11 -2.99
CA SER A 39 9.95 -5.82 -1.71
C SER A 39 8.82 -5.57 -0.71
N SER A 40 7.68 -6.17 -0.92
CA SER A 40 6.54 -5.96 0.02
C SER A 40 6.27 -7.25 0.82
N LEU A 41 5.34 -7.20 1.74
CA LEU A 41 5.02 -8.41 2.55
C LEU A 41 3.97 -9.27 1.83
N THR A 42 3.14 -8.65 1.03
CA THR A 42 2.08 -9.43 0.30
C THR A 42 2.41 -9.46 -1.19
N GLN A 43 1.58 -10.11 -1.98
CA GLN A 43 1.84 -10.19 -3.44
C GLN A 43 0.89 -9.26 -4.20
N HIS A 44 1.34 -8.08 -4.53
CA HIS A 44 0.47 -7.11 -5.26
C HIS A 44 1.30 -6.02 -5.90
N SER A 45 0.78 -5.40 -6.94
CA SER A 45 1.54 -4.30 -7.61
C SER A 45 1.60 -3.09 -6.67
N TRP A 46 1.99 -1.95 -7.17
CA TRP A 46 2.06 -0.74 -6.30
C TRP A 46 0.77 0.07 -6.43
N GLN A 47 0.19 0.08 -7.60
CA GLN A 47 -1.08 0.85 -7.81
C GLN A 47 -2.23 0.24 -7.02
N SER A 48 -2.39 -1.07 -7.10
CA SER A 48 -3.50 -1.73 -6.33
C SER A 48 -3.40 -1.39 -4.85
N LEU A 49 -2.20 -1.19 -4.36
CA LEU A 49 -2.01 -0.84 -2.93
C LEU A 49 -2.30 0.64 -2.70
N LYS A 50 -1.92 1.47 -3.65
CA LYS A 50 -2.17 2.94 -3.51
C LYS A 50 -3.64 3.25 -3.76
N ASP A 51 -4.21 2.65 -4.77
CA ASP A 51 -5.66 2.91 -5.08
C ASP A 51 -6.54 2.56 -3.89
N ARG A 52 -6.30 1.42 -3.28
CA ARG A 52 -7.14 1.02 -2.10
C ARG A 52 -6.94 2.02 -0.96
N TYR A 53 -5.74 2.54 -0.80
CA TYR A 53 -5.49 3.52 0.29
C TYR A 53 -6.41 4.74 0.13
N LEU A 54 -6.71 5.10 -1.09
CA LEU A 54 -7.61 6.26 -1.34
C LEU A 54 -9.07 5.79 -1.43
N LYS A 55 -9.28 4.54 -1.78
CA LYS A 55 -10.67 4.01 -1.89
C LYS A 55 -11.41 4.17 -0.57
N HIS A 56 -10.78 3.82 0.53
CA HIS A 56 -11.44 3.95 1.86
C HIS A 56 -10.46 3.68 3.01
N LEU A 57 -9.34 4.35 3.02
CA LEU A 57 -8.34 4.15 4.11
C LEU A 57 -7.73 5.50 4.52
N ARG A 58 -7.27 6.25 3.56
CA ARG A 58 -6.65 7.58 3.87
C ARG A 58 -7.66 8.49 4.57
N GLY A 59 -7.63 8.52 5.89
CA GLY A 59 -8.57 9.40 6.64
C GLY A 59 -9.93 8.70 6.78
N GLY A 1 -10.73 -6.92 -14.02
CA GLY A 1 -10.51 -5.52 -13.57
C GLY A 1 -9.31 -5.47 -12.62
N ARG A 2 -9.49 -5.92 -11.41
CA ARG A 2 -8.37 -5.90 -10.43
C ARG A 2 -8.41 -7.16 -9.56
N ILE A 3 -7.45 -7.32 -8.67
CA ILE A 3 -7.42 -8.51 -7.78
C ILE A 3 -8.04 -8.17 -6.43
N ALA A 4 -8.33 -9.17 -5.63
CA ALA A 4 -8.93 -8.91 -4.29
C ALA A 4 -7.84 -8.71 -3.23
N PHE A 5 -8.22 -8.54 -2.00
CA PHE A 5 -7.22 -8.33 -0.92
C PHE A 5 -7.62 -9.12 0.33
N THR A 6 -6.77 -10.02 0.77
CA THR A 6 -7.08 -10.83 1.98
C THR A 6 -6.83 -10.01 3.25
N ASP A 7 -7.03 -10.60 4.40
CA ASP A 7 -6.81 -9.86 5.68
C ASP A 7 -5.30 -9.68 5.95
N ALA A 8 -4.51 -10.61 5.51
CA ALA A 8 -3.03 -10.52 5.73
C ALA A 8 -2.46 -9.29 5.00
N ASP A 9 -2.85 -9.11 3.76
CA ASP A 9 -2.33 -7.95 2.96
C ASP A 9 -2.76 -6.63 3.62
N ASP A 10 -3.97 -6.58 4.13
CA ASP A 10 -4.47 -5.32 4.77
C ASP A 10 -3.56 -4.95 5.95
N VAL A 11 -3.08 -5.91 6.69
CA VAL A 11 -2.19 -5.61 7.85
C VAL A 11 -0.79 -5.23 7.36
N ALA A 12 -0.29 -5.91 6.37
CA ALA A 12 1.07 -5.59 5.84
C ALA A 12 1.08 -4.18 5.23
N ILE A 13 0.09 -3.88 4.44
CA ILE A 13 0.02 -2.52 3.80
C ILE A 13 -0.13 -1.45 4.89
N LEU A 14 -1.00 -1.66 5.84
CA LEU A 14 -1.19 -0.66 6.93
C LEU A 14 0.13 -0.45 7.69
N THR A 15 0.65 -1.51 8.28
CA THR A 15 1.94 -1.38 9.04
C THR A 15 3.03 -0.72 8.19
N TYR A 16 3.21 -1.18 6.97
CA TYR A 16 4.25 -0.58 6.08
C TYR A 16 3.96 0.91 5.86
N VAL A 17 2.75 1.23 5.49
CA VAL A 17 2.41 2.67 5.23
C VAL A 17 2.55 3.48 6.54
N LYS A 18 2.19 2.89 7.64
CA LYS A 18 2.30 3.60 8.96
C LYS A 18 3.77 3.89 9.30
N GLU A 19 4.69 3.15 8.71
CA GLU A 19 6.13 3.37 9.01
C GLU A 19 6.74 4.38 8.04
N ASN A 20 6.53 4.22 6.76
CA ASN A 20 7.13 5.18 5.77
C ASN A 20 6.17 6.35 5.52
N ALA A 21 4.98 6.07 5.03
CA ALA A 21 3.98 7.18 4.74
C ALA A 21 3.86 8.15 5.92
N ARG A 22 4.56 9.25 5.86
CA ARG A 22 4.50 10.25 6.97
C ARG A 22 4.77 11.66 6.44
N SER A 23 4.50 11.89 5.18
CA SER A 23 4.75 13.25 4.60
C SER A 23 4.09 13.35 3.22
N PRO A 24 4.00 14.55 2.69
CA PRO A 24 3.38 14.74 1.36
C PRO A 24 4.34 14.30 0.25
N SER A 25 4.62 13.02 0.17
CA SER A 25 5.55 12.51 -0.89
C SER A 25 5.50 10.98 -0.95
N SER A 26 5.43 10.32 0.18
CA SER A 26 5.37 8.81 0.19
C SER A 26 4.24 8.31 -0.70
N VAL A 27 3.02 8.63 -0.34
CA VAL A 27 1.85 8.16 -1.17
C VAL A 27 1.48 9.21 -2.22
N THR A 28 2.38 10.09 -2.56
CA THR A 28 2.08 11.14 -3.57
C THR A 28 2.90 10.88 -4.84
N GLY A 29 4.10 10.38 -4.70
CA GLY A 29 4.96 10.10 -5.88
C GLY A 29 4.94 8.60 -6.19
N ASN A 30 3.94 7.88 -5.70
CA ASN A 30 3.84 6.40 -5.97
C ASN A 30 5.17 5.70 -5.64
N ALA A 31 5.95 6.26 -4.75
CA ALA A 31 7.25 5.62 -4.38
C ALA A 31 7.06 4.64 -3.22
N LEU A 32 6.24 5.00 -2.26
CA LEU A 32 6.01 4.09 -1.09
C LEU A 32 5.24 2.84 -1.55
N TRP A 33 4.37 3.00 -2.52
CA TRP A 33 3.58 1.84 -3.02
C TRP A 33 4.47 0.90 -3.86
N LYS A 34 5.10 1.42 -4.89
CA LYS A 34 6.01 0.56 -5.72
C LYS A 34 7.01 -0.18 -4.84
N ALA A 35 7.52 0.50 -3.84
CA ALA A 35 8.50 -0.15 -2.91
C ALA A 35 7.92 -1.45 -2.34
N MET A 36 6.71 -1.40 -1.85
CA MET A 36 6.07 -2.63 -1.28
C MET A 36 6.12 -3.79 -2.30
N GLU A 37 5.86 -3.49 -3.55
CA GLU A 37 5.89 -4.55 -4.60
C GLU A 37 7.30 -5.13 -4.73
N LYS A 38 8.31 -4.29 -4.74
CA LYS A 38 9.71 -4.79 -4.88
C LYS A 38 10.37 -4.91 -3.50
N SER A 39 9.60 -5.00 -2.45
CA SER A 39 10.21 -5.12 -1.08
C SER A 39 9.63 -6.32 -0.33
N SER A 40 8.41 -6.22 0.14
CA SER A 40 7.78 -7.35 0.88
C SER A 40 6.26 -7.30 0.78
N LEU A 41 5.70 -7.91 -0.23
CA LEU A 41 4.22 -7.91 -0.40
C LEU A 41 3.77 -9.16 -1.16
N THR A 42 2.62 -9.69 -0.82
CA THR A 42 2.11 -10.92 -1.52
C THR A 42 1.99 -10.67 -3.02
N GLN A 43 1.37 -11.58 -3.73
CA GLN A 43 1.21 -11.41 -5.21
C GLN A 43 0.30 -10.22 -5.49
N HIS A 44 0.86 -9.04 -5.60
CA HIS A 44 0.04 -7.83 -5.88
C HIS A 44 0.87 -6.74 -6.54
N SER A 45 0.23 -5.77 -7.13
CA SER A 45 0.97 -4.65 -7.80
C SER A 45 0.86 -3.39 -6.95
N TRP A 46 1.53 -2.34 -7.34
CA TRP A 46 1.46 -1.07 -6.56
C TRP A 46 0.17 -0.29 -6.90
N GLN A 47 -0.26 -0.37 -8.14
CA GLN A 47 -1.51 0.36 -8.55
C GLN A 47 -2.67 0.02 -7.61
N SER A 48 -3.09 -1.22 -7.59
CA SER A 48 -4.19 -1.63 -6.67
C SER A 48 -3.80 -1.33 -5.21
N LEU A 49 -2.52 -1.24 -4.94
CA LEU A 49 -2.06 -0.96 -3.55
C LEU A 49 -2.28 0.52 -3.22
N LYS A 50 -1.86 1.39 -4.10
CA LYS A 50 -2.04 2.86 -3.85
C LYS A 50 -3.53 3.24 -3.93
N ASP A 51 -4.23 2.67 -4.87
CA ASP A 51 -5.68 2.98 -5.03
C ASP A 51 -6.46 2.59 -3.77
N ARG A 52 -6.19 1.43 -3.22
CA ARG A 52 -6.91 0.98 -2.00
C ARG A 52 -6.69 1.96 -0.84
N TYR A 53 -5.48 2.40 -0.62
CA TYR A 53 -5.22 3.34 0.52
C TYR A 53 -6.12 4.58 0.40
N LEU A 54 -6.30 5.08 -0.78
CA LEU A 54 -7.17 6.28 -0.97
C LEU A 54 -8.64 5.86 -1.09
N LYS A 55 -8.88 4.64 -1.49
CA LYS A 55 -10.29 4.17 -1.64
C LYS A 55 -11.03 4.26 -0.30
N HIS A 56 -10.44 3.78 0.77
CA HIS A 56 -11.14 3.85 2.10
C HIS A 56 -10.20 3.51 3.27
N LEU A 57 -8.98 4.00 3.26
CA LEU A 57 -8.05 3.72 4.39
C LEU A 57 -7.53 5.01 5.00
N ARG A 58 -6.95 5.88 4.20
CA ARG A 58 -6.41 7.17 4.74
C ARG A 58 -7.50 7.94 5.51
N GLY A 59 -8.71 7.90 5.02
CA GLY A 59 -9.83 8.62 5.72
C GLY A 59 -10.48 7.69 6.74
N GLY A 1 -4.07 -9.53 -13.46
CA GLY A 1 -5.08 -8.65 -12.80
C GLY A 1 -4.62 -8.33 -11.38
N ARG A 2 -5.51 -8.38 -10.43
CA ARG A 2 -5.14 -8.08 -9.01
C ARG A 2 -6.02 -8.87 -8.04
N ILE A 3 -5.40 -9.67 -7.21
CA ILE A 3 -6.19 -10.49 -6.22
C ILE A 3 -6.81 -9.59 -5.15
N ALA A 4 -7.71 -10.11 -4.36
CA ALA A 4 -8.35 -9.29 -3.30
C ALA A 4 -7.42 -9.12 -2.09
N PHE A 5 -7.97 -8.79 -0.94
CA PHE A 5 -7.13 -8.61 0.26
C PHE A 5 -7.79 -9.27 1.48
N THR A 6 -7.04 -10.08 2.20
CA THR A 6 -7.61 -10.76 3.40
C THR A 6 -7.35 -9.92 4.65
N ASP A 7 -7.57 -10.49 5.82
CA ASP A 7 -7.35 -9.72 7.09
C ASP A 7 -5.84 -9.54 7.33
N ALA A 8 -5.07 -10.56 7.09
CA ALA A 8 -3.60 -10.46 7.30
C ALA A 8 -2.96 -9.53 6.27
N ASP A 9 -3.50 -9.49 5.07
CA ASP A 9 -2.94 -8.61 4.01
C ASP A 9 -3.25 -7.14 4.32
N ASP A 10 -4.35 -6.88 5.01
CA ASP A 10 -4.70 -5.48 5.35
C ASP A 10 -3.75 -4.92 6.41
N VAL A 11 -3.55 -5.67 7.47
CA VAL A 11 -2.63 -5.20 8.56
C VAL A 11 -1.20 -5.16 8.04
N ALA A 12 -0.87 -6.03 7.10
CA ALA A 12 0.53 -6.06 6.55
C ALA A 12 0.74 -4.85 5.62
N ILE A 13 -0.24 -4.52 4.82
CA ILE A 13 -0.09 -3.35 3.90
C ILE A 13 -0.30 -2.05 4.68
N LEU A 14 -1.15 -2.09 5.67
CA LEU A 14 -1.40 -0.86 6.49
C LEU A 14 -0.14 -0.52 7.29
N THR A 15 0.38 -1.46 8.03
CA THR A 15 1.62 -1.21 8.85
C THR A 15 2.74 -0.64 7.98
N TYR A 16 3.04 -1.27 6.88
CA TYR A 16 4.12 -0.78 5.97
C TYR A 16 3.81 0.65 5.51
N VAL A 17 2.63 0.88 5.03
CA VAL A 17 2.26 2.25 4.54
C VAL A 17 2.28 3.26 5.70
N LYS A 18 1.79 2.87 6.85
CA LYS A 18 1.77 3.82 8.01
C LYS A 18 3.12 3.89 8.73
N GLU A 19 4.09 3.10 8.33
CA GLU A 19 5.42 3.14 9.01
C GLU A 19 6.44 3.93 8.19
N ASN A 20 6.36 3.85 6.88
CA ASN A 20 7.34 4.60 6.02
C ASN A 20 6.77 5.96 5.62
N ALA A 21 5.55 6.00 5.14
CA ALA A 21 4.95 7.31 4.71
C ALA A 21 5.08 8.37 5.80
N ARG A 22 4.30 8.26 6.86
CA ARG A 22 4.37 9.26 7.98
C ARG A 22 4.24 10.69 7.44
N SER A 23 3.62 10.85 6.30
CA SER A 23 3.45 12.21 5.71
C SER A 23 2.46 12.18 4.53
N PRO A 24 1.91 13.33 4.20
CA PRO A 24 0.96 13.39 3.06
C PRO A 24 1.72 13.45 1.74
N SER A 25 2.54 12.46 1.47
CA SER A 25 3.32 12.45 0.19
C SER A 25 3.54 11.02 -0.29
N SER A 26 3.91 10.14 0.60
CA SER A 26 4.14 8.71 0.19
C SER A 26 2.81 8.04 -0.13
N VAL A 27 1.88 8.08 0.78
CA VAL A 27 0.55 7.44 0.55
C VAL A 27 -0.16 8.12 -0.64
N THR A 28 0.21 9.33 -0.96
CA THR A 28 -0.44 10.05 -2.10
C THR A 28 0.39 9.89 -3.38
N GLY A 29 1.68 9.98 -3.27
CA GLY A 29 2.56 9.83 -4.47
C GLY A 29 2.63 8.36 -4.88
N ASN A 30 3.74 7.95 -5.45
CA ASN A 30 3.89 6.53 -5.88
C ASN A 30 5.29 6.02 -5.52
N ALA A 31 5.88 6.57 -4.48
CA ALA A 31 7.25 6.12 -4.08
C ALA A 31 7.17 4.98 -3.08
N LEU A 32 6.52 5.20 -1.95
CA LEU A 32 6.40 4.12 -0.92
C LEU A 32 5.72 2.88 -1.52
N TRP A 33 4.92 3.06 -2.55
CA TRP A 33 4.21 1.91 -3.17
C TRP A 33 5.14 1.19 -4.16
N LYS A 34 5.70 1.91 -5.09
CA LYS A 34 6.61 1.26 -6.10
C LYS A 34 7.76 0.54 -5.38
N ALA A 35 8.29 1.13 -4.33
CA ALA A 35 9.40 0.48 -3.58
C ALA A 35 8.91 -0.85 -3.00
N MET A 36 7.76 -0.84 -2.37
CA MET A 36 7.21 -2.11 -1.79
C MET A 36 6.97 -3.13 -2.90
N GLU A 37 6.48 -2.69 -4.04
CA GLU A 37 6.22 -3.65 -5.17
C GLU A 37 7.47 -4.48 -5.49
N LYS A 38 8.63 -3.89 -5.39
CA LYS A 38 9.89 -4.64 -5.68
C LYS A 38 10.18 -5.63 -4.54
N SER A 39 9.88 -5.25 -3.33
CA SER A 39 10.15 -6.16 -2.17
C SER A 39 9.06 -6.01 -1.10
N SER A 40 7.84 -6.40 -1.42
CA SER A 40 6.73 -6.28 -0.44
C SER A 40 6.58 -7.58 0.37
N LEU A 41 5.83 -7.54 1.43
CA LEU A 41 5.63 -8.76 2.27
C LEU A 41 4.64 -9.70 1.57
N THR A 42 3.63 -9.14 0.97
CA THR A 42 2.62 -9.99 0.25
C THR A 42 2.89 -9.94 -1.25
N GLN A 43 1.94 -10.34 -2.05
CA GLN A 43 2.15 -10.32 -3.53
C GLN A 43 1.16 -9.35 -4.20
N HIS A 44 1.57 -8.13 -4.40
CA HIS A 44 0.67 -7.13 -5.04
C HIS A 44 1.46 -6.05 -5.77
N SER A 45 0.82 -5.35 -6.67
CA SER A 45 1.53 -4.27 -7.43
C SER A 45 1.63 -3.02 -6.55
N TRP A 46 2.02 -1.91 -7.12
CA TRP A 46 2.13 -0.66 -6.32
C TRP A 46 0.85 0.17 -6.45
N GLN A 47 0.27 0.19 -7.62
CA GLN A 47 -0.99 0.98 -7.83
C GLN A 47 -2.17 0.31 -7.13
N SER A 48 -2.26 -0.99 -7.22
CA SER A 48 -3.38 -1.72 -6.55
C SER A 48 -3.40 -1.40 -5.05
N LEU A 49 -2.25 -1.10 -4.50
CA LEU A 49 -2.17 -0.76 -3.05
C LEU A 49 -2.46 0.73 -2.86
N LYS A 50 -1.91 1.56 -3.71
CA LYS A 50 -2.15 3.03 -3.60
C LYS A 50 -3.62 3.35 -3.85
N ASP A 51 -4.28 2.54 -4.65
CA ASP A 51 -5.71 2.79 -4.96
C ASP A 51 -6.60 2.38 -3.78
N ARG A 52 -6.49 1.16 -3.33
CA ARG A 52 -7.34 0.69 -2.19
C ARG A 52 -7.08 1.52 -0.94
N TYR A 53 -5.84 1.87 -0.67
CA TYR A 53 -5.53 2.69 0.56
C TYR A 53 -6.26 4.03 0.49
N LEU A 54 -6.13 4.73 -0.61
CA LEU A 54 -6.81 6.05 -0.74
C LEU A 54 -8.31 5.83 -1.04
N LYS A 55 -8.67 4.69 -1.57
CA LYS A 55 -10.10 4.42 -1.88
C LYS A 55 -10.96 4.51 -0.61
N HIS A 56 -10.58 3.80 0.43
CA HIS A 56 -11.39 3.86 1.68
C HIS A 56 -10.61 3.32 2.89
N LEU A 57 -9.38 3.73 3.06
CA LEU A 57 -8.59 3.27 4.25
C LEU A 57 -7.91 4.47 4.90
N ARG A 58 -7.16 5.23 4.13
CA ARG A 58 -6.47 6.44 4.68
C ARG A 58 -5.66 6.09 5.95
N GLY A 59 -5.06 7.07 6.57
CA GLY A 59 -4.27 6.81 7.80
C GLY A 59 -4.53 7.92 8.83
N GLY A 1 -11.09 -7.78 -11.68
CA GLY A 1 -9.93 -8.10 -12.58
C GLY A 1 -8.66 -8.26 -11.74
N ARG A 2 -8.59 -7.60 -10.61
CA ARG A 2 -7.38 -7.71 -9.75
C ARG A 2 -7.63 -8.66 -8.58
N ILE A 3 -6.69 -8.78 -7.68
CA ILE A 3 -6.86 -9.68 -6.50
C ILE A 3 -7.61 -8.95 -5.38
N ALA A 4 -8.05 -9.69 -4.39
CA ALA A 4 -8.79 -9.05 -3.25
C ALA A 4 -7.81 -8.73 -2.11
N PHE A 5 -8.32 -8.43 -0.95
CA PHE A 5 -7.44 -8.10 0.20
C PHE A 5 -7.99 -8.72 1.49
N THR A 6 -7.46 -9.84 1.89
CA THR A 6 -7.94 -10.51 3.15
C THR A 6 -7.59 -9.64 4.37
N ASP A 7 -7.63 -10.23 5.53
CA ASP A 7 -7.29 -9.45 6.77
C ASP A 7 -5.78 -9.37 6.96
N ALA A 8 -5.07 -10.42 6.62
CA ALA A 8 -3.59 -10.42 6.77
C ALA A 8 -2.97 -9.37 5.83
N ASP A 9 -3.62 -9.11 4.72
CA ASP A 9 -3.09 -8.11 3.74
C ASP A 9 -3.36 -6.69 4.25
N ASP A 10 -4.56 -6.46 4.77
CA ASP A 10 -4.89 -5.09 5.28
C ASP A 10 -3.92 -4.69 6.40
N VAL A 11 -3.58 -5.61 7.24
CA VAL A 11 -2.63 -5.30 8.36
C VAL A 11 -1.22 -5.07 7.79
N ALA A 12 -0.86 -5.78 6.76
CA ALA A 12 0.49 -5.60 6.15
C ALA A 12 0.55 -4.26 5.41
N ILE A 13 -0.44 -3.97 4.61
CA ILE A 13 -0.45 -2.68 3.87
C ILE A 13 -0.49 -1.50 4.84
N LEU A 14 -1.04 -1.71 6.01
CA LEU A 14 -1.12 -0.60 7.02
C LEU A 14 0.21 -0.49 7.77
N THR A 15 0.59 -1.53 8.48
CA THR A 15 1.88 -1.51 9.26
C THR A 15 3.05 -1.03 8.39
N TYR A 16 3.04 -1.36 7.13
CA TYR A 16 4.16 -0.92 6.23
C TYR A 16 3.98 0.55 5.83
N VAL A 17 2.79 0.94 5.48
CA VAL A 17 2.55 2.36 5.07
C VAL A 17 2.61 3.28 6.29
N LYS A 18 1.99 2.90 7.37
CA LYS A 18 2.01 3.75 8.60
C LYS A 18 3.43 3.89 9.15
N GLU A 19 4.25 2.89 8.94
CA GLU A 19 5.66 2.96 9.45
C GLU A 19 6.54 3.77 8.50
N ASN A 20 6.20 3.80 7.24
CA ASN A 20 7.03 4.56 6.25
C ASN A 20 6.36 5.89 5.91
N ALA A 21 5.18 5.85 5.33
CA ALA A 21 4.45 7.11 4.94
C ALA A 21 4.45 8.13 6.09
N ARG A 22 5.31 9.12 6.01
CA ARG A 22 5.37 10.15 7.09
C ARG A 22 5.54 11.54 6.48
N SER A 23 6.41 11.68 5.51
CA SER A 23 6.62 13.01 4.88
C SER A 23 5.80 13.13 3.59
N PRO A 24 5.59 14.35 3.13
CA PRO A 24 4.81 14.56 1.89
C PRO A 24 5.62 14.11 0.68
N SER A 25 5.87 12.83 0.56
CA SER A 25 6.66 12.32 -0.60
C SER A 25 6.55 10.79 -0.70
N SER A 26 6.56 10.11 0.43
CA SER A 26 6.47 8.62 0.40
C SER A 26 5.20 8.17 -0.34
N VAL A 27 4.05 8.51 0.17
CA VAL A 27 2.78 8.10 -0.52
C VAL A 27 2.20 9.28 -1.31
N THR A 28 3.03 10.20 -1.72
CA THR A 28 2.54 11.37 -2.51
C THR A 28 2.91 11.19 -3.99
N GLY A 29 3.99 10.52 -4.26
CA GLY A 29 4.42 10.31 -5.68
C GLY A 29 4.42 8.81 -5.99
N ASN A 30 3.58 8.04 -5.33
CA ASN A 30 3.50 6.57 -5.58
C ASN A 30 4.89 5.92 -5.46
N ALA A 31 5.73 6.42 -4.60
CA ALA A 31 7.09 5.83 -4.45
C ALA A 31 7.11 4.75 -3.36
N LEU A 32 6.60 5.05 -2.19
CA LEU A 32 6.58 4.03 -1.09
C LEU A 32 5.85 2.77 -1.54
N TRP A 33 4.91 2.92 -2.44
CA TRP A 33 4.16 1.72 -2.95
C TRP A 33 5.00 1.03 -4.02
N LYS A 34 5.57 1.80 -4.92
CA LYS A 34 6.42 1.21 -5.99
C LYS A 34 7.60 0.48 -5.35
N ALA A 35 8.15 1.05 -4.29
CA ALA A 35 9.30 0.39 -3.60
C ALA A 35 8.88 -1.00 -3.11
N MET A 36 7.70 -1.09 -2.53
CA MET A 36 7.21 -2.42 -2.04
C MET A 36 7.11 -3.40 -3.21
N GLU A 37 6.65 -2.92 -4.36
CA GLU A 37 6.53 -3.82 -5.56
C GLU A 37 7.86 -4.52 -5.84
N LYS A 38 8.96 -3.83 -5.62
CA LYS A 38 10.30 -4.46 -5.87
C LYS A 38 10.60 -5.48 -4.78
N SER A 39 10.09 -5.28 -3.59
CA SER A 39 10.35 -6.24 -2.47
C SER A 39 9.31 -6.06 -1.35
N SER A 40 8.10 -6.52 -1.58
CA SER A 40 7.04 -6.39 -0.54
C SER A 40 6.87 -7.72 0.22
N LEU A 41 5.90 -7.78 1.10
CA LEU A 41 5.67 -9.03 1.87
C LEU A 41 4.55 -9.85 1.21
N THR A 42 3.54 -9.20 0.72
CA THR A 42 2.42 -9.92 0.05
C THR A 42 2.58 -9.85 -1.48
N GLN A 43 1.64 -10.37 -2.20
CA GLN A 43 1.73 -10.33 -3.70
C GLN A 43 0.73 -9.32 -4.27
N HIS A 44 1.20 -8.15 -4.63
CA HIS A 44 0.28 -7.12 -5.19
C HIS A 44 1.08 -6.04 -5.92
N SER A 45 0.43 -5.34 -6.82
CA SER A 45 1.14 -4.26 -7.57
C SER A 45 1.04 -2.95 -6.77
N TRP A 46 2.04 -2.10 -6.89
CA TRP A 46 2.02 -0.81 -6.12
C TRP A 46 0.68 -0.05 -6.35
N GLN A 47 0.15 -0.15 -7.55
CA GLN A 47 -1.13 0.57 -7.84
C GLN A 47 -2.26 0.03 -6.97
N SER A 48 -2.50 -1.26 -7.01
CA SER A 48 -3.59 -1.86 -6.17
C SER A 48 -3.41 -1.49 -4.70
N LEU A 49 -2.20 -1.18 -4.30
CA LEU A 49 -1.95 -0.80 -2.88
C LEU A 49 -2.27 0.68 -2.66
N LYS A 50 -1.97 1.51 -3.64
CA LYS A 50 -2.27 2.96 -3.51
C LYS A 50 -3.73 3.23 -3.84
N ASP A 51 -4.29 2.46 -4.74
CA ASP A 51 -5.74 2.66 -5.11
C ASP A 51 -6.63 2.29 -3.93
N ARG A 52 -6.35 1.19 -3.28
CA ARG A 52 -7.21 0.77 -2.12
C ARG A 52 -7.01 1.74 -0.96
N TYR A 53 -5.79 2.22 -0.76
CA TYR A 53 -5.54 3.18 0.36
C TYR A 53 -6.39 4.44 0.16
N LEU A 54 -6.64 4.81 -1.07
CA LEU A 54 -7.46 6.01 -1.35
C LEU A 54 -8.95 5.62 -1.48
N LYS A 55 -9.22 4.40 -1.85
CA LYS A 55 -10.64 3.95 -2.02
C LYS A 55 -11.41 4.13 -0.71
N HIS A 56 -10.86 3.68 0.39
CA HIS A 56 -11.57 3.83 1.69
C HIS A 56 -10.65 3.53 2.88
N LEU A 57 -9.48 4.12 2.91
CA LEU A 57 -8.54 3.90 4.06
C LEU A 57 -7.97 5.23 4.55
N ARG A 58 -7.39 6.00 3.66
CA ARG A 58 -6.81 7.31 4.06
C ARG A 58 -7.57 8.46 3.37
N GLY A 59 -8.56 9.00 4.03
CA GLY A 59 -9.34 10.12 3.42
C GLY A 59 -10.57 10.41 4.28
N GLY A 1 -12.06 -6.66 -11.90
CA GLY A 1 -11.69 -5.46 -11.10
C GLY A 1 -10.16 -5.38 -10.99
N ARG A 2 -9.67 -5.03 -9.83
CA ARG A 2 -8.19 -4.92 -9.62
C ARG A 2 -7.72 -5.96 -8.60
N ILE A 3 -7.65 -7.21 -9.01
CA ILE A 3 -7.20 -8.31 -8.10
C ILE A 3 -7.90 -8.23 -6.71
N ALA A 4 -7.54 -9.07 -5.79
CA ALA A 4 -8.20 -9.05 -4.45
C ALA A 4 -7.14 -9.00 -3.33
N PHE A 5 -7.52 -8.51 -2.17
CA PHE A 5 -6.55 -8.43 -1.04
C PHE A 5 -7.02 -9.32 0.11
N THR A 6 -6.10 -9.91 0.83
CA THR A 6 -6.46 -10.79 1.97
C THR A 6 -6.40 -10.01 3.29
N ASP A 7 -6.89 -10.59 4.35
CA ASP A 7 -6.86 -9.88 5.67
C ASP A 7 -5.42 -9.64 6.11
N ALA A 8 -4.52 -10.54 5.77
CA ALA A 8 -3.09 -10.36 6.15
C ALA A 8 -2.42 -9.32 5.26
N ASP A 9 -2.82 -9.23 4.02
CA ASP A 9 -2.22 -8.23 3.09
C ASP A 9 -2.70 -6.83 3.43
N ASP A 10 -3.94 -6.69 3.82
CA ASP A 10 -4.47 -5.34 4.16
C ASP A 10 -3.75 -4.77 5.38
N VAL A 11 -3.56 -5.57 6.39
CA VAL A 11 -2.84 -5.08 7.61
C VAL A 11 -1.35 -4.90 7.31
N ALA A 12 -0.78 -5.80 6.54
CA ALA A 12 0.67 -5.68 6.21
C ALA A 12 0.92 -4.39 5.42
N ILE A 13 0.08 -4.11 4.45
CA ILE A 13 0.25 -2.87 3.64
C ILE A 13 0.01 -1.64 4.53
N LEU A 14 -0.96 -1.72 5.41
CA LEU A 14 -1.24 -0.56 6.32
C LEU A 14 -0.03 -0.30 7.22
N THR A 15 0.38 -1.29 7.97
CA THR A 15 1.57 -1.11 8.88
C THR A 15 2.78 -0.57 8.10
N TYR A 16 3.05 -1.14 6.94
CA TYR A 16 4.21 -0.65 6.12
C TYR A 16 4.01 0.82 5.76
N VAL A 17 2.89 1.13 5.15
CA VAL A 17 2.61 2.55 4.77
C VAL A 17 2.60 3.43 6.03
N LYS A 18 1.88 3.02 7.04
CA LYS A 18 1.84 3.81 8.31
C LYS A 18 3.26 3.97 8.90
N GLU A 19 4.16 3.09 8.53
CA GLU A 19 5.55 3.19 9.06
C GLU A 19 6.37 4.17 8.22
N ASN A 20 6.36 4.01 6.92
CA ASN A 20 7.16 4.93 6.04
C ASN A 20 6.30 6.15 5.66
N ALA A 21 5.16 5.93 5.06
CA ALA A 21 4.29 7.06 4.63
C ALA A 21 4.07 8.05 5.77
N ARG A 22 4.67 9.21 5.67
CA ARG A 22 4.51 10.24 6.73
C ARG A 22 4.54 11.64 6.09
N SER A 23 5.49 11.87 5.21
CA SER A 23 5.58 13.19 4.54
C SER A 23 4.54 13.27 3.41
N PRO A 24 4.24 14.48 2.98
CA PRO A 24 3.25 14.65 1.89
C PRO A 24 3.87 14.26 0.54
N SER A 25 4.11 12.99 0.33
CA SER A 25 4.72 12.54 -0.96
C SER A 25 4.66 11.01 -1.09
N SER A 26 5.02 10.30 -0.06
CA SER A 26 4.99 8.80 -0.13
C SER A 26 3.58 8.30 -0.48
N VAL A 27 2.57 9.02 -0.08
CA VAL A 27 1.17 8.58 -0.39
C VAL A 27 0.63 9.32 -1.63
N THR A 28 1.50 9.92 -2.42
CA THR A 28 1.03 10.64 -3.64
C THR A 28 2.13 10.68 -4.71
N GLY A 29 3.05 9.74 -4.65
CA GLY A 29 4.15 9.70 -5.67
C GLY A 29 4.36 8.27 -6.17
N ASN A 30 3.48 7.35 -5.82
CA ASN A 30 3.63 5.92 -6.27
C ASN A 30 5.02 5.36 -5.93
N ALA A 31 5.72 5.96 -4.99
CA ALA A 31 7.08 5.45 -4.63
C ALA A 31 6.98 4.44 -3.48
N LEU A 32 6.48 4.87 -2.34
CA LEU A 32 6.36 3.93 -1.17
C LEU A 32 5.59 2.67 -1.57
N TRP A 33 4.70 2.80 -2.53
CA TRP A 33 3.92 1.61 -2.99
C TRP A 33 4.79 0.80 -3.94
N LYS A 34 5.43 1.47 -4.88
CA LYS A 34 6.33 0.77 -5.84
C LYS A 34 7.44 0.04 -5.08
N ALA A 35 8.07 0.70 -4.15
CA ALA A 35 9.16 0.06 -3.36
C ALA A 35 8.62 -1.14 -2.58
N MET A 36 7.39 -1.07 -2.14
CA MET A 36 6.80 -2.21 -1.37
C MET A 36 6.69 -3.45 -2.26
N GLU A 37 6.03 -3.32 -3.39
CA GLU A 37 5.89 -4.50 -4.32
C GLU A 37 7.28 -5.03 -4.74
N LYS A 38 8.28 -4.19 -4.70
CA LYS A 38 9.65 -4.63 -5.09
C LYS A 38 10.47 -5.02 -3.86
N SER A 39 10.09 -4.56 -2.70
CA SER A 39 10.85 -4.90 -1.45
C SER A 39 10.29 -6.17 -0.81
N SER A 40 9.16 -6.08 -0.17
CA SER A 40 8.56 -7.29 0.48
C SER A 40 7.03 -7.24 0.41
N LEU A 41 6.45 -7.91 -0.54
CA LEU A 41 4.97 -7.92 -0.67
C LEU A 41 4.53 -9.17 -1.43
N THR A 42 3.27 -9.52 -1.34
CA THR A 42 2.77 -10.73 -2.06
C THR A 42 2.56 -10.41 -3.54
N GLN A 43 1.95 -11.32 -4.26
CA GLN A 43 1.72 -11.08 -5.72
C GLN A 43 0.67 -9.98 -5.91
N HIS A 44 1.09 -8.74 -5.89
CA HIS A 44 0.12 -7.61 -6.06
C HIS A 44 0.79 -6.45 -6.79
N SER A 45 0.00 -5.51 -7.23
CA SER A 45 0.58 -4.33 -7.96
C SER A 45 0.61 -3.11 -7.03
N TRP A 46 1.68 -2.36 -7.06
CA TRP A 46 1.79 -1.14 -6.19
C TRP A 46 0.52 -0.26 -6.30
N GLN A 47 -0.10 -0.27 -7.46
CA GLN A 47 -1.34 0.55 -7.66
C GLN A 47 -2.54 -0.09 -6.97
N SER A 48 -2.63 -1.40 -7.00
CA SER A 48 -3.79 -2.09 -6.33
C SER A 48 -3.86 -1.70 -4.85
N LEU A 49 -2.74 -1.68 -4.18
CA LEU A 49 -2.75 -1.29 -2.73
C LEU A 49 -2.70 0.24 -2.58
N LYS A 50 -2.27 0.96 -3.59
CA LYS A 50 -2.23 2.45 -3.50
C LYS A 50 -3.66 3.00 -3.64
N ASP A 51 -4.43 2.43 -4.53
CA ASP A 51 -5.83 2.91 -4.74
C ASP A 51 -6.70 2.53 -3.54
N ARG A 52 -6.62 1.31 -3.08
CA ARG A 52 -7.44 0.88 -1.90
C ARG A 52 -7.18 1.79 -0.71
N TYR A 53 -5.95 2.23 -0.54
CA TYR A 53 -5.62 3.12 0.61
C TYR A 53 -6.44 4.41 0.51
N LEU A 54 -6.12 5.24 -0.45
CA LEU A 54 -6.88 6.52 -0.64
C LEU A 54 -8.37 6.26 -0.89
N LYS A 55 -8.74 5.05 -1.25
CA LYS A 55 -10.18 4.74 -1.52
C LYS A 55 -10.99 4.74 -0.21
N HIS A 56 -10.48 4.12 0.83
CA HIS A 56 -11.25 4.08 2.12
C HIS A 56 -10.32 3.82 3.31
N LEU A 57 -9.12 4.34 3.27
CA LEU A 57 -8.18 4.14 4.42
C LEU A 57 -7.49 5.46 4.76
N ARG A 58 -6.95 6.12 3.77
CA ARG A 58 -6.26 7.43 4.02
C ARG A 58 -7.25 8.44 4.61
N GLY A 59 -7.09 8.78 5.87
CA GLY A 59 -8.01 9.76 6.50
C GLY A 59 -7.30 10.46 7.66
N GLY A 1 -10.96 -4.48 -13.43
CA GLY A 1 -10.32 -5.82 -13.45
C GLY A 1 -9.15 -5.85 -12.47
N ARG A 2 -9.38 -5.45 -11.25
CA ARG A 2 -8.27 -5.45 -10.23
C ARG A 2 -8.38 -6.69 -9.35
N ILE A 3 -7.27 -7.20 -8.89
CA ILE A 3 -7.30 -8.41 -8.01
C ILE A 3 -7.89 -8.05 -6.65
N ALA A 4 -8.53 -9.00 -6.00
CA ALA A 4 -9.13 -8.72 -4.66
C ALA A 4 -8.05 -8.64 -3.59
N PHE A 5 -8.45 -8.41 -2.36
CA PHE A 5 -7.45 -8.32 -1.24
C PHE A 5 -7.82 -9.28 -0.11
N THR A 6 -6.99 -9.39 0.89
CA THR A 6 -7.28 -10.30 2.02
C THR A 6 -7.04 -9.59 3.35
N ASP A 7 -7.37 -10.22 4.45
CA ASP A 7 -7.16 -9.57 5.79
C ASP A 7 -5.66 -9.38 6.06
N ALA A 8 -4.85 -10.33 5.70
CA ALA A 8 -3.38 -10.20 5.95
C ALA A 8 -2.79 -9.09 5.08
N ASP A 9 -3.21 -9.01 3.83
CA ASP A 9 -2.67 -7.95 2.93
C ASP A 9 -3.04 -6.55 3.46
N ASP A 10 -4.25 -6.38 3.92
CA ASP A 10 -4.68 -5.05 4.46
C ASP A 10 -3.78 -4.62 5.63
N VAL A 11 -3.66 -5.46 6.63
CA VAL A 11 -2.80 -5.11 7.80
C VAL A 11 -1.36 -4.87 7.35
N ALA A 12 -0.94 -5.51 6.30
CA ALA A 12 0.46 -5.31 5.80
C ALA A 12 0.59 -3.96 5.09
N ILE A 13 -0.29 -3.67 4.17
CA ILE A 13 -0.22 -2.37 3.44
C ILE A 13 -0.42 -1.21 4.41
N LEU A 14 -1.24 -1.40 5.41
CA LEU A 14 -1.48 -0.31 6.40
C LEU A 14 -0.24 -0.12 7.28
N THR A 15 0.17 -1.14 7.98
CA THR A 15 1.39 -1.02 8.86
C THR A 15 2.60 -0.56 8.03
N TYR A 16 2.73 -1.05 6.83
CA TYR A 16 3.88 -0.64 5.96
C TYR A 16 3.75 0.84 5.60
N VAL A 17 2.62 1.23 5.07
CA VAL A 17 2.41 2.65 4.68
C VAL A 17 2.45 3.56 5.93
N LYS A 18 1.90 3.09 7.02
CA LYS A 18 1.90 3.92 8.27
C LYS A 18 3.31 3.99 8.89
N GLU A 19 4.22 3.16 8.45
CA GLU A 19 5.59 3.17 9.03
C GLU A 19 6.51 4.06 8.19
N ASN A 20 6.39 3.99 6.89
CA ASN A 20 7.28 4.83 6.01
C ASN A 20 6.54 6.09 5.56
N ALA A 21 5.42 5.93 4.89
CA ALA A 21 4.65 7.12 4.40
C ALA A 21 4.35 8.09 5.55
N ARG A 22 5.01 9.22 5.56
CA ARG A 22 4.77 10.22 6.64
C ARG A 22 5.12 11.62 6.13
N SER A 23 4.99 11.84 4.85
CA SER A 23 5.31 13.18 4.26
C SER A 23 4.54 13.37 2.94
N PRO A 24 4.49 14.60 2.47
CA PRO A 24 3.77 14.88 1.21
C PRO A 24 4.58 14.37 0.00
N SER A 25 4.79 13.07 -0.07
CA SER A 25 5.57 12.51 -1.21
C SER A 25 5.31 11.01 -1.35
N SER A 26 5.43 10.26 -0.29
CA SER A 26 5.19 8.79 -0.36
C SER A 26 3.74 8.50 -0.78
N VAL A 27 2.79 8.90 0.03
CA VAL A 27 1.35 8.66 -0.31
C VAL A 27 0.91 9.55 -1.48
N THR A 28 1.66 10.58 -1.79
CA THR A 28 1.28 11.49 -2.91
C THR A 28 1.93 11.01 -4.22
N GLY A 29 3.06 10.36 -4.13
CA GLY A 29 3.74 9.88 -5.37
C GLY A 29 3.52 8.37 -5.53
N ASN A 30 4.48 7.68 -6.10
CA ASN A 30 4.33 6.21 -6.30
C ASN A 30 5.65 5.51 -5.96
N ALA A 31 6.38 6.04 -5.01
CA ALA A 31 7.68 5.41 -4.63
C ALA A 31 7.48 4.40 -3.50
N LEU A 32 6.99 4.83 -2.37
CA LEU A 32 6.77 3.89 -1.22
C LEU A 32 5.90 2.71 -1.65
N TRP A 33 5.09 2.88 -2.67
CA TRP A 33 4.21 1.77 -3.14
C TRP A 33 4.98 0.88 -4.11
N LYS A 34 5.61 1.47 -5.10
CA LYS A 34 6.39 0.66 -6.09
C LYS A 34 7.50 -0.12 -5.38
N ALA A 35 8.12 0.49 -4.39
CA ALA A 35 9.21 -0.22 -3.65
C ALA A 35 8.61 -1.35 -2.80
N MET A 36 7.53 -1.09 -2.13
CA MET A 36 6.88 -2.14 -1.28
C MET A 36 6.60 -3.40 -2.12
N GLU A 37 6.14 -3.21 -3.33
CA GLU A 37 5.85 -4.39 -4.22
C GLU A 37 7.13 -5.18 -4.46
N LYS A 38 8.21 -4.50 -4.78
CA LYS A 38 9.50 -5.20 -5.03
C LYS A 38 10.36 -5.23 -3.76
N SER A 39 9.74 -5.07 -2.61
CA SER A 39 10.52 -5.08 -1.33
C SER A 39 10.11 -6.30 -0.48
N SER A 40 8.96 -6.25 0.16
CA SER A 40 8.52 -7.40 1.01
C SER A 40 7.11 -7.15 1.54
N LEU A 41 6.12 -7.80 0.98
CA LEU A 41 4.72 -7.61 1.47
C LEU A 41 3.92 -8.92 1.30
N THR A 42 3.43 -9.20 0.12
CA THR A 42 2.65 -10.47 -0.10
C THR A 42 2.57 -10.77 -1.61
N GLN A 43 1.68 -10.08 -2.30
CA GLN A 43 1.54 -10.31 -3.77
C GLN A 43 0.53 -9.32 -4.36
N HIS A 44 0.97 -8.15 -4.72
CA HIS A 44 0.02 -7.14 -5.30
C HIS A 44 0.78 -6.08 -6.10
N SER A 45 0.08 -5.36 -6.95
CA SER A 45 0.74 -4.29 -7.76
C SER A 45 0.70 -2.98 -6.98
N TRP A 46 1.77 -2.22 -7.05
CA TRP A 46 1.82 -0.92 -6.29
C TRP A 46 0.55 -0.07 -6.55
N GLN A 47 0.06 -0.07 -7.76
CA GLN A 47 -1.16 0.74 -8.09
C GLN A 47 -2.35 0.27 -7.26
N SER A 48 -2.61 -1.02 -7.27
CA SER A 48 -3.76 -1.56 -6.47
C SER A 48 -3.58 -1.22 -4.98
N LEU A 49 -2.35 -1.03 -4.56
CA LEU A 49 -2.11 -0.69 -3.12
C LEU A 49 -2.37 0.79 -2.88
N LYS A 50 -1.94 1.64 -3.79
CA LYS A 50 -2.18 3.11 -3.63
C LYS A 50 -3.68 3.39 -3.65
N ASP A 51 -4.37 2.87 -4.63
CA ASP A 51 -5.84 3.09 -4.71
C ASP A 51 -6.53 2.51 -3.46
N ARG A 52 -6.03 1.40 -2.98
CA ARG A 52 -6.63 0.77 -1.76
C ARG A 52 -6.45 1.71 -0.56
N TYR A 53 -5.33 2.39 -0.47
CA TYR A 53 -5.10 3.32 0.67
C TYR A 53 -6.17 4.40 0.69
N LEU A 54 -6.59 4.85 -0.47
CA LEU A 54 -7.66 5.90 -0.52
C LEU A 54 -9.05 5.25 -0.55
N LYS A 55 -9.13 4.01 -0.95
CA LYS A 55 -10.46 3.31 -0.99
C LYS A 55 -11.10 3.29 0.39
N HIS A 56 -10.36 2.92 1.40
CA HIS A 56 -10.94 2.88 2.78
C HIS A 56 -9.85 2.66 3.85
N LEU A 57 -8.75 3.36 3.73
CA LEU A 57 -7.67 3.23 4.75
C LEU A 57 -7.25 4.61 5.24
N ARG A 58 -6.69 5.41 4.37
CA ARG A 58 -6.25 6.80 4.75
C ARG A 58 -5.38 6.77 6.02
N GLY A 59 -5.06 7.92 6.55
CA GLY A 59 -4.22 7.98 7.78
C GLY A 59 -2.93 8.74 7.48
N GLY A 1 -2.23 -9.58 -12.25
CA GLY A 1 -1.44 -9.58 -10.99
C GLY A 1 -2.30 -9.04 -9.85
N ARG A 2 -3.44 -9.62 -9.61
CA ARG A 2 -4.34 -9.14 -8.51
C ARG A 2 -5.26 -10.26 -8.04
N ILE A 3 -5.26 -10.53 -6.76
CA ILE A 3 -6.13 -11.60 -6.20
C ILE A 3 -6.84 -11.08 -4.94
N ALA A 4 -7.64 -10.05 -5.09
CA ALA A 4 -8.37 -9.47 -3.91
C ALA A 4 -7.40 -9.15 -2.78
N PHE A 5 -7.91 -8.65 -1.67
CA PHE A 5 -7.02 -8.31 -0.53
C PHE A 5 -7.32 -9.22 0.67
N THR A 6 -6.35 -9.98 1.11
CA THR A 6 -6.57 -10.90 2.27
C THR A 6 -6.26 -10.19 3.58
N ASP A 7 -6.56 -10.81 4.70
CA ASP A 7 -6.29 -10.17 6.03
C ASP A 7 -4.79 -9.91 6.19
N ALA A 8 -3.97 -10.86 5.81
CA ALA A 8 -2.49 -10.66 5.95
C ALA A 8 -2.03 -9.43 5.19
N ASP A 9 -2.75 -9.04 4.17
CA ASP A 9 -2.36 -7.84 3.38
C ASP A 9 -2.79 -6.56 4.11
N ASP A 10 -3.96 -6.57 4.70
CA ASP A 10 -4.45 -5.35 5.43
C ASP A 10 -3.51 -5.04 6.60
N VAL A 11 -2.95 -6.05 7.22
CA VAL A 11 -2.03 -5.81 8.36
C VAL A 11 -0.63 -5.42 7.85
N ALA A 12 -0.20 -6.01 6.76
CA ALA A 12 1.14 -5.68 6.20
C ALA A 12 1.11 -4.29 5.55
N ILE A 13 0.10 -4.02 4.76
CA ILE A 13 -0.01 -2.68 4.10
C ILE A 13 -0.18 -1.59 5.16
N LEU A 14 -1.09 -1.80 6.09
CA LEU A 14 -1.32 -0.77 7.16
C LEU A 14 -0.03 -0.54 7.96
N THR A 15 0.51 -1.57 8.56
CA THR A 15 1.76 -1.42 9.36
C THR A 15 2.89 -0.83 8.50
N TYR A 16 3.03 -1.31 7.29
CA TYR A 16 4.12 -0.79 6.40
C TYR A 16 3.82 0.67 6.00
N VAL A 17 2.61 0.95 5.61
CA VAL A 17 2.25 2.34 5.21
C VAL A 17 2.25 3.27 6.43
N LYS A 18 1.92 2.75 7.58
CA LYS A 18 1.90 3.59 8.81
C LYS A 18 3.34 3.90 9.27
N GLU A 19 4.28 3.05 8.92
CA GLU A 19 5.70 3.29 9.34
C GLU A 19 6.35 4.36 8.46
N ASN A 20 6.12 4.32 7.17
CA ASN A 20 6.75 5.33 6.28
C ASN A 20 5.69 6.30 5.73
N ALA A 21 4.65 5.78 5.15
CA ALA A 21 3.57 6.64 4.57
C ALA A 21 2.87 7.46 5.67
N ARG A 22 3.47 8.54 6.08
CA ARG A 22 2.85 9.40 7.12
C ARG A 22 2.67 10.82 6.60
N SER A 23 3.58 11.28 5.77
CA SER A 23 3.47 12.67 5.21
C SER A 23 2.76 12.62 3.85
N PRO A 24 2.31 13.77 3.38
CA PRO A 24 1.62 13.82 2.08
C PRO A 24 2.63 13.68 0.93
N SER A 25 3.28 12.54 0.84
CA SER A 25 4.28 12.33 -0.25
C SER A 25 4.42 10.84 -0.57
N SER A 26 4.83 10.05 0.39
CA SER A 26 4.99 8.58 0.14
C SER A 26 3.63 7.90 -0.01
N VAL A 27 2.54 8.59 0.29
CA VAL A 27 1.20 7.95 0.16
C VAL A 27 0.52 8.38 -1.15
N THR A 28 0.95 9.47 -1.74
CA THR A 28 0.32 9.92 -3.02
C THR A 28 1.38 10.17 -4.10
N GLY A 29 2.48 9.47 -4.03
CA GLY A 29 3.57 9.66 -5.04
C GLY A 29 3.97 8.31 -5.67
N ASN A 30 3.23 7.26 -5.39
CA ASN A 30 3.58 5.91 -5.97
C ASN A 30 5.03 5.52 -5.66
N ALA A 31 5.62 6.13 -4.66
CA ALA A 31 7.04 5.79 -4.32
C ALA A 31 7.07 4.66 -3.29
N LEU A 32 6.59 4.92 -2.09
CA LEU A 32 6.59 3.86 -1.02
C LEU A 32 5.83 2.62 -1.52
N TRP A 33 4.94 2.80 -2.45
CA TRP A 33 4.16 1.63 -2.99
C TRP A 33 5.03 0.84 -3.96
N LYS A 34 5.53 1.48 -4.99
CA LYS A 34 6.40 0.76 -5.99
C LYS A 34 7.56 0.06 -5.27
N ALA A 35 8.11 0.70 -4.26
CA ALA A 35 9.25 0.09 -3.50
C ALA A 35 8.84 -1.27 -2.91
N MET A 36 7.86 -1.29 -2.05
CA MET A 36 7.43 -2.58 -1.44
C MET A 36 6.98 -3.56 -2.53
N GLU A 37 6.56 -3.06 -3.67
CA GLU A 37 6.13 -3.97 -4.78
C GLU A 37 7.30 -4.88 -5.16
N LYS A 38 8.50 -4.35 -5.13
CA LYS A 38 9.69 -5.17 -5.46
C LYS A 38 9.96 -6.16 -4.32
N SER A 39 9.75 -5.74 -3.09
CA SER A 39 9.98 -6.66 -1.93
C SER A 39 9.07 -6.30 -0.75
N SER A 40 7.82 -6.67 -0.83
CA SER A 40 6.87 -6.37 0.29
C SER A 40 6.66 -7.62 1.16
N LEU A 41 5.85 -7.50 2.19
CA LEU A 41 5.61 -8.68 3.07
C LEU A 41 4.63 -9.64 2.39
N THR A 42 3.74 -9.12 1.59
CA THR A 42 2.75 -10.00 0.88
C THR A 42 3.09 -10.05 -0.61
N GLN A 43 2.24 -10.68 -1.39
CA GLN A 43 2.50 -10.76 -2.87
C GLN A 43 1.44 -9.96 -3.62
N HIS A 44 1.74 -8.73 -3.97
CA HIS A 44 0.75 -7.89 -4.70
C HIS A 44 1.45 -6.76 -5.46
N SER A 45 0.68 -5.90 -6.10
CA SER A 45 1.30 -4.78 -6.87
C SER A 45 1.22 -3.48 -6.05
N TRP A 46 1.56 -2.37 -6.66
CA TRP A 46 1.52 -1.07 -5.92
C TRP A 46 0.31 -0.24 -6.41
N GLN A 47 0.03 -0.28 -7.69
CA GLN A 47 -1.13 0.51 -8.24
C GLN A 47 -2.41 0.12 -7.51
N SER A 48 -2.81 -1.13 -7.59
CA SER A 48 -4.06 -1.58 -6.89
C SER A 48 -3.95 -1.24 -5.39
N LEU A 49 -2.75 -1.15 -4.88
CA LEU A 49 -2.56 -0.82 -3.44
C LEU A 49 -2.66 0.71 -3.26
N LYS A 50 -2.33 1.47 -4.27
CA LYS A 50 -2.40 2.96 -4.15
C LYS A 50 -3.87 3.41 -4.23
N ASP A 51 -4.57 2.98 -5.24
CA ASP A 51 -6.01 3.37 -5.39
C ASP A 51 -6.81 2.93 -4.15
N ARG A 52 -6.52 1.77 -3.63
CA ARG A 52 -7.26 1.28 -2.42
C ARG A 52 -6.95 2.19 -1.22
N TYR A 53 -5.75 2.68 -1.11
CA TYR A 53 -5.41 3.58 0.04
C TYR A 53 -6.30 4.83 0.00
N LEU A 54 -6.66 5.27 -1.19
CA LEU A 54 -7.52 6.47 -1.31
C LEU A 54 -9.01 6.06 -1.31
N LYS A 55 -9.29 4.84 -1.69
CA LYS A 55 -10.72 4.37 -1.72
C LYS A 55 -11.35 4.49 -0.33
N HIS A 56 -10.65 4.09 0.70
CA HIS A 56 -11.22 4.19 2.08
C HIS A 56 -10.17 3.84 3.15
N LEU A 57 -9.01 4.45 3.08
CA LEU A 57 -7.95 4.19 4.10
C LEU A 57 -7.27 5.51 4.50
N ARG A 58 -6.91 6.31 3.52
CA ARG A 58 -6.25 7.62 3.83
C ARG A 58 -7.12 8.47 4.77
N GLY A 59 -8.42 8.27 4.72
CA GLY A 59 -9.33 9.05 5.59
C GLY A 59 -10.42 8.13 6.15
N GLY A 1 -5.72 -6.14 -13.44
CA GLY A 1 -6.50 -7.15 -12.65
C GLY A 1 -6.13 -7.02 -11.17
N ARG A 2 -6.90 -7.65 -10.31
CA ARG A 2 -6.60 -7.57 -8.85
C ARG A 2 -6.87 -8.93 -8.18
N ILE A 3 -6.44 -9.08 -6.95
CA ILE A 3 -6.66 -10.38 -6.24
C ILE A 3 -7.30 -10.12 -4.87
N ALA A 4 -8.18 -9.14 -4.80
CA ALA A 4 -8.86 -8.82 -3.50
C ALA A 4 -7.83 -8.57 -2.39
N PHE A 5 -8.29 -8.26 -1.21
CA PHE A 5 -7.36 -8.00 -0.08
C PHE A 5 -7.92 -8.59 1.21
N THR A 6 -7.32 -9.65 1.70
CA THR A 6 -7.82 -10.28 2.97
C THR A 6 -7.48 -9.41 4.18
N ASP A 7 -7.51 -9.98 5.36
CA ASP A 7 -7.19 -9.18 6.58
C ASP A 7 -5.69 -9.21 6.84
N ALA A 8 -5.05 -10.32 6.57
CA ALA A 8 -3.57 -10.40 6.79
C ALA A 8 -2.83 -9.38 5.93
N ASP A 9 -3.35 -9.13 4.75
CA ASP A 9 -2.70 -8.13 3.84
C ASP A 9 -2.96 -6.71 4.33
N ASP A 10 -4.20 -6.40 4.62
CA ASP A 10 -4.54 -5.02 5.11
C ASP A 10 -3.70 -4.66 6.34
N VAL A 11 -3.30 -5.64 7.10
CA VAL A 11 -2.46 -5.37 8.31
C VAL A 11 -1.01 -5.12 7.88
N ALA A 12 -0.52 -5.90 6.95
CA ALA A 12 0.89 -5.71 6.47
C ALA A 12 0.99 -4.43 5.64
N ILE A 13 0.04 -4.19 4.78
CA ILE A 13 0.09 -2.95 3.95
C ILE A 13 -0.11 -1.72 4.84
N LEU A 14 -1.04 -1.78 5.77
CA LEU A 14 -1.28 -0.63 6.68
C LEU A 14 -0.03 -0.37 7.53
N THR A 15 0.38 -1.34 8.30
CA THR A 15 1.59 -1.16 9.17
C THR A 15 2.79 -0.69 8.34
N TYR A 16 3.07 -1.34 7.24
CA TYR A 16 4.22 -0.93 6.38
C TYR A 16 4.06 0.54 5.96
N VAL A 17 2.94 0.88 5.41
CA VAL A 17 2.70 2.29 4.97
C VAL A 17 2.84 3.25 6.17
N LYS A 18 2.10 3.00 7.22
CA LYS A 18 2.18 3.90 8.42
C LYS A 18 3.57 3.87 9.07
N GLU A 19 4.42 2.93 8.69
CA GLU A 19 5.78 2.86 9.30
C GLU A 19 6.80 3.62 8.44
N ASN A 20 6.62 3.67 7.15
CA ASN A 20 7.60 4.38 6.28
C ASN A 20 7.05 5.74 5.85
N ALA A 21 5.82 5.80 5.41
CA ALA A 21 5.22 7.11 4.97
C ALA A 21 5.38 8.18 6.06
N ARG A 22 4.49 8.22 7.03
CA ARG A 22 4.60 9.25 8.12
C ARG A 22 4.76 10.65 7.54
N SER A 23 4.29 10.87 6.33
CA SER A 23 4.42 12.22 5.70
C SER A 23 3.47 12.35 4.50
N PRO A 24 3.06 13.57 4.22
CA PRO A 24 2.14 13.79 3.06
C PRO A 24 2.91 13.68 1.74
N SER A 25 3.47 12.54 1.46
CA SER A 25 4.23 12.36 0.18
C SER A 25 4.27 10.88 -0.21
N SER A 26 4.52 10.01 0.73
CA SER A 26 4.57 8.55 0.41
C SER A 26 3.17 8.03 0.09
N VAL A 27 2.22 8.27 0.95
CA VAL A 27 0.82 7.80 0.70
C VAL A 27 0.25 8.43 -0.57
N THR A 28 0.82 9.53 -1.01
CA THR A 28 0.29 10.20 -2.25
C THR A 28 1.43 10.51 -3.23
N GLY A 29 2.44 9.70 -3.26
CA GLY A 29 3.58 9.95 -4.20
C GLY A 29 3.97 8.65 -4.94
N ASN A 30 3.22 7.59 -4.77
CA ASN A 30 3.56 6.29 -5.45
C ASN A 30 5.00 5.85 -5.15
N ALA A 31 5.61 6.40 -4.11
CA ALA A 31 7.01 6.01 -3.78
C ALA A 31 7.01 4.83 -2.81
N LEU A 32 6.34 4.98 -1.69
CA LEU A 32 6.30 3.87 -0.69
C LEU A 32 5.56 2.67 -1.28
N TRP A 33 4.62 2.92 -2.16
CA TRP A 33 3.86 1.80 -2.78
C TRP A 33 4.73 1.10 -3.81
N LYS A 34 5.36 1.84 -4.69
CA LYS A 34 6.25 1.22 -5.72
C LYS A 34 7.34 0.39 -5.03
N ALA A 35 7.81 0.84 -3.90
CA ALA A 35 8.87 0.08 -3.17
C ALA A 35 8.33 -1.29 -2.78
N MET A 36 7.09 -1.34 -2.34
CA MET A 36 6.49 -2.66 -1.94
C MET A 36 6.46 -3.61 -3.14
N GLU A 37 5.94 -3.16 -4.26
CA GLU A 37 5.88 -4.04 -5.47
C GLU A 37 7.27 -4.58 -5.81
N LYS A 38 8.30 -3.88 -5.43
CA LYS A 38 9.69 -4.34 -5.71
C LYS A 38 10.17 -5.24 -4.58
N SER A 39 9.78 -4.92 -3.37
CA SER A 39 10.21 -5.75 -2.19
C SER A 39 9.17 -5.63 -1.07
N SER A 40 8.04 -6.26 -1.23
CA SER A 40 6.98 -6.19 -0.19
C SER A 40 6.88 -7.53 0.56
N LEU A 41 6.02 -7.60 1.54
CA LEU A 41 5.85 -8.86 2.32
C LEU A 41 4.86 -9.78 1.62
N THR A 42 3.85 -9.21 1.01
CA THR A 42 2.83 -10.04 0.30
C THR A 42 3.05 -9.96 -1.22
N GLN A 43 2.03 -10.17 -2.00
CA GLN A 43 2.20 -10.10 -3.49
C GLN A 43 1.13 -9.19 -4.10
N HIS A 44 1.52 -8.03 -4.54
CA HIS A 44 0.53 -7.08 -5.16
C HIS A 44 1.25 -5.98 -5.92
N SER A 45 0.58 -5.37 -6.86
CA SER A 45 1.21 -4.25 -7.64
C SER A 45 1.02 -2.94 -6.90
N TRP A 46 2.00 -2.08 -6.93
CA TRP A 46 1.89 -0.77 -6.20
C TRP A 46 0.61 -0.02 -6.62
N GLN A 47 0.18 -0.20 -7.84
CA GLN A 47 -1.06 0.50 -8.32
C GLN A 47 -2.26 0.06 -7.47
N SER A 48 -2.39 -1.23 -7.24
CA SER A 48 -3.54 -1.73 -6.42
C SER A 48 -3.39 -1.25 -4.98
N LEU A 49 -2.17 -1.13 -4.52
CA LEU A 49 -1.95 -0.67 -3.11
C LEU A 49 -2.20 0.83 -3.02
N LYS A 50 -1.95 1.55 -4.08
CA LYS A 50 -2.18 3.03 -4.07
C LYS A 50 -3.69 3.32 -4.13
N ASP A 51 -4.36 2.80 -5.13
CA ASP A 51 -5.83 3.03 -5.26
C ASP A 51 -6.56 2.49 -4.03
N ARG A 52 -6.06 1.43 -3.44
CA ARG A 52 -6.72 0.85 -2.23
C ARG A 52 -6.64 1.83 -1.06
N TYR A 53 -5.49 2.44 -0.85
CA TYR A 53 -5.36 3.40 0.29
C TYR A 53 -6.37 4.55 0.13
N LEU A 54 -6.59 4.98 -1.08
CA LEU A 54 -7.56 6.10 -1.32
C LEU A 54 -8.97 5.54 -1.58
N LYS A 55 -9.11 4.24 -1.75
CA LYS A 55 -10.46 3.65 -2.02
C LYS A 55 -11.31 3.65 -0.76
N HIS A 56 -10.75 3.25 0.36
CA HIS A 56 -11.54 3.25 1.63
C HIS A 56 -10.62 3.11 2.85
N LEU A 57 -9.42 3.62 2.77
CA LEU A 57 -8.48 3.55 3.92
C LEU A 57 -8.15 4.96 4.41
N ARG A 58 -7.81 5.84 3.49
CA ARG A 58 -7.47 7.24 3.88
C ARG A 58 -8.74 7.98 4.31
N GLY A 59 -8.59 9.14 4.91
CA GLY A 59 -9.79 9.92 5.36
C GLY A 59 -10.46 9.19 6.52
N GLY A 1 -0.88 -15.49 -7.97
CA GLY A 1 -1.00 -14.59 -6.79
C GLY A 1 -2.48 -14.33 -6.49
N ARG A 2 -2.75 -13.42 -5.60
CA ARG A 2 -4.17 -13.11 -5.24
C ARG A 2 -4.44 -11.61 -5.38
N ILE A 3 -5.54 -11.25 -5.98
CA ILE A 3 -5.86 -9.80 -6.16
C ILE A 3 -6.91 -9.38 -5.11
N ALA A 4 -6.89 -10.00 -3.96
CA ALA A 4 -7.86 -9.64 -2.89
C ALA A 4 -7.12 -9.09 -1.67
N PHE A 5 -7.82 -8.82 -0.60
CA PHE A 5 -7.15 -8.27 0.62
C PHE A 5 -7.70 -8.94 1.88
N THR A 6 -7.07 -10.00 2.33
CA THR A 6 -7.54 -10.70 3.56
C THR A 6 -7.09 -9.93 4.81
N ASP A 7 -7.40 -10.44 5.97
CA ASP A 7 -7.00 -9.74 7.22
C ASP A 7 -5.47 -9.62 7.31
N ALA A 8 -4.77 -10.55 6.72
CA ALA A 8 -3.27 -10.48 6.76
C ALA A 8 -2.76 -9.41 5.80
N ASP A 9 -3.29 -9.36 4.61
CA ASP A 9 -2.84 -8.33 3.63
C ASP A 9 -3.13 -6.93 4.16
N ASP A 10 -4.28 -6.73 4.74
CA ASP A 10 -4.64 -5.38 5.28
C ASP A 10 -3.62 -4.96 6.34
N VAL A 11 -3.18 -5.88 7.16
CA VAL A 11 -2.18 -5.54 8.21
C VAL A 11 -0.82 -5.28 7.56
N ALA A 12 -0.44 -6.10 6.61
CA ALA A 12 0.88 -5.91 5.93
C ALA A 12 0.88 -4.58 5.17
N ILE A 13 -0.15 -4.32 4.41
CA ILE A 13 -0.22 -3.03 3.66
C ILE A 13 -0.41 -1.85 4.63
N LEU A 14 -0.93 -2.12 5.80
CA LEU A 14 -1.13 -1.03 6.79
C LEU A 14 0.17 -0.75 7.54
N THR A 15 0.70 -1.73 8.23
CA THR A 15 1.98 -1.54 8.99
C THR A 15 3.08 -0.99 8.08
N TYR A 16 3.03 -1.32 6.81
CA TYR A 16 4.06 -0.81 5.86
C TYR A 16 3.82 0.67 5.57
N VAL A 17 2.59 1.03 5.32
CA VAL A 17 2.26 2.46 5.03
C VAL A 17 2.35 3.27 6.33
N LYS A 18 1.79 2.76 7.40
CA LYS A 18 1.83 3.49 8.70
C LYS A 18 3.28 3.68 9.16
N GLU A 19 4.16 2.82 8.73
CA GLU A 19 5.60 2.95 9.14
C GLU A 19 6.35 3.89 8.19
N ASN A 20 6.14 3.75 6.91
CA ASN A 20 6.85 4.64 5.93
C ASN A 20 6.02 5.89 5.62
N ALA A 21 4.86 5.69 5.04
CA ALA A 21 3.98 6.85 4.66
C ALA A 21 3.69 7.75 5.86
N ARG A 22 4.53 8.73 6.09
CA ARG A 22 4.31 9.66 7.24
C ARG A 22 4.23 11.11 6.74
N SER A 23 4.73 11.40 5.57
CA SER A 23 4.68 12.79 5.03
C SER A 23 3.60 12.91 3.95
N PRO A 24 3.19 14.12 3.66
CA PRO A 24 2.15 14.34 2.62
C PRO A 24 2.75 14.17 1.22
N SER A 25 3.27 13.00 0.91
CA SER A 25 3.89 12.79 -0.43
C SER A 25 3.89 11.30 -0.79
N SER A 26 4.28 10.45 0.13
CA SER A 26 4.32 8.98 -0.15
C SER A 26 2.92 8.47 -0.51
N VAL A 27 1.97 8.60 0.38
CA VAL A 27 0.58 8.13 0.09
C VAL A 27 0.00 8.84 -1.13
N THR A 28 0.38 10.08 -1.34
CA THR A 28 -0.15 10.85 -2.49
C THR A 28 0.60 10.48 -3.78
N GLY A 29 1.84 10.10 -3.66
CA GLY A 29 2.64 9.72 -4.86
C GLY A 29 2.62 8.21 -5.06
N ASN A 30 3.48 7.71 -5.89
CA ASN A 30 3.51 6.23 -6.15
C ASN A 30 4.91 5.68 -5.88
N ALA A 31 5.64 6.30 -4.98
CA ALA A 31 7.02 5.82 -4.67
C ALA A 31 6.99 4.80 -3.52
N LEU A 32 6.42 5.16 -2.40
CA LEU A 32 6.35 4.22 -1.23
C LEU A 32 5.68 2.91 -1.67
N TRP A 33 4.70 3.02 -2.53
CA TRP A 33 3.98 1.81 -3.02
C TRP A 33 4.88 1.06 -4.01
N LYS A 34 5.49 1.78 -4.92
CA LYS A 34 6.41 1.14 -5.91
C LYS A 34 7.54 0.42 -5.18
N ALA A 35 8.08 1.04 -4.16
CA ALA A 35 9.19 0.40 -3.38
C ALA A 35 8.70 -0.91 -2.77
N MET A 36 7.45 -0.97 -2.39
CA MET A 36 6.89 -2.22 -1.81
C MET A 36 6.80 -3.29 -2.91
N GLU A 37 6.41 -2.90 -4.10
CA GLU A 37 6.29 -3.88 -5.22
C GLU A 37 7.60 -4.66 -5.39
N LYS A 38 8.72 -4.01 -5.19
CA LYS A 38 10.03 -4.72 -5.34
C LYS A 38 10.33 -5.56 -4.10
N SER A 39 9.86 -5.14 -2.96
CA SER A 39 10.12 -5.92 -1.70
C SER A 39 8.91 -5.84 -0.77
N SER A 40 7.79 -6.39 -1.19
CA SER A 40 6.56 -6.35 -0.35
C SER A 40 6.49 -7.59 0.55
N LEU A 41 5.59 -7.58 1.51
CA LEU A 41 5.45 -8.75 2.43
C LEU A 41 4.52 -9.78 1.79
N THR A 42 3.57 -9.34 0.99
CA THR A 42 2.63 -10.30 0.34
C THR A 42 2.81 -10.23 -1.18
N GLN A 43 1.80 -10.56 -1.95
CA GLN A 43 1.92 -10.51 -3.43
C GLN A 43 0.94 -9.50 -4.02
N HIS A 44 1.42 -8.34 -4.40
CA HIS A 44 0.51 -7.30 -4.98
C HIS A 44 1.32 -6.21 -5.69
N SER A 45 0.72 -5.57 -6.65
CA SER A 45 1.43 -4.48 -7.38
C SER A 45 1.46 -3.24 -6.51
N TRP A 46 1.92 -2.13 -7.04
CA TRP A 46 1.95 -0.89 -6.22
C TRP A 46 0.65 -0.09 -6.41
N GLN A 47 0.09 -0.16 -7.60
CA GLN A 47 -1.18 0.59 -7.89
C GLN A 47 -2.32 0.03 -7.04
N SER A 48 -2.50 -1.26 -7.03
CA SER A 48 -3.61 -1.88 -6.23
C SER A 48 -3.49 -1.48 -4.76
N LEU A 49 -2.29 -1.20 -4.31
CA LEU A 49 -2.10 -0.79 -2.88
C LEU A 49 -2.33 0.71 -2.74
N LYS A 50 -1.94 1.47 -3.74
CA LYS A 50 -2.13 2.95 -3.67
C LYS A 50 -3.60 3.30 -3.93
N ASP A 51 -4.23 2.60 -4.84
CA ASP A 51 -5.66 2.88 -5.14
C ASP A 51 -6.55 2.53 -3.94
N ARG A 52 -6.38 1.36 -3.39
CA ARG A 52 -7.21 0.94 -2.22
C ARG A 52 -6.97 1.88 -1.04
N TYR A 53 -5.79 2.45 -0.95
CA TYR A 53 -5.49 3.37 0.19
C TYR A 53 -6.40 4.60 0.13
N LEU A 54 -6.27 5.38 -0.91
CA LEU A 54 -7.13 6.60 -1.05
C LEU A 54 -8.60 6.21 -1.26
N LYS A 55 -8.84 5.00 -1.71
CA LYS A 55 -10.25 4.57 -1.96
C LYS A 55 -11.06 4.55 -0.66
N HIS A 56 -10.57 3.88 0.36
CA HIS A 56 -11.33 3.82 1.66
C HIS A 56 -10.41 3.53 2.85
N LEU A 57 -9.24 4.13 2.88
CA LEU A 57 -8.31 3.90 4.03
C LEU A 57 -7.67 5.23 4.44
N ARG A 58 -7.22 6.00 3.48
CA ARG A 58 -6.59 7.32 3.81
C ARG A 58 -7.58 8.21 4.57
N GLY A 59 -7.49 8.23 5.87
CA GLY A 59 -8.42 9.07 6.68
C GLY A 59 -7.76 9.45 8.00
N GLY A 1 -0.51 -8.74 -11.86
CA GLY A 1 -1.79 -9.50 -11.80
C GLY A 1 -2.53 -9.16 -10.51
N ARG A 2 -3.75 -9.61 -10.36
CA ARG A 2 -4.53 -9.31 -9.12
C ARG A 2 -4.64 -10.57 -8.25
N ILE A 3 -4.69 -10.41 -6.95
CA ILE A 3 -4.80 -11.59 -6.04
C ILE A 3 -5.80 -11.29 -4.92
N ALA A 4 -6.85 -10.56 -5.24
CA ALA A 4 -7.89 -10.22 -4.19
C ALA A 4 -7.24 -9.61 -2.95
N PHE A 5 -7.98 -9.47 -1.88
CA PHE A 5 -7.42 -8.89 -0.64
C PHE A 5 -8.05 -9.54 0.60
N THR A 6 -7.31 -9.64 1.67
CA THR A 6 -7.85 -10.26 2.91
C THR A 6 -7.45 -9.42 4.13
N ASP A 7 -7.58 -9.97 5.31
CA ASP A 7 -7.21 -9.21 6.54
C ASP A 7 -5.69 -9.15 6.69
N ALA A 8 -5.00 -10.14 6.17
CA ALA A 8 -3.50 -10.14 6.27
C ALA A 8 -2.91 -9.06 5.37
N ASP A 9 -3.45 -8.90 4.19
CA ASP A 9 -2.92 -7.85 3.26
C ASP A 9 -3.19 -6.45 3.81
N ASP A 10 -4.36 -6.22 4.33
CA ASP A 10 -4.69 -4.87 4.89
C ASP A 10 -3.72 -4.51 6.02
N VAL A 11 -3.37 -5.46 6.84
CA VAL A 11 -2.43 -5.19 7.97
C VAL A 11 -1.03 -4.89 7.41
N ALA A 12 -0.58 -5.69 6.47
CA ALA A 12 0.79 -5.47 5.89
C ALA A 12 0.83 -4.13 5.13
N ILE A 13 -0.17 -3.86 4.34
CA ILE A 13 -0.19 -2.58 3.56
C ILE A 13 -0.21 -1.39 4.54
N LEU A 14 -1.12 -1.38 5.48
CA LEU A 14 -1.19 -0.25 6.45
C LEU A 14 0.08 -0.22 7.31
N THR A 15 0.38 -1.31 8.00
CA THR A 15 1.60 -1.34 8.87
C THR A 15 2.84 -0.93 8.07
N TYR A 16 2.92 -1.31 6.82
CA TYR A 16 4.10 -0.94 5.99
C TYR A 16 4.09 0.57 5.70
N VAL A 17 2.95 1.10 5.32
CA VAL A 17 2.86 2.56 5.02
C VAL A 17 3.11 3.38 6.28
N LYS A 18 2.35 3.16 7.33
CA LYS A 18 2.55 3.94 8.59
C LYS A 18 4.00 3.84 9.10
N GLU A 19 4.70 2.81 8.69
CA GLU A 19 6.11 2.65 9.15
C GLU A 19 7.08 3.44 8.27
N ASN A 20 6.70 3.77 7.05
CA ASN A 20 7.62 4.54 6.15
C ASN A 20 7.04 5.91 5.81
N ALA A 21 5.82 5.94 5.33
CA ALA A 21 5.20 7.25 4.93
C ALA A 21 5.30 8.30 6.04
N ARG A 22 4.39 8.28 7.00
CA ARG A 22 4.44 9.29 8.12
C ARG A 22 4.48 10.72 7.55
N SER A 23 3.85 10.93 6.41
CA SER A 23 3.84 12.28 5.80
C SER A 23 2.79 12.36 4.68
N PRO A 24 2.30 13.55 4.40
CA PRO A 24 1.29 13.73 3.33
C PRO A 24 1.95 13.73 1.96
N SER A 25 2.62 12.66 1.61
CA SER A 25 3.29 12.58 0.28
C SER A 25 3.43 11.12 -0.15
N SER A 26 4.07 10.32 0.67
CA SER A 26 4.26 8.88 0.34
C SER A 26 2.89 8.20 0.13
N VAL A 27 1.92 8.60 0.90
CA VAL A 27 0.55 7.99 0.77
C VAL A 27 -0.20 8.60 -0.43
N THR A 28 0.20 9.77 -0.87
CA THR A 28 -0.48 10.42 -2.03
C THR A 28 0.28 10.13 -3.32
N GLY A 29 1.58 9.97 -3.24
CA GLY A 29 2.38 9.69 -4.47
C GLY A 29 2.50 8.18 -4.67
N ASN A 30 3.34 7.77 -5.59
CA ASN A 30 3.52 6.31 -5.86
C ASN A 30 4.94 5.89 -5.50
N ALA A 31 5.52 6.49 -4.48
CA ALA A 31 6.91 6.13 -4.09
C ALA A 31 6.90 5.00 -3.05
N LEU A 32 6.39 5.28 -1.88
CA LEU A 32 6.34 4.23 -0.80
C LEU A 32 5.64 2.97 -1.33
N TRP A 33 4.74 3.12 -2.26
CA TRP A 33 4.02 1.94 -2.82
C TRP A 33 4.93 1.22 -3.81
N LYS A 34 5.47 1.92 -4.78
CA LYS A 34 6.38 1.28 -5.78
C LYS A 34 7.52 0.56 -5.06
N ALA A 35 8.06 1.16 -4.02
CA ALA A 35 9.16 0.50 -3.26
C ALA A 35 8.64 -0.79 -2.63
N MET A 36 7.40 -0.79 -2.22
CA MET A 36 6.81 -2.01 -1.60
C MET A 36 6.80 -3.15 -2.62
N GLU A 37 6.28 -2.90 -3.80
CA GLU A 37 6.22 -3.97 -4.85
C GLU A 37 7.60 -4.63 -5.04
N LYS A 38 8.65 -3.86 -5.00
CA LYS A 38 10.02 -4.45 -5.17
C LYS A 38 10.30 -5.44 -4.05
N SER A 39 9.91 -5.12 -2.84
CA SER A 39 10.15 -6.05 -1.69
C SER A 39 8.81 -6.44 -1.05
N SER A 40 8.21 -5.52 -0.33
CA SER A 40 6.89 -5.80 0.34
C SER A 40 6.99 -7.04 1.22
N LEU A 41 5.94 -7.32 1.96
CA LEU A 41 5.94 -8.53 2.83
C LEU A 41 5.09 -9.63 2.18
N THR A 42 4.08 -9.22 1.44
CA THR A 42 3.21 -10.21 0.74
C THR A 42 3.53 -10.20 -0.75
N GLN A 43 2.62 -10.67 -1.57
CA GLN A 43 2.88 -10.68 -3.05
C GLN A 43 1.84 -9.83 -3.77
N HIS A 44 2.12 -8.56 -3.97
CA HIS A 44 1.14 -7.67 -4.66
C HIS A 44 1.86 -6.55 -5.42
N SER A 45 1.14 -5.79 -6.20
CA SER A 45 1.75 -4.66 -6.97
C SER A 45 1.71 -3.38 -6.13
N TRP A 46 1.95 -2.24 -6.75
CA TRP A 46 1.92 -0.97 -5.97
C TRP A 46 0.63 -0.19 -6.26
N GLN A 47 0.15 -0.22 -7.47
CA GLN A 47 -1.10 0.53 -7.82
C GLN A 47 -2.32 -0.09 -7.12
N SER A 48 -2.41 -1.40 -7.13
CA SER A 48 -3.57 -2.08 -6.47
C SER A 48 -3.59 -1.74 -4.97
N LEU A 49 -2.44 -1.55 -4.38
CA LEU A 49 -2.38 -1.22 -2.93
C LEU A 49 -2.55 0.30 -2.75
N LYS A 50 -2.11 1.07 -3.72
CA LYS A 50 -2.25 2.56 -3.61
C LYS A 50 -3.71 2.96 -3.83
N ASP A 51 -4.38 2.32 -4.74
CA ASP A 51 -5.81 2.67 -5.00
C ASP A 51 -6.69 2.24 -3.82
N ARG A 52 -6.47 1.07 -3.29
CA ARG A 52 -7.28 0.59 -2.14
C ARG A 52 -7.11 1.53 -0.93
N TYR A 53 -5.90 2.01 -0.72
CA TYR A 53 -5.66 2.93 0.44
C TYR A 53 -6.55 4.17 0.34
N LEU A 54 -6.58 4.80 -0.80
CA LEU A 54 -7.44 6.01 -0.96
C LEU A 54 -8.90 5.60 -1.23
N LYS A 55 -9.12 4.39 -1.66
CA LYS A 55 -10.52 3.93 -1.94
C LYS A 55 -11.37 4.03 -0.67
N HIS A 56 -10.92 3.41 0.40
CA HIS A 56 -11.71 3.47 1.67
C HIS A 56 -10.87 3.04 2.88
N LEU A 57 -9.63 3.47 2.95
CA LEU A 57 -8.78 3.11 4.14
C LEU A 57 -8.31 4.38 4.85
N ARG A 58 -7.59 5.22 4.15
CA ARG A 58 -7.10 6.49 4.78
C ARG A 58 -8.26 7.49 4.88
N GLY A 59 -9.09 7.33 5.87
CA GLY A 59 -10.26 8.27 6.03
C GLY A 59 -11.16 7.76 7.15
#